data_1C41
#
_entry.id   1C41
#
_cell.length_a   98.800
_cell.length_b   124.700
_cell.length_c   141.400
_cell.angle_alpha   90.00
_cell.angle_beta   90.00
_cell.angle_gamma   90.00
#
_symmetry.space_group_name_H-M   'P 21 21 21'
#
loop_
_entity.id
_entity.type
_entity.pdbx_description
1 polymer 'LUMAZINE SYNTHASE'
2 non-polymer 'SULFATE ION'
3 non-polymer 5-NITROSO-6-RIBITYL-AMINO-2,4(1H,3H)-PYRIMIDINEDIONE
4 water water
#
_entity_poly.entity_id   1
_entity_poly.type   'polypeptide(L)'
_entity_poly.pdbx_seq_one_letter_code
;MHTKGPTPQQHDGSALRIGIVHARWNETIIEPLLAGTKAKLLACGVKESNIVVQSVPGSWELPIAVQRLYSASQLQTPSS
GPSLSAGDLLGSSTTDLTALPTTTASSTGPFDALIAIGVLIKGETMHFEYIADSVSHGLMRVQLDTGVPVIFGVLTVLTD
DQAKARAGVIEGSHNHGEDWGLAAVEMGVRRRDWAAGKTE
;
_entity_poly.pdbx_strand_id   A,B,C,D,E,F,G,H,I,J
#
# COMPACT_ATOMS: atom_id res chain seq x y z
N GLY A 5 -14.50 6.68 -4.15
CA GLY A 5 -15.04 6.90 -2.75
C GLY A 5 -15.00 8.36 -2.29
N PRO A 6 -16.01 8.80 -1.52
CA PRO A 6 -16.11 10.16 -0.99
C PRO A 6 -15.51 10.37 0.40
N THR A 7 -15.51 11.61 0.89
CA THR A 7 -15.00 11.88 2.23
C THR A 7 -16.17 12.19 3.19
N PRO A 8 -16.30 11.39 4.25
CA PRO A 8 -17.38 11.54 5.24
C PRO A 8 -17.36 12.89 5.99
N GLN A 9 -18.55 13.39 6.32
CA GLN A 9 -18.72 14.66 7.05
C GLN A 9 -20.10 14.68 7.71
N GLN A 10 -20.13 14.79 9.03
CA GLN A 10 -21.39 14.83 9.74
C GLN A 10 -21.61 16.25 10.23
N HIS A 11 -22.77 16.83 9.89
CA HIS A 11 -23.08 18.19 10.31
C HIS A 11 -24.24 18.15 11.29
N ASP A 12 -24.52 19.30 11.92
CA ASP A 12 -25.58 19.41 12.90
C ASP A 12 -26.91 19.05 12.27
N GLY A 13 -27.47 19.97 11.50
CA GLY A 13 -28.73 19.64 10.88
C GLY A 13 -29.78 19.09 11.85
N SER A 14 -29.92 19.75 12.99
CA SER A 14 -30.89 19.36 13.99
C SER A 14 -32.01 20.37 13.86
N ALA A 15 -31.72 21.48 13.18
CA ALA A 15 -32.69 22.52 12.96
C ALA A 15 -33.17 22.41 11.52
N LEU A 16 -32.85 21.28 10.92
CA LEU A 16 -33.21 21.00 9.53
C LEU A 16 -34.53 20.26 9.38
N ARG A 17 -35.19 20.50 8.26
CA ARG A 17 -36.44 19.81 7.94
C ARG A 17 -36.18 19.20 6.55
N ILE A 18 -36.09 17.88 6.50
CA ILE A 18 -35.81 17.16 5.27
C ILE A 18 -37.03 16.47 4.67
N GLY A 19 -37.16 16.56 3.35
CA GLY A 19 -38.26 15.94 2.64
C GLY A 19 -37.72 14.84 1.76
N ILE A 20 -38.33 13.67 1.82
CA ILE A 20 -37.87 12.53 1.04
C ILE A 20 -39.00 11.96 0.22
N VAL A 21 -38.73 11.70 -1.05
CA VAL A 21 -39.72 11.11 -1.92
C VAL A 21 -39.06 9.92 -2.57
N HIS A 22 -39.64 8.74 -2.40
CA HIS A 22 -39.05 7.56 -3.01
C HIS A 22 -40.06 6.88 -3.89
N ALA A 23 -39.58 6.25 -4.95
CA ALA A 23 -40.46 5.53 -5.87
C ALA A 23 -40.71 4.15 -5.26
N ARG A 24 -41.61 3.39 -5.85
CA ARG A 24 -41.90 2.09 -5.30
C ARG A 24 -41.50 0.91 -6.17
N TRP A 25 -40.88 1.17 -7.32
CA TRP A 25 -40.44 0.06 -8.16
C TRP A 25 -39.21 -0.52 -7.48
N ASN A 26 -39.13 -1.84 -7.44
CA ASN A 26 -37.99 -2.50 -6.80
C ASN A 26 -37.95 -2.14 -5.31
N GLU A 27 -39.07 -2.31 -4.62
CA GLU A 27 -39.15 -1.99 -3.20
C GLU A 27 -38.12 -2.69 -2.34
N THR A 28 -37.78 -3.93 -2.66
CA THR A 28 -36.81 -4.66 -1.85
C THR A 28 -35.45 -3.95 -1.87
N ILE A 29 -35.27 -3.01 -2.79
CA ILE A 29 -34.04 -2.25 -2.90
C ILE A 29 -34.30 -0.87 -2.32
N ILE A 30 -35.50 -0.36 -2.57
CA ILE A 30 -35.89 0.96 -2.08
C ILE A 30 -35.85 1.05 -0.56
N GLU A 31 -36.41 0.04 0.09
CA GLU A 31 -36.47 -0.01 1.54
C GLU A 31 -35.11 0.06 2.19
N PRO A 32 -34.18 -0.83 1.78
CA PRO A 32 -32.83 -0.80 2.37
C PRO A 32 -32.21 0.58 2.21
N LEU A 33 -32.45 1.19 1.05
CA LEU A 33 -31.92 2.50 0.76
C LEU A 33 -32.55 3.52 1.69
N LEU A 34 -33.87 3.61 1.64
CA LEU A 34 -34.60 4.56 2.48
C LEU A 34 -34.21 4.42 3.93
N ALA A 35 -34.11 3.17 4.38
CA ALA A 35 -33.73 2.89 5.75
C ALA A 35 -32.39 3.54 6.09
N GLY A 36 -31.38 3.29 5.25
CA GLY A 36 -30.08 3.86 5.49
C GLY A 36 -30.06 5.37 5.47
N THR A 37 -30.77 5.96 4.52
CA THR A 37 -30.76 7.40 4.45
C THR A 37 -31.48 7.99 5.65
N LYS A 38 -32.61 7.43 6.04
CA LYS A 38 -33.33 7.95 7.20
C LYS A 38 -32.48 7.79 8.46
N ALA A 39 -31.82 6.64 8.58
CA ALA A 39 -30.95 6.35 9.70
C ALA A 39 -29.94 7.49 9.87
N LYS A 40 -29.08 7.68 8.88
CA LYS A 40 -28.07 8.73 8.96
C LYS A 40 -28.66 10.10 9.23
N LEU A 41 -29.91 10.33 8.84
CA LEU A 41 -30.52 11.63 9.09
C LEU A 41 -30.63 11.82 10.59
N LEU A 42 -31.30 10.88 11.24
CA LEU A 42 -31.46 10.93 12.69
C LEU A 42 -30.06 10.98 13.30
N ALA A 43 -29.19 10.11 12.82
CA ALA A 43 -27.82 10.04 13.31
C ALA A 43 -27.17 11.41 13.31
N CYS A 44 -27.68 12.32 12.49
CA CYS A 44 -27.10 13.64 12.42
C CYS A 44 -27.88 14.63 13.25
N GLY A 45 -28.88 14.15 13.96
CA GLY A 45 -29.65 15.06 14.79
C GLY A 45 -30.94 15.57 14.19
N VAL A 46 -31.26 15.14 13.00
CA VAL A 46 -32.50 15.60 12.39
C VAL A 46 -33.62 14.99 13.22
N LYS A 47 -34.56 15.82 13.65
CA LYS A 47 -35.66 15.30 14.45
C LYS A 47 -36.58 14.42 13.64
N GLU A 48 -36.89 13.25 14.18
CA GLU A 48 -37.79 12.31 13.53
C GLU A 48 -39.02 13.00 12.92
N SER A 49 -39.58 13.97 13.64
CA SER A 49 -40.75 14.67 13.18
C SER A 49 -40.46 15.67 12.05
N ASN A 50 -39.18 16.00 11.85
CA ASN A 50 -38.82 16.93 10.79
C ASN A 50 -38.40 16.23 9.51
N ILE A 51 -38.66 14.92 9.44
CA ILE A 51 -38.34 14.13 8.27
C ILE A 51 -39.65 13.69 7.65
N VAL A 52 -39.99 14.27 6.51
CA VAL A 52 -41.21 13.91 5.79
C VAL A 52 -40.83 12.88 4.74
N VAL A 53 -41.63 11.84 4.61
CA VAL A 53 -41.34 10.78 3.65
C VAL A 53 -42.57 10.33 2.89
N GLN A 54 -42.64 10.66 1.62
CA GLN A 54 -43.78 10.26 0.81
C GLN A 54 -43.28 9.39 -0.33
N SER A 55 -44.18 8.65 -0.96
CA SER A 55 -43.79 7.80 -2.07
C SER A 55 -44.57 8.08 -3.35
N VAL A 56 -44.11 7.48 -4.44
CA VAL A 56 -44.74 7.60 -5.74
C VAL A 56 -44.52 6.27 -6.43
N PRO A 57 -45.32 5.97 -7.46
CA PRO A 57 -45.13 4.69 -8.15
C PRO A 57 -43.75 4.49 -8.78
N GLY A 58 -43.39 5.32 -9.75
CA GLY A 58 -42.10 5.14 -10.39
C GLY A 58 -41.18 6.35 -10.30
N SER A 59 -39.97 6.22 -10.83
CA SER A 59 -38.98 7.30 -10.82
C SER A 59 -39.43 8.53 -11.59
N TRP A 60 -40.23 8.32 -12.62
CA TRP A 60 -40.72 9.41 -13.43
C TRP A 60 -41.45 10.41 -12.56
N GLU A 61 -42.11 9.92 -11.53
CA GLU A 61 -42.87 10.76 -10.63
C GLU A 61 -42.00 11.51 -9.65
N LEU A 62 -40.77 11.04 -9.50
CA LEU A 62 -39.84 11.65 -8.56
C LEU A 62 -39.70 13.15 -8.68
N PRO A 63 -39.26 13.65 -9.83
CA PRO A 63 -39.13 15.11 -9.94
C PRO A 63 -40.40 15.91 -9.69
N ILE A 64 -41.51 15.54 -10.31
CA ILE A 64 -42.75 16.28 -10.09
C ILE A 64 -43.16 16.21 -8.61
N ALA A 65 -43.03 15.03 -8.02
CA ALA A 65 -43.36 14.85 -6.62
C ALA A 65 -42.48 15.69 -5.72
N VAL A 66 -41.18 15.74 -6.00
CA VAL A 66 -40.28 16.54 -5.18
C VAL A 66 -40.60 18.02 -5.31
N GLN A 67 -40.89 18.46 -6.53
CA GLN A 67 -41.22 19.85 -6.78
C GLN A 67 -42.44 20.30 -5.99
N ARG A 68 -43.45 19.45 -5.98
CA ARG A 68 -44.71 19.73 -5.29
C ARG A 68 -44.62 19.59 -3.79
N LEU A 69 -43.83 18.62 -3.33
CA LEU A 69 -43.69 18.42 -1.90
C LEU A 69 -43.12 19.71 -1.34
N TYR A 70 -42.01 20.16 -1.90
CA TYR A 70 -41.39 21.40 -1.43
C TYR A 70 -42.40 22.53 -1.53
N SER A 71 -43.04 22.61 -2.68
CA SER A 71 -44.04 23.63 -2.95
C SER A 71 -45.01 23.69 -1.77
N ALA A 72 -45.47 22.53 -1.33
CA ALA A 72 -46.41 22.46 -0.23
C ALA A 72 -45.80 23.02 1.03
N SER A 73 -44.64 22.53 1.40
CA SER A 73 -43.95 22.99 2.61
C SER A 73 -43.88 24.51 2.68
N GLN A 74 -43.88 25.17 1.53
CA GLN A 74 -43.81 26.61 1.49
C GLN A 74 -45.14 27.24 1.91
N LEU A 75 -46.25 26.69 1.42
CA LEU A 75 -47.56 27.21 1.77
C LEU A 75 -47.78 27.19 3.28
N GLN A 76 -47.05 26.32 3.98
CA GLN A 76 -47.19 26.23 5.42
C GLN A 76 -46.49 27.43 6.14
N SER A 107 -41.75 19.41 11.24
CA SER A 107 -42.97 20.26 11.48
C SER A 107 -42.82 21.70 10.95
N THR A 108 -43.71 22.04 10.01
CA THR A 108 -43.78 23.34 9.32
C THR A 108 -42.47 23.98 8.87
N GLY A 109 -42.56 24.86 7.87
CA GLY A 109 -41.37 25.51 7.34
C GLY A 109 -40.87 24.81 6.10
N PRO A 110 -40.59 25.55 5.01
CA PRO A 110 -40.10 24.91 3.79
C PRO A 110 -38.86 24.06 4.08
N PHE A 111 -38.81 22.87 3.47
CA PHE A 111 -37.68 21.97 3.67
C PHE A 111 -36.37 22.64 3.33
N ASP A 112 -35.31 22.22 4.01
CA ASP A 112 -33.99 22.79 3.79
C ASP A 112 -33.22 21.99 2.77
N ALA A 113 -33.67 20.75 2.54
CA ALA A 113 -33.05 19.86 1.58
C ALA A 113 -34.03 18.75 1.24
N LEU A 114 -33.91 18.21 0.04
CA LEU A 114 -34.78 17.15 -0.43
C LEU A 114 -33.98 15.97 -0.93
N ILE A 115 -34.56 14.78 -0.87
CA ILE A 115 -33.87 13.58 -1.32
C ILE A 115 -34.81 12.79 -2.22
N ALA A 116 -34.33 12.41 -3.39
CA ALA A 116 -35.12 11.62 -4.32
C ALA A 116 -34.50 10.25 -4.40
N ILE A 117 -35.28 9.24 -4.06
CA ILE A 117 -34.77 7.87 -4.09
C ILE A 117 -35.54 7.05 -5.12
N GLY A 118 -34.82 6.47 -6.04
CA GLY A 118 -35.44 5.67 -7.07
C GLY A 118 -34.48 4.59 -7.51
N VAL A 119 -34.98 3.54 -8.15
CA VAL A 119 -34.13 2.47 -8.61
C VAL A 119 -34.52 2.02 -10.00
N LEU A 120 -33.73 2.42 -10.98
CA LEU A 120 -33.98 2.04 -12.37
C LEU A 120 -33.08 0.88 -12.72
N ILE A 121 -33.63 -0.12 -13.38
CA ILE A 121 -32.84 -1.29 -13.79
C ILE A 121 -33.13 -1.56 -15.26
N LYS A 122 -32.08 -1.72 -16.05
CA LYS A 122 -32.22 -1.98 -17.48
C LYS A 122 -33.18 -3.11 -17.78
N GLY A 123 -34.11 -2.86 -18.70
CA GLY A 123 -35.06 -3.88 -19.09
C GLY A 123 -34.62 -4.45 -20.42
N GLU A 124 -35.57 -4.82 -21.26
CA GLU A 124 -35.24 -5.37 -22.57
C GLU A 124 -35.26 -4.24 -23.59
N THR A 125 -35.97 -3.17 -23.26
CA THR A 125 -36.08 -2.03 -24.17
C THR A 125 -35.30 -0.81 -23.70
N MET A 126 -35.44 0.28 -24.42
CA MET A 126 -34.75 1.52 -24.11
C MET A 126 -35.49 2.35 -23.07
N HIS A 127 -36.57 1.77 -22.53
CA HIS A 127 -37.37 2.43 -21.51
C HIS A 127 -36.46 2.93 -20.40
N PHE A 128 -35.57 2.06 -19.96
CA PHE A 128 -34.63 2.38 -18.90
C PHE A 128 -33.90 3.68 -19.14
N GLU A 129 -33.23 3.77 -20.27
CA GLU A 129 -32.47 4.97 -20.59
C GLU A 129 -33.29 6.25 -20.77
N TYR A 130 -34.46 6.18 -21.37
CA TYR A 130 -35.25 7.38 -21.54
C TYR A 130 -35.83 7.93 -20.24
N ILE A 131 -36.07 7.05 -19.29
CA ILE A 131 -36.59 7.47 -18.02
C ILE A 131 -35.48 7.98 -17.15
N ALA A 132 -34.35 7.29 -17.16
CA ALA A 132 -33.20 7.68 -16.34
C ALA A 132 -32.72 9.07 -16.71
N ASP A 133 -32.57 9.34 -18.00
CA ASP A 133 -32.10 10.62 -18.48
C ASP A 133 -33.05 11.77 -18.15
N SER A 134 -34.35 11.52 -18.25
CA SER A 134 -35.34 12.56 -17.94
C SER A 134 -35.50 12.80 -16.45
N VAL A 135 -35.50 11.72 -15.68
CA VAL A 135 -35.62 11.85 -14.24
C VAL A 135 -34.39 12.59 -13.74
N SER A 136 -33.23 12.27 -14.31
CA SER A 136 -31.99 12.92 -13.92
C SER A 136 -32.06 14.42 -14.16
N HIS A 137 -32.34 14.81 -15.40
CA HIS A 137 -32.44 16.23 -15.70
C HIS A 137 -33.58 16.85 -14.91
N GLY A 138 -34.67 16.10 -14.75
CA GLY A 138 -35.79 16.61 -14.01
C GLY A 138 -35.40 17.03 -12.61
N LEU A 139 -34.68 16.16 -11.92
CA LEU A 139 -34.26 16.45 -10.56
C LEU A 139 -33.27 17.59 -10.54
N MET A 140 -32.34 17.58 -11.49
CA MET A 140 -31.35 18.66 -11.56
C MET A 140 -32.07 19.99 -11.72
N ARG A 141 -33.17 19.97 -12.45
CA ARG A 141 -33.94 21.18 -12.67
C ARG A 141 -34.65 21.66 -11.41
N VAL A 142 -35.42 20.76 -10.79
CA VAL A 142 -36.15 21.11 -9.58
C VAL A 142 -35.20 21.74 -8.60
N GLN A 143 -33.98 21.22 -8.57
CA GLN A 143 -32.94 21.68 -7.70
C GLN A 143 -32.61 23.14 -7.98
N LEU A 144 -32.20 23.42 -9.21
CA LEU A 144 -31.83 24.77 -9.63
C LEU A 144 -33.01 25.73 -9.63
N ASP A 145 -34.17 25.21 -10.00
CA ASP A 145 -35.41 25.98 -10.06
C ASP A 145 -35.76 26.48 -8.69
N THR A 146 -35.83 25.51 -7.79
CA THR A 146 -36.19 25.72 -6.41
C THR A 146 -35.11 26.36 -5.55
N GLY A 147 -33.85 26.21 -5.95
CA GLY A 147 -32.77 26.76 -5.17
C GLY A 147 -32.54 25.95 -3.91
N VAL A 148 -33.11 24.75 -3.88
CA VAL A 148 -32.98 23.84 -2.74
C VAL A 148 -32.30 22.55 -3.19
N PRO A 149 -31.27 22.12 -2.44
CA PRO A 149 -30.58 20.89 -2.83
C PRO A 149 -31.50 19.69 -2.86
N VAL A 150 -31.39 18.90 -3.93
CA VAL A 150 -32.17 17.68 -4.07
C VAL A 150 -31.14 16.59 -4.26
N ILE A 151 -30.94 15.79 -3.22
CA ILE A 151 -29.98 14.72 -3.27
C ILE A 151 -30.39 13.66 -4.28
N PHE A 152 -29.47 13.33 -5.17
CA PHE A 152 -29.71 12.34 -6.21
C PHE A 152 -29.56 10.91 -5.68
N GLY A 153 -30.64 10.38 -5.11
CA GLY A 153 -30.60 9.03 -4.60
C GLY A 153 -31.24 8.07 -5.56
N VAL A 154 -30.95 8.24 -6.85
CA VAL A 154 -31.50 7.37 -7.88
C VAL A 154 -30.45 6.44 -8.44
N LEU A 155 -30.72 5.14 -8.42
CA LEU A 155 -29.78 4.17 -8.95
C LEU A 155 -30.14 3.82 -10.38
N THR A 156 -29.14 3.85 -11.25
CA THR A 156 -29.33 3.52 -12.66
C THR A 156 -28.42 2.33 -12.87
N VAL A 157 -28.95 1.17 -12.54
CA VAL A 157 -28.25 -0.08 -12.59
C VAL A 157 -28.55 -0.98 -13.80
N LEU A 158 -27.70 -1.98 -14.02
CA LEU A 158 -27.90 -2.91 -15.13
C LEU A 158 -28.35 -4.29 -14.66
N THR A 159 -28.10 -4.62 -13.39
CA THR A 159 -28.53 -5.92 -12.86
C THR A 159 -29.01 -5.81 -11.42
N ASP A 160 -29.93 -6.69 -11.03
CA ASP A 160 -30.46 -6.70 -9.68
C ASP A 160 -29.39 -6.64 -8.62
N ASP A 161 -28.37 -7.49 -8.76
CA ASP A 161 -27.28 -7.53 -7.80
C ASP A 161 -26.62 -6.18 -7.61
N GLN A 162 -26.45 -5.43 -8.69
CA GLN A 162 -25.82 -4.12 -8.57
C GLN A 162 -26.66 -3.27 -7.66
N ALA A 163 -27.97 -3.33 -7.82
CA ALA A 163 -28.87 -2.54 -6.97
C ALA A 163 -28.63 -2.94 -5.52
N LYS A 164 -28.72 -4.23 -5.25
CA LYS A 164 -28.52 -4.77 -3.91
C LYS A 164 -27.20 -4.32 -3.32
N ALA A 165 -26.13 -4.45 -4.10
CA ALA A 165 -24.81 -4.04 -3.63
C ALA A 165 -24.83 -2.58 -3.20
N ARG A 166 -25.40 -1.70 -4.02
CA ARG A 166 -25.48 -0.28 -3.70
C ARG A 166 -26.44 0.01 -2.55
N ALA A 167 -27.30 -0.94 -2.20
CA ALA A 167 -28.24 -0.73 -1.12
C ALA A 167 -27.77 -1.36 0.20
N GLY A 168 -26.56 -1.92 0.18
CA GLY A 168 -26.04 -2.55 1.38
C GLY A 168 -26.64 -3.92 1.64
N VAL A 169 -27.59 -4.33 0.79
CA VAL A 169 -28.24 -5.63 0.95
C VAL A 169 -27.21 -6.75 1.00
N ILE A 170 -26.28 -6.76 0.06
CA ILE A 170 -25.28 -7.81 0.06
C ILE A 170 -24.31 -7.66 1.24
N GLU A 171 -23.73 -8.79 1.66
CA GLU A 171 -22.81 -8.85 2.79
C GLU A 171 -21.66 -7.87 2.62
N GLY A 172 -21.42 -7.08 3.67
CA GLY A 172 -20.34 -6.11 3.62
C GLY A 172 -20.38 -5.24 2.37
N SER A 173 -21.58 -4.79 2.00
CA SER A 173 -21.71 -3.92 0.83
C SER A 173 -22.16 -2.59 1.42
N HIS A 174 -21.73 -1.49 0.82
CA HIS A 174 -22.05 -0.16 1.32
C HIS A 174 -23.40 0.41 0.92
N ASN A 175 -24.29 0.60 1.87
CA ASN A 175 -25.56 1.18 1.53
C ASN A 175 -25.36 2.68 1.19
N HIS A 176 -25.63 3.05 -0.05
CA HIS A 176 -25.49 4.44 -0.46
C HIS A 176 -26.50 5.36 0.22
N GLY A 177 -27.57 4.79 0.74
CA GLY A 177 -28.57 5.60 1.41
C GLY A 177 -27.91 6.44 2.49
N GLU A 178 -26.99 5.83 3.22
CA GLU A 178 -26.27 6.51 4.28
C GLU A 178 -25.60 7.77 3.72
N ASP A 179 -24.98 7.63 2.53
CA ASP A 179 -24.34 8.76 1.90
C ASP A 179 -25.33 9.88 1.63
N TRP A 180 -26.50 9.51 1.10
CA TRP A 180 -27.53 10.49 0.77
C TRP A 180 -28.08 11.24 1.98
N GLY A 181 -28.34 10.52 3.06
CA GLY A 181 -28.83 11.19 4.25
C GLY A 181 -27.77 12.17 4.71
N LEU A 182 -26.54 11.69 4.77
CA LEU A 182 -25.41 12.50 5.18
C LEU A 182 -25.32 13.76 4.34
N ALA A 183 -25.44 13.58 3.02
CA ALA A 183 -25.35 14.70 2.09
C ALA A 183 -26.52 15.66 2.27
N ALA A 184 -27.70 15.11 2.51
CA ALA A 184 -28.90 15.94 2.68
C ALA A 184 -28.67 16.95 3.79
N VAL A 185 -28.11 16.48 4.89
CA VAL A 185 -27.85 17.33 6.05
C VAL A 185 -26.84 18.40 5.68
N GLU A 186 -25.70 18.00 5.15
CA GLU A 186 -24.68 18.97 4.79
C GLU A 186 -25.25 20.06 3.90
N MET A 187 -25.87 19.65 2.80
CA MET A 187 -26.43 20.61 1.87
C MET A 187 -27.52 21.46 2.50
N GLY A 188 -28.32 20.87 3.39
CA GLY A 188 -29.37 21.63 4.03
C GLY A 188 -28.75 22.76 4.84
N VAL A 189 -27.73 22.42 5.60
CA VAL A 189 -27.01 23.41 6.41
C VAL A 189 -26.42 24.48 5.51
N ARG A 190 -25.74 24.03 4.46
CA ARG A 190 -25.12 24.95 3.53
C ARG A 190 -26.12 25.88 2.88
N ARG A 191 -27.26 25.32 2.47
CA ARG A 191 -28.29 26.12 1.82
C ARG A 191 -28.68 27.28 2.72
N ARG A 192 -28.90 26.98 3.99
CA ARG A 192 -29.28 28.01 4.95
C ARG A 192 -28.27 29.15 4.96
N ASP A 193 -26.99 28.82 5.11
CA ASP A 193 -25.94 29.84 5.15
C ASP A 193 -25.95 30.67 3.88
N TRP A 194 -26.06 30.01 2.74
CA TRP A 194 -26.09 30.75 1.50
C TRP A 194 -27.30 31.68 1.54
N ALA A 195 -28.42 31.16 2.00
CA ALA A 195 -29.63 31.96 2.07
C ALA A 195 -29.42 33.15 2.98
N ALA A 196 -28.46 33.02 3.89
CA ALA A 196 -28.15 34.09 4.83
C ALA A 196 -27.08 35.02 4.27
N GLY A 197 -26.69 34.79 3.02
CA GLY A 197 -25.67 35.61 2.40
C GLY A 197 -24.27 35.35 2.94
N LYS A 198 -24.11 34.27 3.68
CA LYS A 198 -22.81 33.95 4.24
C LYS A 198 -21.90 33.26 3.21
N THR A 199 -20.61 33.61 3.20
CA THR A 199 -19.68 32.98 2.26
C THR A 199 -18.37 32.48 2.90
N GLY B 5 -4.62 21.42 -27.54
CA GLY B 5 -3.99 22.44 -26.62
C GLY B 5 -4.50 23.87 -26.84
N PRO B 6 -4.64 24.65 -25.76
CA PRO B 6 -5.12 26.04 -25.81
C PRO B 6 -4.00 27.10 -25.85
N THR B 7 -4.39 28.36 -25.99
CA THR B 7 -3.39 29.44 -26.00
C THR B 7 -3.46 30.22 -24.66
N PRO B 8 -2.33 30.25 -23.95
CA PRO B 8 -2.22 30.93 -22.64
C PRO B 8 -2.50 32.43 -22.71
N GLN B 9 -3.10 32.99 -21.66
CA GLN B 9 -3.40 34.43 -21.56
C GLN B 9 -3.58 34.81 -20.10
N GLN B 10 -2.76 35.74 -19.62
CA GLN B 10 -2.83 36.17 -18.24
C GLN B 10 -3.44 37.57 -18.22
N HIS B 11 -4.50 37.77 -17.44
CA HIS B 11 -5.13 39.06 -17.35
C HIS B 11 -4.96 39.59 -15.94
N ASP B 12 -5.30 40.87 -15.74
CA ASP B 12 -5.17 41.50 -14.43
C ASP B 12 -6.01 40.77 -13.38
N GLY B 13 -7.32 40.99 -13.41
CA GLY B 13 -8.14 40.31 -12.43
C GLY B 13 -7.63 40.39 -11.00
N SER B 14 -7.29 41.62 -10.60
CA SER B 14 -6.81 41.87 -9.25
C SER B 14 -7.99 42.53 -8.55
N ALA B 15 -8.95 42.98 -9.36
CA ALA B 15 -10.15 43.62 -8.85
C ALA B 15 -11.28 42.62 -8.93
N LEU B 16 -10.90 41.36 -9.14
CA LEU B 16 -11.85 40.26 -9.28
C LEU B 16 -12.13 39.53 -7.98
N ARG B 17 -13.32 38.98 -7.87
CA ARG B 17 -13.69 38.19 -6.71
C ARG B 17 -14.17 36.87 -7.31
N ILE B 18 -13.42 35.81 -7.05
CA ILE B 18 -13.74 34.50 -7.61
C ILE B 18 -14.30 33.53 -6.58
N GLY B 19 -15.31 32.78 -6.99
CA GLY B 19 -15.91 31.78 -6.12
C GLY B 19 -15.62 30.39 -6.66
N ILE B 20 -15.19 29.49 -5.81
CA ILE B 20 -14.87 28.14 -6.22
C ILE B 20 -15.61 27.13 -5.37
N VAL B 21 -16.22 26.16 -6.03
CA VAL B 21 -16.92 25.09 -5.33
C VAL B 21 -16.36 23.79 -5.87
N HIS B 22 -15.84 22.96 -4.99
CA HIS B 22 -15.30 21.69 -5.45
C HIS B 22 -15.98 20.54 -4.71
N ALA B 23 -16.13 19.41 -5.38
CA ALA B 23 -16.74 18.25 -4.77
C ALA B 23 -15.64 17.56 -3.98
N ARG B 24 -16.01 16.54 -3.22
CA ARG B 24 -15.01 15.85 -2.43
C ARG B 24 -14.74 14.41 -2.82
N TRP B 25 -15.40 13.93 -3.88
CA TRP B 25 -15.14 12.57 -4.30
C TRP B 25 -13.78 12.60 -4.98
N ASN B 26 -12.96 11.59 -4.72
CA ASN B 26 -11.64 11.54 -5.33
C ASN B 26 -10.81 12.74 -4.91
N GLU B 27 -10.74 12.99 -3.60
CA GLU B 27 -10.00 14.12 -3.07
C GLU B 27 -8.54 14.16 -3.51
N THR B 28 -7.90 13.00 -3.61
CA THR B 28 -6.49 12.99 -4.01
C THR B 28 -6.29 13.58 -5.40
N ILE B 29 -7.39 13.75 -6.13
CA ILE B 29 -7.33 14.34 -7.45
C ILE B 29 -7.87 15.76 -7.34
N ILE B 30 -8.85 15.95 -6.49
CA ILE B 30 -9.46 17.27 -6.29
C ILE B 30 -8.44 18.27 -5.78
N GLU B 31 -7.69 17.87 -4.76
CA GLU B 31 -6.68 18.74 -4.16
C GLU B 31 -5.67 19.27 -5.16
N PRO B 32 -5.00 18.38 -5.90
CA PRO B 32 -4.02 18.82 -6.90
C PRO B 32 -4.66 19.83 -7.85
N LEU B 33 -5.91 19.56 -8.23
CA LEU B 33 -6.61 20.43 -9.14
C LEU B 33 -6.85 21.77 -8.49
N LEU B 34 -7.52 21.74 -7.34
CA LEU B 34 -7.82 22.98 -6.62
C LEU B 34 -6.57 23.81 -6.39
N ALA B 35 -5.50 23.12 -6.01
CA ALA B 35 -4.23 23.77 -5.76
C ALA B 35 -3.77 24.54 -6.98
N GLY B 36 -3.76 23.88 -8.13
CA GLY B 36 -3.33 24.53 -9.33
C GLY B 36 -4.21 25.70 -9.75
N THR B 37 -5.52 25.54 -9.62
CA THR B 37 -6.40 26.62 -10.02
C THR B 37 -6.22 27.80 -9.08
N LYS B 38 -6.16 27.54 -7.77
CA LYS B 38 -5.99 28.65 -6.81
C LYS B 38 -4.65 29.35 -7.07
N ALA B 39 -3.61 28.55 -7.31
CA ALA B 39 -2.29 29.07 -7.60
C ALA B 39 -2.36 30.10 -8.73
N LYS B 40 -2.77 29.66 -9.91
CA LYS B 40 -2.87 30.57 -11.04
C LYS B 40 -3.75 31.80 -10.77
N LEU B 41 -4.72 31.67 -9.86
CA LEU B 41 -5.57 32.81 -9.54
C LEU B 41 -4.69 33.90 -8.91
N LEU B 42 -4.00 33.54 -7.83
CA LEU B 42 -3.10 34.47 -7.17
C LEU B 42 -2.09 34.95 -8.20
N ALA B 43 -1.54 34.02 -8.95
CA ALA B 43 -0.55 34.32 -9.96
C ALA B 43 -1.04 35.43 -10.88
N CYS B 44 -2.34 35.59 -10.97
CA CYS B 44 -2.88 36.63 -11.84
C CYS B 44 -3.25 37.90 -11.06
N GLY B 45 -2.92 37.92 -9.78
CA GLY B 45 -3.22 39.11 -9.00
C GLY B 45 -4.51 39.07 -8.23
N VAL B 46 -5.23 37.96 -8.27
CA VAL B 46 -6.46 37.87 -7.51
C VAL B 46 -6.04 37.86 -6.05
N LYS B 47 -6.63 38.75 -5.24
CA LYS B 47 -6.27 38.80 -3.82
C LYS B 47 -6.76 37.55 -3.08
N GLU B 48 -5.86 36.96 -2.32
CA GLU B 48 -6.17 35.77 -1.53
C GLU B 48 -7.54 35.88 -0.84
N SER B 49 -7.86 37.06 -0.32
CA SER B 49 -9.12 37.26 0.40
C SER B 49 -10.31 37.36 -0.54
N ASN B 50 -10.06 37.52 -1.84
CA ASN B 50 -11.16 37.62 -2.78
C ASN B 50 -11.44 36.29 -3.47
N ILE B 51 -10.86 35.23 -2.93
CA ILE B 51 -11.05 33.89 -3.46
C ILE B 51 -11.81 33.10 -2.42
N VAL B 52 -13.08 32.83 -2.69
CA VAL B 52 -13.92 32.03 -1.79
C VAL B 52 -13.89 30.59 -2.27
N VAL B 53 -13.72 29.65 -1.35
CA VAL B 53 -13.64 28.25 -1.72
C VAL B 53 -14.46 27.37 -0.78
N GLN B 54 -15.55 26.81 -1.29
CA GLN B 54 -16.38 25.96 -0.48
C GLN B 54 -16.45 24.59 -1.14
N SER B 55 -16.86 23.58 -0.40
CA SER B 55 -16.94 22.25 -0.96
C SER B 55 -18.32 21.62 -0.81
N VAL B 56 -18.52 20.49 -1.47
CA VAL B 56 -19.76 19.75 -1.43
C VAL B 56 -19.38 18.28 -1.56
N PRO B 57 -20.27 17.37 -1.17
CA PRO B 57 -19.91 15.96 -1.27
C PRO B 57 -19.60 15.46 -2.66
N GLY B 58 -20.57 15.52 -3.56
CA GLY B 58 -20.33 15.04 -4.92
C GLY B 58 -20.54 16.08 -6.01
N SER B 59 -20.30 15.69 -7.25
CA SER B 59 -20.46 16.60 -8.38
C SER B 59 -21.90 17.06 -8.57
N TRP B 60 -22.84 16.21 -8.21
CA TRP B 60 -24.25 16.54 -8.36
C TRP B 60 -24.56 17.82 -7.63
N GLU B 61 -23.88 18.04 -6.52
CA GLU B 61 -24.07 19.23 -5.71
C GLU B 61 -23.43 20.46 -6.32
N LEU B 62 -22.50 20.26 -7.23
CA LEU B 62 -21.79 21.36 -7.87
C LEU B 62 -22.68 22.47 -8.40
N PRO B 63 -23.56 22.17 -9.37
CA PRO B 63 -24.42 23.25 -9.89
C PRO B 63 -25.28 23.97 -8.85
N ILE B 64 -25.99 23.23 -8.00
CA ILE B 64 -26.82 23.87 -6.98
C ILE B 64 -25.96 24.72 -6.06
N ALA B 65 -24.82 24.19 -5.66
CA ALA B 65 -23.90 24.90 -4.79
C ALA B 65 -23.38 26.18 -5.44
N VAL B 66 -23.00 26.09 -6.71
CA VAL B 66 -22.51 27.27 -7.41
C VAL B 66 -23.61 28.33 -7.53
N GLN B 67 -24.81 27.89 -7.86
CA GLN B 67 -25.93 28.80 -8.01
C GLN B 67 -26.20 29.59 -6.73
N ARG B 68 -26.18 28.89 -5.61
CA ARG B 68 -26.43 29.47 -4.30
C ARG B 68 -25.28 30.30 -3.80
N LEU B 69 -24.05 29.86 -4.07
CA LEU B 69 -22.88 30.61 -3.62
C LEU B 69 -22.97 32.00 -4.23
N TYR B 70 -23.15 32.05 -5.54
CA TYR B 70 -23.26 33.32 -6.22
C TYR B 70 -24.43 34.09 -5.63
N SER B 71 -25.55 33.40 -5.51
CA SER B 71 -26.76 34.00 -4.97
C SER B 71 -26.44 34.74 -3.67
N ALA B 72 -25.68 34.09 -2.80
CA ALA B 72 -25.31 34.71 -1.54
C ALA B 72 -24.48 35.96 -1.76
N SER B 73 -23.41 35.86 -2.54
CA SER B 73 -22.53 36.99 -2.79
C SER B 73 -23.33 38.22 -3.20
N GLN B 74 -24.50 38.00 -3.81
CA GLN B 74 -25.34 39.11 -4.25
C GLN B 74 -26.00 39.80 -3.07
N LEU B 75 -26.51 39.02 -2.13
CA LEU B 75 -27.15 39.59 -0.96
C LEU B 75 -26.21 40.51 -0.18
N GLN B 76 -24.91 40.31 -0.34
CA GLN B 76 -23.93 41.13 0.35
C GLN B 76 -23.79 42.53 -0.29
N SER B 107 -13.56 39.61 -0.59
CA SER B 107 -14.43 40.38 0.37
C SER B 107 -15.55 41.18 -0.34
N THR B 108 -16.79 40.83 0.03
CA THR B 108 -18.05 41.40 -0.50
C THR B 108 -18.12 41.67 -2.00
N GLY B 109 -19.35 41.70 -2.51
CA GLY B 109 -19.57 41.96 -3.93
C GLY B 109 -19.79 40.66 -4.68
N PRO B 110 -20.84 40.57 -5.51
CA PRO B 110 -21.08 39.33 -6.26
C PRO B 110 -19.84 38.91 -7.03
N PHE B 111 -19.55 37.61 -7.02
CA PHE B 111 -18.39 37.09 -7.72
C PHE B 111 -18.43 37.45 -9.19
N ASP B 112 -17.24 37.61 -9.77
CA ASP B 112 -17.12 37.97 -11.18
C ASP B 112 -17.01 36.72 -12.05
N ALA B 113 -16.63 35.62 -11.43
CA ALA B 113 -16.50 34.34 -12.11
C ALA B 113 -16.55 33.21 -11.10
N LEU B 114 -17.02 32.05 -11.53
CA LEU B 114 -17.13 30.90 -10.66
C LEU B 114 -16.44 29.70 -11.29
N ILE B 115 -15.99 28.79 -10.44
CA ILE B 115 -15.30 27.59 -10.92
C ILE B 115 -15.89 26.37 -10.22
N ALA B 116 -16.26 25.36 -11.01
CA ALA B 116 -16.81 24.14 -10.45
C ALA B 116 -15.79 23.04 -10.67
N ILE B 117 -15.33 22.43 -9.60
CA ILE B 117 -14.34 21.37 -9.72
C ILE B 117 -14.93 20.06 -9.23
N GLY B 118 -14.90 19.05 -10.08
CA GLY B 118 -15.42 17.76 -9.70
C GLY B 118 -14.67 16.68 -10.46
N VAL B 119 -14.73 15.46 -9.98
CA VAL B 119 -14.03 14.36 -10.65
C VAL B 119 -14.91 13.11 -10.72
N LEU B 120 -15.47 12.87 -11.90
CA LEU B 120 -16.31 11.70 -12.12
C LEU B 120 -15.46 10.61 -12.75
N ILE B 121 -15.59 9.39 -12.25
CA ILE B 121 -14.86 8.26 -12.82
C ILE B 121 -15.85 7.11 -13.06
N LYS B 122 -15.83 6.56 -14.27
CA LYS B 122 -16.72 5.45 -14.61
C LYS B 122 -16.72 4.34 -13.58
N GLY B 123 -17.90 3.91 -13.16
CA GLY B 123 -18.01 2.83 -12.21
C GLY B 123 -18.40 1.57 -12.96
N GLU B 124 -19.20 0.73 -12.32
CA GLU B 124 -19.63 -0.50 -12.98
C GLU B 124 -20.99 -0.26 -13.62
N THR B 125 -21.72 0.74 -13.13
CA THR B 125 -23.04 1.05 -13.65
C THR B 125 -23.05 2.34 -14.48
N MET B 126 -24.26 2.74 -14.90
CA MET B 126 -24.45 3.94 -15.70
C MET B 126 -24.55 5.18 -14.85
N HIS B 127 -24.30 5.04 -13.56
CA HIS B 127 -24.33 6.16 -12.62
C HIS B 127 -23.45 7.29 -13.13
N PHE B 128 -22.24 6.93 -13.55
CA PHE B 128 -21.27 7.87 -14.07
C PHE B 128 -21.86 8.76 -15.13
N GLU B 129 -22.38 8.15 -16.18
CA GLU B 129 -22.95 8.93 -17.27
C GLU B 129 -24.17 9.78 -16.93
N TYR B 130 -25.07 9.29 -16.09
CA TYR B 130 -26.24 10.09 -15.76
C TYR B 130 -25.92 11.29 -14.89
N ILE B 131 -24.87 11.18 -14.10
CA ILE B 131 -24.47 12.29 -13.26
C ILE B 131 -23.65 13.29 -14.05
N ALA B 132 -22.76 12.78 -14.90
CA ALA B 132 -21.92 13.66 -15.71
C ALA B 132 -22.74 14.55 -16.62
N ASP B 133 -23.70 13.96 -17.31
CA ASP B 133 -24.56 14.69 -18.24
C ASP B 133 -25.41 15.74 -17.54
N SER B 134 -25.93 15.42 -16.35
CA SER B 134 -26.77 16.38 -15.62
C SER B 134 -25.95 17.48 -14.97
N VAL B 135 -24.81 17.12 -14.41
CA VAL B 135 -23.95 18.12 -13.78
C VAL B 135 -23.45 19.07 -14.86
N SER B 136 -23.15 18.53 -16.05
CA SER B 136 -22.70 19.34 -17.17
C SER B 136 -23.77 20.33 -17.57
N HIS B 137 -24.97 19.87 -17.89
CA HIS B 137 -26.02 20.78 -18.26
C HIS B 137 -26.36 21.69 -17.10
N GLY B 138 -26.31 21.15 -15.89
CA GLY B 138 -26.61 21.96 -14.73
C GLY B 138 -25.71 23.18 -14.67
N LEU B 139 -24.39 22.97 -14.82
CA LEU B 139 -23.44 24.08 -14.76
C LEU B 139 -23.64 25.04 -15.93
N MET B 140 -23.85 24.48 -17.11
CA MET B 140 -24.08 25.30 -18.29
C MET B 140 -25.28 26.20 -18.02
N ARG B 141 -26.25 25.68 -17.30
CA ARG B 141 -27.45 26.46 -17.00
C ARG B 141 -27.18 27.58 -16.01
N VAL B 142 -26.57 27.23 -14.89
CA VAL B 142 -26.29 28.23 -13.88
C VAL B 142 -25.55 29.39 -14.51
N GLN B 143 -24.69 29.05 -15.44
CA GLN B 143 -23.87 30.00 -16.17
C GLN B 143 -24.76 30.97 -16.93
N LEU B 144 -25.57 30.44 -17.83
CA LEU B 144 -26.47 31.25 -18.66
C LEU B 144 -27.56 31.93 -17.85
N ASP B 145 -28.04 31.24 -16.82
CA ASP B 145 -29.07 31.76 -15.93
C ASP B 145 -28.57 32.99 -15.24
N THR B 146 -27.44 32.80 -14.58
CA THR B 146 -26.78 33.81 -13.78
C THR B 146 -26.07 34.87 -14.59
N GLY B 147 -25.70 34.56 -15.82
CA GLY B 147 -24.98 35.54 -16.62
C GLY B 147 -23.55 35.69 -16.14
N VAL B 148 -23.11 34.74 -15.33
CA VAL B 148 -21.76 34.74 -14.79
C VAL B 148 -21.01 33.50 -15.25
N PRO B 149 -19.79 33.67 -15.79
CA PRO B 149 -19.03 32.51 -16.25
C PRO B 149 -18.79 31.51 -15.14
N VAL B 150 -19.03 30.24 -15.43
CA VAL B 150 -18.77 29.16 -14.48
C VAL B 150 -17.80 28.24 -15.19
N ILE B 151 -16.55 28.28 -14.78
CA ILE B 151 -15.53 27.45 -15.40
C ILE B 151 -15.81 25.96 -15.16
N PHE B 152 -15.79 25.19 -16.23
CA PHE B 152 -16.05 23.77 -16.17
C PHE B 152 -14.81 22.98 -15.74
N GLY B 153 -14.60 22.87 -14.44
CA GLY B 153 -13.47 22.14 -13.93
C GLY B 153 -13.87 20.75 -13.47
N VAL B 154 -14.72 20.11 -14.26
CA VAL B 154 -15.17 18.76 -13.94
C VAL B 154 -14.54 17.73 -14.88
N LEU B 155 -13.91 16.72 -14.30
CA LEU B 155 -13.29 15.68 -15.09
C LEU B 155 -14.24 14.49 -15.21
N THR B 156 -14.41 14.02 -16.44
CA THR B 156 -15.27 12.88 -16.73
C THR B 156 -14.33 11.85 -17.33
N VAL B 157 -13.68 11.12 -16.44
CA VAL B 157 -12.67 10.14 -16.77
C VAL B 157 -13.12 8.69 -16.72
N LEU B 158 -12.31 7.80 -17.29
CA LEU B 158 -12.62 6.37 -17.32
C LEU B 158 -11.72 5.57 -16.41
N THR B 159 -10.56 6.10 -16.06
CA THR B 159 -9.63 5.41 -15.17
C THR B 159 -8.92 6.38 -14.23
N ASP B 160 -8.56 5.90 -13.04
CA ASP B 160 -7.87 6.70 -12.05
C ASP B 160 -6.68 7.46 -12.62
N ASP B 161 -5.84 6.75 -13.36
CA ASP B 161 -4.68 7.36 -13.98
C ASP B 161 -5.02 8.56 -14.84
N GLN B 162 -6.14 8.49 -15.56
CA GLN B 162 -6.53 9.61 -16.41
C GLN B 162 -6.77 10.82 -15.53
N ALA B 163 -7.41 10.60 -14.39
CA ALA B 163 -7.69 11.70 -13.48
C ALA B 163 -6.36 12.31 -13.05
N LYS B 164 -5.47 11.45 -12.56
CA LYS B 164 -4.15 11.88 -12.09
C LYS B 164 -3.41 12.65 -13.16
N ALA B 165 -3.39 12.12 -14.38
CA ALA B 165 -2.70 12.79 -15.47
C ALA B 165 -3.26 14.21 -15.67
N ARG B 166 -4.58 14.35 -15.68
CA ARG B 166 -5.20 15.65 -15.84
C ARG B 166 -5.02 16.56 -14.64
N ALA B 167 -4.62 15.99 -13.50
CA ALA B 167 -4.43 16.77 -12.30
C ALA B 167 -2.96 17.12 -12.07
N GLY B 168 -2.11 16.74 -13.02
CA GLY B 168 -0.70 17.02 -12.88
C GLY B 168 0.00 16.07 -11.90
N VAL B 169 -0.77 15.18 -11.28
CA VAL B 169 -0.22 14.23 -10.32
C VAL B 169 0.91 13.41 -10.93
N ILE B 170 0.63 12.77 -12.07
CA ILE B 170 1.63 11.96 -12.74
C ILE B 170 2.81 12.83 -13.17
N GLU B 171 3.99 12.52 -12.65
CA GLU B 171 5.22 13.26 -12.96
C GLU B 171 5.25 13.83 -14.39
N GLY B 172 5.67 15.11 -14.48
CA GLY B 172 5.78 15.79 -15.76
C GLY B 172 4.47 15.90 -16.50
N SER B 173 3.34 15.79 -15.79
CA SER B 173 2.05 15.88 -16.45
C SER B 173 1.53 17.27 -16.17
N HIS B 174 0.53 17.66 -16.95
CA HIS B 174 -0.07 18.98 -16.84
C HIS B 174 -1.34 19.00 -15.99
N ASN B 175 -1.37 19.90 -15.03
CA ASN B 175 -2.51 20.05 -14.16
C ASN B 175 -3.49 21.00 -14.85
N HIS B 176 -4.69 20.52 -15.16
CA HIS B 176 -5.70 21.37 -15.79
C HIS B 176 -6.21 22.46 -14.87
N GLY B 177 -6.03 22.28 -13.56
CA GLY B 177 -6.47 23.28 -12.62
C GLY B 177 -5.91 24.64 -13.00
N GLU B 178 -4.64 24.66 -13.41
CA GLU B 178 -3.99 25.88 -13.83
C GLU B 178 -4.81 26.55 -14.94
N ASP B 179 -5.25 25.75 -15.90
CA ASP B 179 -6.05 26.25 -17.00
C ASP B 179 -7.32 26.90 -16.50
N TRP B 180 -7.98 26.24 -15.56
CA TRP B 180 -9.23 26.75 -15.02
C TRP B 180 -9.09 28.07 -14.27
N GLY B 181 -8.05 28.18 -13.46
CA GLY B 181 -7.84 29.42 -12.73
C GLY B 181 -7.61 30.52 -13.75
N LEU B 182 -6.74 30.23 -14.70
CA LEU B 182 -6.42 31.20 -15.74
C LEU B 182 -7.67 31.64 -16.46
N ALA B 183 -8.52 30.68 -16.80
CA ALA B 183 -9.76 30.98 -17.50
C ALA B 183 -10.72 31.77 -16.64
N ALA B 184 -10.78 31.44 -15.36
CA ALA B 184 -11.67 32.14 -14.43
C ALA B 184 -11.38 33.62 -14.46
N VAL B 185 -10.10 33.97 -14.43
CA VAL B 185 -9.69 35.36 -14.44
C VAL B 185 -10.10 36.04 -15.76
N GLU B 186 -9.71 35.46 -16.88
CA GLU B 186 -10.05 36.03 -18.15
C GLU B 186 -11.55 36.30 -18.27
N MET B 187 -12.34 35.27 -18.00
CA MET B 187 -13.78 35.39 -18.09
C MET B 187 -14.33 36.41 -17.11
N GLY B 188 -13.75 36.46 -15.92
CA GLY B 188 -14.19 37.42 -14.92
C GLY B 188 -14.02 38.82 -15.47
N VAL B 189 -12.83 39.08 -15.99
CA VAL B 189 -12.53 40.37 -16.57
C VAL B 189 -13.48 40.68 -17.72
N ARG B 190 -13.66 39.71 -18.61
CA ARG B 190 -14.55 39.89 -19.74
C ARG B 190 -15.99 40.15 -19.32
N ARG B 191 -16.46 39.40 -18.32
CA ARG B 191 -17.82 39.58 -17.84
C ARG B 191 -18.04 41.03 -17.45
N ARG B 192 -17.10 41.58 -16.67
CA ARG B 192 -17.19 42.98 -16.25
C ARG B 192 -17.38 43.91 -17.44
N ASP B 193 -16.50 43.81 -18.43
CA ASP B 193 -16.60 44.67 -19.60
C ASP B 193 -17.96 44.54 -20.28
N TRP B 194 -18.42 43.31 -20.44
CA TRP B 194 -19.71 43.10 -21.07
C TRP B 194 -20.76 43.79 -20.22
N ALA B 195 -20.63 43.63 -18.91
CA ALA B 195 -21.58 44.23 -17.99
C ALA B 195 -21.55 45.75 -18.14
N ALA B 196 -20.42 46.26 -18.63
CA ALA B 196 -20.25 47.69 -18.82
C ALA B 196 -20.70 48.11 -20.22
N GLY B 197 -21.23 47.17 -20.98
CA GLY B 197 -21.68 47.48 -22.31
C GLY B 197 -20.54 47.68 -23.30
N LYS B 198 -19.33 47.31 -22.90
CA LYS B 198 -18.17 47.46 -23.78
C LYS B 198 -18.07 46.30 -24.80
N THR B 199 -17.70 46.62 -26.03
CA THR B 199 -17.56 45.58 -27.05
C THR B 199 -16.23 45.64 -27.84
N GLY C 5 -24.36 18.35 -48.82
CA GLY C 5 -23.98 19.76 -49.25
C GLY C 5 -25.16 20.74 -49.26
N PRO C 6 -24.92 22.01 -48.90
CA PRO C 6 -25.95 23.07 -48.86
C PRO C 6 -26.08 23.89 -50.16
N THR C 7 -27.05 24.81 -50.19
CA THR C 7 -27.21 25.67 -51.38
C THR C 7 -26.75 27.09 -51.01
N PRO C 8 -25.77 27.62 -51.77
CA PRO C 8 -25.22 28.97 -51.56
C PRO C 8 -26.23 30.09 -51.76
N GLN C 9 -26.07 31.16 -50.96
CA GLN C 9 -26.95 32.35 -51.02
C GLN C 9 -26.25 33.54 -50.38
N GLN C 10 -26.04 34.57 -51.16
CA GLN C 10 -25.37 35.77 -50.65
C GLN C 10 -26.44 36.87 -50.49
N HIS C 11 -26.49 37.46 -49.30
CA HIS C 11 -27.45 38.52 -49.04
C HIS C 11 -26.69 39.81 -48.79
N ASP C 12 -27.42 40.92 -48.75
CA ASP C 12 -26.83 42.22 -48.53
C ASP C 12 -26.09 42.26 -47.21
N GLY C 13 -26.83 42.38 -46.11
CA GLY C 13 -26.15 42.40 -44.83
C GLY C 13 -24.98 43.39 -44.77
N SER C 14 -25.24 44.60 -45.24
CA SER C 14 -24.25 45.66 -45.22
C SER C 14 -24.68 46.58 -44.07
N ALA C 15 -25.93 46.39 -43.64
CA ALA C 15 -26.50 47.18 -42.56
C ALA C 15 -26.51 46.30 -41.32
N LEU C 16 -25.80 45.19 -41.41
CA LEU C 16 -25.71 44.21 -40.33
C LEU C 16 -24.54 44.43 -39.39
N ARG C 17 -24.71 44.04 -38.14
CA ARG C 17 -23.65 44.12 -37.16
C ARG C 17 -23.53 42.69 -36.62
N ILE C 18 -22.41 42.03 -36.91
CA ILE C 18 -22.20 40.65 -36.51
C ILE C 18 -21.21 40.51 -35.36
N GLY C 19 -21.54 39.62 -34.42
CA GLY C 19 -20.67 39.38 -33.29
C GLY C 19 -20.14 37.96 -33.38
N ILE C 20 -18.84 37.80 -33.21
CA ILE C 20 -18.21 36.49 -33.29
C ILE C 20 -17.41 36.19 -32.03
N VAL C 21 -17.59 35.00 -31.50
CA VAL C 21 -16.86 34.57 -30.32
C VAL C 21 -16.24 33.25 -30.69
N HIS C 22 -14.92 33.13 -30.58
CA HIS C 22 -14.28 31.87 -30.89
C HIS C 22 -13.46 31.42 -29.72
N ALA C 23 -13.34 30.11 -29.55
CA ALA C 23 -12.55 29.56 -28.47
C ALA C 23 -11.13 29.53 -28.94
N ARG C 24 -10.19 29.20 -28.06
CA ARG C 24 -8.80 29.19 -28.47
C ARG C 24 -8.15 27.82 -28.47
N TRP C 25 -8.91 26.77 -28.17
CA TRP C 25 -8.32 25.43 -28.20
C TRP C 25 -8.15 25.07 -29.66
N ASN C 26 -7.02 24.47 -30.03
CA ASN C 26 -6.80 24.10 -31.41
C ASN C 26 -6.80 25.34 -32.30
N GLU C 27 -6.00 26.33 -31.92
CA GLU C 27 -5.93 27.57 -32.68
C GLU C 27 -5.58 27.39 -34.15
N THR C 28 -4.70 26.44 -34.45
CA THR C 28 -4.31 26.23 -35.85
C THR C 28 -5.52 25.85 -36.71
N ILE C 29 -6.61 25.50 -36.07
CA ILE C 29 -7.84 25.14 -36.78
C ILE C 29 -8.81 26.30 -36.66
N ILE C 30 -8.79 26.94 -35.49
CA ILE C 30 -9.67 28.08 -35.23
C ILE C 30 -9.41 29.21 -36.20
N GLU C 31 -8.13 29.57 -36.37
CA GLU C 31 -7.74 30.65 -37.25
C GLU C 31 -8.25 30.48 -38.68
N PRO C 32 -7.98 29.33 -39.31
CA PRO C 32 -8.44 29.11 -40.68
C PRO C 32 -9.95 29.28 -40.74
N LEU C 33 -10.63 28.80 -39.71
CA LEU C 33 -12.08 28.89 -39.65
C LEU C 33 -12.51 30.35 -39.56
N LEU C 34 -12.01 31.02 -38.52
CA LEU C 34 -12.34 32.41 -38.30
C LEU C 34 -12.07 33.25 -39.54
N ALA C 35 -10.93 32.97 -40.16
CA ALA C 35 -10.51 33.68 -41.36
C ALA C 35 -11.58 33.55 -42.42
N GLY C 36 -11.97 32.32 -42.71
CA GLY C 36 -12.98 32.09 -43.72
C GLY C 36 -14.32 32.73 -43.42
N THR C 37 -14.76 32.64 -42.17
CA THR C 37 -16.04 33.22 -41.83
C THR C 37 -15.97 34.75 -41.93
N LYS C 38 -14.90 35.36 -41.42
CA LYS C 38 -14.79 36.81 -41.50
C LYS C 38 -14.74 37.23 -42.97
N ALA C 39 -13.97 36.50 -43.76
CA ALA C 39 -13.85 36.77 -45.18
C ALA C 39 -15.23 36.89 -45.80
N LYS C 40 -15.99 35.81 -45.79
CA LYS C 40 -17.32 35.82 -46.39
C LYS C 40 -18.21 36.93 -45.84
N LEU C 41 -17.98 37.33 -44.59
CA LEU C 41 -18.79 38.40 -44.03
C LEU C 41 -18.57 39.67 -44.85
N LEU C 42 -17.31 40.08 -44.94
CA LEU C 42 -16.94 41.25 -45.72
C LEU C 42 -17.42 41.06 -47.15
N ALA C 43 -17.18 39.87 -47.68
CA ALA C 43 -17.58 39.52 -49.03
C ALA C 43 -19.06 39.79 -49.24
N CYS C 44 -19.82 39.82 -48.15
CA CYS C 44 -21.24 40.08 -48.27
C CYS C 44 -21.59 41.52 -47.97
N GLY C 45 -20.59 42.36 -47.77
CA GLY C 45 -20.86 43.76 -47.54
C GLY C 45 -20.91 44.17 -46.08
N VAL C 46 -20.64 43.24 -45.19
CA VAL C 46 -20.65 43.61 -43.78
C VAL C 46 -19.44 44.52 -43.57
N LYS C 47 -19.66 45.68 -42.97
CA LYS C 47 -18.56 46.62 -42.76
C LYS C 47 -17.58 46.08 -41.73
N GLU C 48 -16.30 46.14 -42.07
CA GLU C 48 -15.24 45.68 -41.19
C GLU C 48 -15.46 46.14 -39.74
N SER C 49 -15.91 47.37 -39.59
CA SER C 49 -16.12 47.93 -38.25
C SER C 49 -17.37 47.39 -37.57
N ASN C 50 -18.25 46.74 -38.32
CA ASN C 50 -19.45 46.18 -37.74
C ASN C 50 -19.31 44.69 -37.40
N ILE C 51 -18.07 44.21 -37.45
CA ILE C 51 -17.78 42.83 -37.13
C ILE C 51 -16.98 42.80 -35.84
N VAL C 52 -17.61 42.38 -34.76
CA VAL C 52 -16.93 42.30 -33.47
C VAL C 52 -16.43 40.88 -33.31
N VAL C 53 -15.21 40.72 -32.81
CA VAL C 53 -14.63 39.40 -32.66
C VAL C 53 -13.89 39.27 -31.35
N GLN C 54 -14.43 38.47 -30.44
CA GLN C 54 -13.77 38.26 -29.16
C GLN C 54 -13.48 36.78 -28.99
N SER C 55 -12.57 36.44 -28.09
CA SER C 55 -12.25 35.04 -27.88
C SER C 55 -12.42 34.60 -26.43
N VAL C 56 -12.36 33.29 -26.22
CA VAL C 56 -12.49 32.69 -24.91
C VAL C 56 -11.58 31.48 -24.92
N PRO C 57 -11.21 30.97 -23.74
CA PRO C 57 -10.34 29.82 -23.72
C PRO C 57 -10.87 28.56 -24.39
N GLY C 58 -11.97 28.00 -23.89
CA GLY C 58 -12.53 26.81 -24.50
C GLY C 58 -13.94 26.96 -25.00
N SER C 59 -14.48 25.90 -25.59
CA SER C 59 -15.84 25.90 -26.13
C SER C 59 -16.89 26.09 -25.06
N TRP C 60 -16.61 25.61 -23.85
CA TRP C 60 -17.53 25.74 -22.75
C TRP C 60 -17.90 27.19 -22.52
N GLU C 61 -16.94 28.07 -22.79
CA GLU C 61 -17.13 29.50 -22.61
C GLU C 61 -17.96 30.11 -23.73
N LEU C 62 -18.04 29.41 -24.84
CA LEU C 62 -18.76 29.91 -25.98
C LEU C 62 -20.17 30.42 -25.68
N PRO C 63 -21.08 29.55 -25.22
CA PRO C 63 -22.43 30.05 -24.94
C PRO C 63 -22.52 31.23 -23.98
N ILE C 64 -21.83 31.15 -22.85
CA ILE C 64 -21.89 32.25 -21.88
C ILE C 64 -21.35 33.52 -22.51
N ALA C 65 -20.24 33.38 -23.23
CA ALA C 65 -19.61 34.52 -23.88
C ALA C 65 -20.54 35.12 -24.92
N VAL C 66 -21.19 34.29 -25.72
CA VAL C 66 -22.09 34.82 -26.74
C VAL C 66 -23.28 35.53 -26.11
N GLN C 67 -23.83 34.95 -25.05
CA GLN C 67 -24.97 35.52 -24.36
C GLN C 67 -24.64 36.91 -23.83
N ARG C 68 -23.47 37.05 -23.24
CA ARG C 68 -23.01 38.31 -22.68
C ARG C 68 -22.59 39.33 -23.71
N LEU C 69 -21.97 38.87 -24.80
CA LEU C 69 -21.54 39.77 -25.86
C LEU C 69 -22.78 40.46 -26.34
N TYR C 70 -23.78 39.68 -26.73
CA TYR C 70 -25.02 40.25 -27.22
C TYR C 70 -25.60 41.20 -26.17
N SER C 71 -25.66 40.69 -24.95
CA SER C 71 -26.18 41.45 -23.83
C SER C 71 -25.56 42.84 -23.83
N ALA C 72 -24.24 42.91 -23.98
CA ALA C 72 -23.52 44.18 -24.00
C ALA C 72 -23.98 45.05 -25.15
N SER C 73 -23.98 44.51 -26.35
CA SER C 73 -24.38 45.27 -27.51
C SER C 73 -25.73 45.96 -27.30
N GLN C 74 -26.56 45.39 -26.43
CA GLN C 74 -27.87 45.96 -26.15
C GLN C 74 -27.77 47.22 -25.30
N LEU C 75 -26.92 47.16 -24.28
CA LEU C 75 -26.74 48.31 -23.40
C LEU C 75 -26.28 49.54 -24.18
N GLN C 76 -25.69 49.32 -25.36
CA GLN C 76 -25.21 50.42 -26.18
C GLN C 76 -26.36 51.15 -26.90
N SER C 107 -20.22 49.06 -35.37
CA SER C 107 -20.41 50.22 -34.45
C SER C 107 -21.87 50.38 -33.93
N THR C 108 -21.99 50.27 -32.59
CA THR C 108 -23.25 50.36 -31.84
C THR C 108 -24.48 49.64 -32.42
N GLY C 109 -25.42 49.31 -31.53
CA GLY C 109 -26.63 48.63 -31.94
C GLY C 109 -26.51 47.14 -31.70
N PRO C 110 -27.53 46.53 -31.07
CA PRO C 110 -27.45 45.10 -30.81
C PRO C 110 -27.18 44.31 -32.09
N PHE C 111 -26.30 43.32 -32.00
CA PHE C 111 -25.96 42.50 -33.15
C PHE C 111 -27.20 41.87 -33.78
N ASP C 112 -27.14 41.68 -35.09
CA ASP C 112 -28.24 41.09 -35.82
C ASP C 112 -28.09 39.58 -35.93
N ALA C 113 -26.86 39.11 -35.72
CA ALA C 113 -26.55 37.68 -35.77
C ALA C 113 -25.25 37.44 -35.05
N LEU C 114 -25.11 36.24 -34.50
CA LEU C 114 -23.91 35.86 -33.75
C LEU C 114 -23.34 34.56 -34.29
N ILE C 115 -22.03 34.39 -34.15
CA ILE C 115 -21.38 33.18 -34.62
C ILE C 115 -20.48 32.63 -33.53
N ALA C 116 -20.64 31.35 -33.23
CA ALA C 116 -19.81 30.71 -32.21
C ALA C 116 -18.88 29.76 -32.92
N ILE C 117 -17.58 29.95 -32.76
CA ILE C 117 -16.62 29.07 -33.39
C ILE C 117 -15.81 28.35 -32.34
N GLY C 118 -15.80 27.02 -32.43
CA GLY C 118 -15.07 26.21 -31.48
C GLY C 118 -14.65 24.94 -32.16
N VAL C 119 -13.65 24.27 -31.61
CA VAL C 119 -13.16 23.02 -32.20
C VAL C 119 -12.93 21.97 -31.13
N LEU C 120 -13.86 21.02 -31.02
CA LEU C 120 -13.73 19.94 -30.04
C LEU C 120 -13.16 18.72 -30.75
N ILE C 121 -12.21 18.06 -30.10
CA ILE C 121 -11.62 16.85 -30.69
C ILE C 121 -11.58 15.77 -29.61
N LYS C 122 -12.07 14.58 -29.93
CA LYS C 122 -12.10 13.47 -28.98
C LYS C 122 -10.77 13.23 -28.30
N GLY C 123 -10.79 13.13 -26.97
CA GLY C 123 -9.57 12.87 -26.23
C GLY C 123 -9.56 11.41 -25.84
N GLU C 124 -9.01 11.09 -24.68
CA GLU C 124 -8.97 9.73 -24.21
C GLU C 124 -10.16 9.47 -23.32
N THR C 125 -10.73 10.54 -22.77
CA THR C 125 -11.88 10.44 -21.87
C THR C 125 -13.18 10.93 -22.49
N MET C 126 -14.24 10.93 -21.69
CA MET C 126 -15.55 11.37 -22.14
C MET C 126 -15.72 12.87 -22.05
N HIS C 127 -14.63 13.56 -21.73
CA HIS C 127 -14.63 15.01 -21.64
C HIS C 127 -15.22 15.60 -22.92
N PHE C 128 -14.74 15.10 -24.05
CA PHE C 128 -15.18 15.55 -25.35
C PHE C 128 -16.70 15.58 -25.47
N GLU C 129 -17.33 14.44 -25.25
CA GLU C 129 -18.76 14.35 -25.37
C GLU C 129 -19.57 15.19 -24.38
N TYR C 130 -19.12 15.30 -23.14
CA TYR C 130 -19.88 16.10 -22.18
C TYR C 130 -19.82 17.59 -22.44
N ILE C 131 -18.73 18.03 -23.04
CA ILE C 131 -18.59 19.42 -23.37
C ILE C 131 -19.33 19.74 -24.64
N ALA C 132 -19.19 18.87 -25.63
CA ALA C 132 -19.86 19.06 -26.92
C ALA C 132 -21.38 19.16 -26.76
N ASP C 133 -21.95 18.24 -26.00
CA ASP C 133 -23.38 18.22 -25.79
C ASP C 133 -23.90 19.45 -25.06
N SER C 134 -23.15 19.92 -24.07
CA SER C 134 -23.56 21.09 -23.29
C SER C 134 -23.37 22.39 -24.06
N VAL C 135 -22.25 22.49 -24.78
CA VAL C 135 -22.00 23.69 -25.56
C VAL C 135 -23.06 23.75 -26.64
N SER C 136 -23.42 22.61 -27.22
CA SER C 136 -24.43 22.57 -28.25
C SER C 136 -25.76 23.07 -27.74
N HIS C 137 -26.26 22.47 -26.67
CA HIS C 137 -27.52 22.92 -26.10
C HIS C 137 -27.40 24.34 -25.61
N GLY C 138 -26.24 24.69 -25.05
CA GLY C 138 -26.03 26.03 -24.57
C GLY C 138 -26.24 27.06 -25.66
N LEU C 139 -25.64 26.84 -26.83
CA LEU C 139 -25.78 27.76 -27.93
C LEU C 139 -27.21 27.78 -28.44
N MET C 140 -27.82 26.61 -28.58
CA MET C 140 -29.20 26.52 -29.04
C MET C 140 -30.08 27.35 -28.11
N ARG C 141 -29.76 27.34 -26.83
CA ARG C 141 -30.53 28.10 -25.86
C ARG C 141 -30.36 29.59 -26.01
N VAL C 142 -29.11 30.05 -26.02
CA VAL C 142 -28.83 31.49 -26.14
C VAL C 142 -29.57 32.01 -27.36
N GLN C 143 -29.58 31.19 -28.41
CA GLN C 143 -30.27 31.52 -29.65
C GLN C 143 -31.76 31.78 -29.40
N LEU C 144 -32.47 30.77 -28.90
CA LEU C 144 -33.90 30.88 -28.63
C LEU C 144 -34.23 31.88 -27.53
N ASP C 145 -33.36 31.97 -26.54
CA ASP C 145 -33.51 32.88 -25.41
C ASP C 145 -33.48 34.28 -25.91
N THR C 146 -32.42 34.57 -26.62
CA THR C 146 -32.12 35.88 -27.16
C THR C 146 -32.95 36.27 -28.38
N GLY C 147 -33.46 35.28 -29.09
CA GLY C 147 -34.24 35.56 -30.28
C GLY C 147 -33.33 36.01 -31.41
N VAL C 148 -32.03 35.80 -31.24
CA VAL C 148 -31.03 36.17 -32.25
C VAL C 148 -30.31 34.93 -32.77
N PRO C 149 -30.21 34.79 -34.09
CA PRO C 149 -29.52 33.61 -34.63
C PRO C 149 -28.08 33.52 -34.16
N VAL C 150 -27.68 32.33 -33.74
CA VAL C 150 -26.32 32.08 -33.32
C VAL C 150 -25.84 30.95 -34.20
N ILE C 151 -24.99 31.27 -35.15
CA ILE C 151 -24.48 30.27 -36.08
C ILE C 151 -23.62 29.26 -35.35
N PHE C 152 -23.92 27.99 -35.57
CA PHE C 152 -23.19 26.90 -34.93
C PHE C 152 -21.88 26.60 -35.66
N GLY C 153 -20.82 27.33 -35.32
CA GLY C 153 -19.54 27.12 -35.94
C GLY C 153 -18.64 26.29 -35.06
N VAL C 154 -19.20 25.26 -34.45
CA VAL C 154 -18.44 24.38 -33.57
C VAL C 154 -18.21 23.01 -34.21
N LEU C 155 -16.95 22.60 -34.28
CA LEU C 155 -16.62 21.30 -34.87
C LEU C 155 -16.47 20.29 -33.77
N THR C 156 -17.13 19.14 -33.95
CA THR C 156 -17.08 18.04 -33.00
C THR C 156 -16.48 16.89 -33.78
N VAL C 157 -15.16 16.91 -33.84
CA VAL C 157 -14.38 15.96 -34.60
C VAL C 157 -13.72 14.82 -33.81
N LEU C 158 -13.26 13.80 -34.51
CA LEU C 158 -12.61 12.66 -33.87
C LEU C 158 -11.10 12.63 -34.11
N THR C 159 -10.63 13.30 -35.16
CA THR C 159 -9.21 13.35 -35.45
C THR C 159 -8.78 14.71 -35.98
N ASP C 160 -7.53 15.08 -35.71
CA ASP C 160 -6.98 16.34 -36.17
C ASP C 160 -7.27 16.61 -37.64
N ASP C 161 -7.00 15.62 -38.48
CA ASP C 161 -7.22 15.76 -39.90
C ASP C 161 -8.64 16.17 -40.23
N GLN C 162 -9.61 15.62 -39.51
CA GLN C 162 -10.98 15.97 -39.79
C GLN C 162 -11.18 17.45 -39.57
N ALA C 163 -10.59 17.96 -38.49
CA ALA C 163 -10.70 19.39 -38.18
C ALA C 163 -10.12 20.18 -39.35
N LYS C 164 -8.89 19.86 -39.72
CA LYS C 164 -8.21 20.50 -40.83
C LYS C 164 -9.03 20.48 -42.11
N ALA C 165 -9.56 19.30 -42.45
CA ALA C 165 -10.38 19.18 -43.66
C ALA C 165 -11.55 20.16 -43.59
N ARG C 166 -12.25 20.20 -42.46
CA ARG C 166 -13.40 21.10 -42.30
C ARG C 166 -13.00 22.57 -42.26
N ALA C 167 -11.72 22.84 -42.02
CA ALA C 167 -11.22 24.21 -41.96
C ALA C 167 -10.59 24.67 -43.26
N GLY C 168 -10.63 23.81 -44.28
CA GLY C 168 -10.05 24.16 -45.55
C GLY C 168 -8.54 24.05 -45.55
N VAL C 169 -7.97 23.71 -44.40
CA VAL C 169 -6.52 23.59 -44.29
C VAL C 169 -5.94 22.61 -45.31
N ILE C 170 -6.43 21.37 -45.31
CA ILE C 170 -5.90 20.39 -46.25
C ILE C 170 -5.99 20.95 -47.68
N GLU C 171 -5.10 20.53 -48.57
CA GLU C 171 -5.14 21.01 -49.94
C GLU C 171 -6.53 20.70 -50.56
N GLY C 172 -7.09 21.71 -51.23
CA GLY C 172 -8.38 21.58 -51.88
C GLY C 172 -9.50 21.14 -50.95
N SER C 173 -9.42 21.53 -49.68
CA SER C 173 -10.45 21.16 -48.72
C SER C 173 -11.32 22.37 -48.48
N HIS C 174 -12.61 22.14 -48.32
CA HIS C 174 -13.61 23.20 -48.13
C HIS C 174 -13.75 23.75 -46.71
N ASN C 175 -13.41 25.03 -46.54
CA ASN C 175 -13.48 25.68 -45.24
C ASN C 175 -14.93 25.99 -44.85
N HIS C 176 -15.41 25.37 -43.79
CA HIS C 176 -16.78 25.60 -43.35
C HIS C 176 -17.02 27.01 -42.85
N GLY C 177 -15.95 27.68 -42.44
CA GLY C 177 -16.09 29.05 -41.97
C GLY C 177 -16.85 29.90 -42.98
N GLU C 178 -16.55 29.68 -44.26
CA GLU C 178 -17.22 30.41 -45.32
C GLU C 178 -18.73 30.21 -45.20
N ASP C 179 -19.14 28.97 -44.93
CA ASP C 179 -20.55 28.67 -44.78
C ASP C 179 -21.15 29.45 -43.65
N TRP C 180 -20.44 29.49 -42.53
CA TRP C 180 -20.93 30.17 -41.34
C TRP C 180 -21.09 31.69 -41.54
N GLY C 181 -20.10 32.32 -42.16
CA GLY C 181 -20.22 33.76 -42.41
C GLY C 181 -21.43 33.98 -43.29
N LEU C 182 -21.52 33.19 -44.35
CA LEU C 182 -22.62 33.30 -45.28
C LEU C 182 -23.97 33.17 -44.56
N ALA C 183 -24.05 32.18 -43.67
CA ALA C 183 -25.27 31.93 -42.92
C ALA C 183 -25.56 33.06 -41.94
N ALA C 184 -24.51 33.59 -41.32
CA ALA C 184 -24.67 34.67 -40.37
C ALA C 184 -25.41 35.82 -41.02
N VAL C 185 -24.99 36.18 -42.23
CA VAL C 185 -25.60 37.27 -42.98
C VAL C 185 -27.06 36.98 -43.29
N GLU C 186 -27.33 35.83 -43.89
CA GLU C 186 -28.70 35.48 -44.22
C GLU C 186 -29.61 35.58 -43.02
N MET C 187 -29.21 34.89 -41.96
CA MET C 187 -30.00 34.89 -40.74
C MET C 187 -30.15 36.28 -40.16
N GLY C 188 -29.09 37.08 -40.22
CA GLY C 188 -29.16 38.44 -39.70
C GLY C 188 -30.24 39.21 -40.43
N VAL C 189 -30.20 39.12 -41.75
CA VAL C 189 -31.19 39.80 -42.57
C VAL C 189 -32.59 39.30 -42.23
N ARG C 190 -32.74 37.98 -42.19
CA ARG C 190 -34.03 37.38 -41.88
C ARG C 190 -34.53 37.79 -40.51
N ARG C 191 -33.64 37.78 -39.51
CA ARG C 191 -34.04 38.20 -38.16
C ARG C 191 -34.69 39.58 -38.21
N ARG C 192 -34.04 40.51 -38.89
CA ARG C 192 -34.57 41.87 -39.01
C ARG C 192 -36.00 41.87 -39.54
N ASP C 193 -36.22 41.18 -40.65
CA ASP C 193 -37.56 41.14 -41.24
C ASP C 193 -38.57 40.57 -40.28
N TRP C 194 -38.19 39.50 -39.58
CA TRP C 194 -39.11 38.90 -38.62
C TRP C 194 -39.40 39.93 -37.56
N ALA C 195 -38.36 40.62 -37.11
CA ALA C 195 -38.51 41.63 -36.09
C ALA C 195 -39.45 42.72 -36.57
N ALA C 196 -39.54 42.87 -37.89
CA ALA C 196 -40.40 43.88 -38.50
C ALA C 196 -41.80 43.32 -38.75
N GLY C 197 -42.05 42.09 -38.31
CA GLY C 197 -43.34 41.48 -38.50
C GLY C 197 -43.60 41.07 -39.94
N LYS C 198 -42.56 41.06 -40.76
CA LYS C 198 -42.72 40.68 -42.17
C LYS C 198 -42.74 39.16 -42.34
N THR C 199 -43.59 38.66 -43.22
CA THR C 199 -43.64 37.22 -43.47
C THR C 199 -43.62 36.80 -44.96
N GLY D 5 -46.62 2.32 -38.49
CA GLY D 5 -47.56 3.16 -39.35
C GLY D 5 -48.64 3.86 -38.54
N PRO D 6 -49.02 5.09 -38.94
CA PRO D 6 -50.05 5.92 -38.27
C PRO D 6 -51.46 5.77 -38.86
N THR D 7 -52.44 6.44 -38.24
CA THR D 7 -53.82 6.38 -38.76
C THR D 7 -54.19 7.73 -39.39
N PRO D 8 -54.54 7.71 -40.69
CA PRO D 8 -54.90 8.91 -41.46
C PRO D 8 -56.13 9.65 -40.92
N GLN D 9 -56.09 10.98 -41.02
CA GLN D 9 -57.19 11.85 -40.58
C GLN D 9 -57.11 13.21 -41.28
N GLN D 10 -58.14 13.56 -42.02
CA GLN D 10 -58.15 14.83 -42.73
C GLN D 10 -59.13 15.74 -42.00
N HIS D 11 -58.67 16.94 -41.65
CA HIS D 11 -59.53 17.90 -40.98
C HIS D 11 -59.74 19.10 -41.88
N ASP D 12 -60.67 19.98 -41.48
CA ASP D 12 -60.98 21.17 -42.28
C ASP D 12 -59.74 22.04 -42.45
N GLY D 13 -59.38 22.79 -41.42
CA GLY D 13 -58.21 23.63 -41.57
C GLY D 13 -58.20 24.46 -42.83
N SER D 14 -59.33 25.11 -43.10
CA SER D 14 -59.46 25.99 -44.25
C SER D 14 -59.38 27.40 -43.69
N ALA D 15 -59.53 27.50 -42.37
CA ALA D 15 -59.48 28.76 -41.65
C ALA D 15 -58.13 28.83 -40.96
N LEU D 16 -57.24 27.92 -41.35
CA LEU D 16 -55.91 27.82 -40.78
C LEU D 16 -54.86 28.62 -41.52
N ARG D 17 -53.83 29.05 -40.81
CA ARG D 17 -52.72 29.77 -41.43
C ARG D 17 -51.50 28.98 -40.95
N ILE D 18 -50.83 28.32 -41.89
CA ILE D 18 -49.68 27.49 -41.57
C ILE D 18 -48.37 28.12 -41.98
N GLY D 19 -47.36 27.98 -41.13
CA GLY D 19 -46.05 28.52 -41.43
C GLY D 19 -45.07 27.37 -41.58
N ILE D 20 -44.28 27.39 -42.64
CA ILE D 20 -43.32 26.32 -42.88
C ILE D 20 -41.92 26.88 -43.06
N VAL D 21 -40.96 26.27 -42.39
CA VAL D 21 -39.56 26.69 -42.51
C VAL D 21 -38.79 25.44 -42.86
N HIS D 22 -38.07 25.46 -43.97
CA HIS D 22 -37.30 24.29 -44.34
C HIS D 22 -35.84 24.69 -44.53
N ALA D 23 -34.92 23.77 -44.22
CA ALA D 23 -33.51 24.04 -44.38
C ALA D 23 -33.20 23.77 -45.84
N ARG D 24 -31.98 24.08 -46.25
CA ARG D 24 -31.61 23.86 -47.63
C ARG D 24 -30.54 22.80 -47.87
N TRP D 25 -30.10 22.12 -46.82
CA TRP D 25 -29.11 21.08 -47.04
C TRP D 25 -29.86 19.90 -47.62
N ASN D 26 -29.27 19.24 -48.61
CA ASN D 26 -29.91 18.09 -49.22
C ASN D 26 -31.23 18.50 -49.87
N GLU D 27 -31.18 19.56 -50.68
CA GLU D 27 -32.38 20.06 -51.33
C GLU D 27 -33.12 19.03 -52.15
N THR D 28 -32.41 18.12 -52.80
CA THR D 28 -33.08 17.11 -53.62
C THR D 28 -34.02 16.24 -52.78
N ILE D 29 -33.86 16.31 -51.46
CA ILE D 29 -34.70 15.56 -50.54
C ILE D 29 -35.70 16.52 -49.92
N ILE D 30 -35.25 17.75 -49.67
CA ILE D 30 -36.11 18.77 -49.08
C ILE D 30 -37.30 19.08 -49.96
N GLU D 31 -37.04 19.27 -51.25
CA GLU D 31 -38.08 19.61 -52.21
C GLU D 31 -39.21 18.58 -52.24
N PRO D 32 -38.87 17.29 -52.43
CA PRO D 32 -39.91 16.25 -52.47
C PRO D 32 -40.74 16.31 -51.18
N LEU D 33 -40.05 16.53 -50.06
CA LEU D 33 -40.71 16.60 -48.78
C LEU D 33 -41.65 17.80 -48.75
N LEU D 34 -41.08 18.98 -48.95
CA LEU D 34 -41.85 20.21 -48.94
C LEU D 34 -43.07 20.11 -49.85
N ALA D 35 -42.83 19.55 -51.04
CA ALA D 35 -43.88 19.37 -52.04
C ALA D 35 -45.03 18.58 -51.45
N GLY D 36 -44.71 17.42 -50.87
CA GLY D 36 -45.74 16.58 -50.29
C GLY D 36 -46.49 17.24 -49.14
N THR D 37 -45.77 17.92 -48.28
CA THR D 37 -46.43 18.55 -47.14
C THR D 37 -47.32 19.69 -47.64
N LYS D 38 -46.82 20.52 -48.55
CA LYS D 38 -47.65 21.61 -49.06
C LYS D 38 -48.89 21.04 -49.75
N ALA D 39 -48.69 19.99 -50.55
CA ALA D 39 -49.78 19.33 -51.25
C ALA D 39 -50.91 18.99 -50.29
N LYS D 40 -50.62 18.13 -49.32
CA LYS D 40 -51.64 17.74 -48.36
C LYS D 40 -52.28 18.92 -47.63
N LEU D 41 -51.54 20.02 -47.48
CA LEU D 41 -52.11 21.18 -46.83
C LEU D 41 -53.28 21.67 -47.65
N LEU D 42 -53.02 21.99 -48.92
CA LEU D 42 -54.06 22.44 -49.84
C LEU D 42 -55.15 21.38 -49.85
N ALA D 43 -54.73 20.12 -49.98
CA ALA D 43 -55.66 19.00 -50.02
C ALA D 43 -56.63 19.03 -48.86
N CYS D 44 -56.24 19.71 -47.79
CA CYS D 44 -57.12 19.80 -46.62
C CYS D 44 -57.88 21.10 -46.58
N GLY D 45 -57.73 21.92 -47.61
CA GLY D 45 -58.49 23.15 -47.63
C GLY D 45 -57.74 24.37 -47.17
N VAL D 46 -56.47 24.21 -46.83
CA VAL D 46 -55.70 25.36 -46.42
C VAL D 46 -55.56 26.24 -47.66
N LYS D 47 -55.89 27.51 -47.54
CA LYS D 47 -55.75 28.41 -48.69
C LYS D 47 -54.30 28.68 -49.04
N GLU D 48 -53.98 28.52 -50.32
CA GLU D 48 -52.63 28.75 -50.80
C GLU D 48 -51.99 29.99 -50.20
N SER D 49 -52.77 31.06 -50.06
CA SER D 49 -52.25 32.32 -49.52
C SER D 49 -52.02 32.27 -48.01
N ASN D 50 -52.59 31.27 -47.34
CA ASN D 50 -52.41 31.14 -45.90
C ASN D 50 -51.29 30.20 -45.54
N ILE D 51 -50.48 29.84 -46.52
CA ILE D 51 -49.34 28.96 -46.31
C ILE D 51 -48.08 29.75 -46.55
N VAL D 52 -47.38 30.10 -45.48
CA VAL D 52 -46.13 30.84 -45.61
C VAL D 52 -45.00 29.82 -45.63
N VAL D 53 -44.01 30.03 -46.50
CA VAL D 53 -42.91 29.10 -46.61
C VAL D 53 -41.58 29.82 -46.75
N GLN D 54 -40.75 29.76 -45.73
CA GLN D 54 -39.45 30.41 -45.81
C GLN D 54 -38.37 29.34 -45.62
N SER D 55 -37.13 29.67 -45.99
CA SER D 55 -36.06 28.69 -45.84
C SER D 55 -34.90 29.24 -45.03
N VAL D 56 -33.98 28.35 -44.68
CA VAL D 56 -32.78 28.70 -43.93
C VAL D 56 -31.70 27.76 -44.44
N PRO D 57 -30.43 28.11 -44.19
CA PRO D 57 -29.36 27.23 -44.68
C PRO D 57 -29.38 25.81 -44.12
N GLY D 58 -29.20 25.66 -42.81
CA GLY D 58 -29.18 24.33 -42.22
C GLY D 58 -30.26 24.08 -41.17
N SER D 59 -30.32 22.85 -40.65
CA SER D 59 -31.30 22.49 -39.64
C SER D 59 -31.13 23.26 -38.35
N TRP D 60 -29.90 23.64 -38.05
CA TRP D 60 -29.62 24.40 -36.83
C TRP D 60 -30.46 25.67 -36.81
N GLU D 61 -30.70 26.22 -37.98
CA GLU D 61 -31.47 27.46 -38.09
C GLU D 61 -32.97 27.22 -37.93
N LEU D 62 -33.39 25.98 -38.10
CA LEU D 62 -34.80 25.63 -38.02
C LEU D 62 -35.50 26.17 -36.77
N PRO D 63 -35.09 25.75 -35.57
CA PRO D 63 -35.78 26.29 -34.39
C PRO D 63 -35.82 27.81 -34.24
N ILE D 64 -34.68 28.48 -34.41
CA ILE D 64 -34.66 29.94 -34.28
C ILE D 64 -35.56 30.56 -35.34
N ALA D 65 -35.49 30.02 -36.56
CA ALA D 65 -36.31 30.53 -37.64
C ALA D 65 -37.78 30.34 -37.37
N VAL D 66 -38.16 29.18 -36.85
CA VAL D 66 -39.56 28.93 -36.57
C VAL D 66 -40.05 29.84 -35.45
N GLN D 67 -39.21 30.04 -34.44
CA GLN D 67 -39.57 30.88 -33.32
C GLN D 67 -39.86 32.30 -33.76
N ARG D 68 -38.99 32.82 -34.63
CA ARG D 68 -39.12 34.17 -35.14
C ARG D 68 -40.23 34.34 -36.16
N LEU D 69 -40.43 33.33 -37.00
CA LEU D 69 -41.48 33.40 -38.01
C LEU D 69 -42.79 33.60 -37.27
N TYR D 70 -43.06 32.73 -36.31
CA TYR D 70 -44.29 32.83 -35.54
C TYR D 70 -44.32 34.20 -34.87
N SER D 71 -43.22 34.55 -34.23
CA SER D 71 -43.11 35.82 -33.55
C SER D 71 -43.60 36.94 -34.47
N ALA D 72 -43.16 36.91 -35.72
CA ALA D 72 -43.55 37.92 -36.68
C ALA D 72 -45.05 37.90 -36.92
N SER D 73 -45.59 36.74 -37.23
CA SER D 73 -47.02 36.61 -37.49
C SER D 73 -47.87 37.24 -36.38
N GLN D 74 -47.33 37.29 -35.18
CA GLN D 74 -48.04 37.88 -34.05
C GLN D 74 -48.09 39.40 -34.15
N LEU D 75 -46.97 40.01 -34.51
CA LEU D 75 -46.92 41.46 -34.65
C LEU D 75 -47.97 41.97 -35.67
N GLN D 76 -48.38 41.10 -36.56
CA GLN D 76 -49.36 41.47 -37.57
C GLN D 76 -50.79 41.54 -36.99
N SER D 107 -52.65 34.93 -45.05
CA SER D 107 -52.75 36.41 -44.83
C SER D 107 -53.12 36.82 -43.38
N THR D 108 -52.19 37.54 -42.75
CA THR D 108 -52.29 38.04 -41.36
C THR D 108 -52.83 37.07 -40.30
N GLY D 109 -52.46 37.33 -39.05
CA GLY D 109 -52.92 36.49 -37.95
C GLY D 109 -51.85 35.47 -37.58
N PRO D 110 -51.53 35.35 -36.29
CA PRO D 110 -50.51 34.38 -35.89
C PRO D 110 -50.84 32.99 -36.42
N PHE D 111 -49.83 32.29 -36.93
CA PHE D 111 -50.02 30.94 -37.45
C PHE D 111 -50.66 30.01 -36.42
N ASP D 112 -51.42 29.06 -36.93
CA ASP D 112 -52.11 28.11 -36.05
C ASP D 112 -51.27 26.87 -35.84
N ALA D 113 -50.30 26.66 -36.73
CA ALA D 113 -49.40 25.52 -36.65
C ALA D 113 -48.16 25.81 -37.49
N LEU D 114 -47.04 25.22 -37.10
CA LEU D 114 -45.79 25.42 -37.80
C LEU D 114 -45.18 24.09 -38.19
N ILE D 115 -44.38 24.08 -39.24
CA ILE D 115 -43.73 22.85 -39.70
C ILE D 115 -42.27 23.11 -39.94
N ALA D 116 -41.40 22.31 -39.36
CA ALA D 116 -39.97 22.45 -39.55
C ALA D 116 -39.48 21.29 -40.40
N ILE D 117 -38.91 21.58 -41.56
CA ILE D 117 -38.43 20.53 -42.44
C ILE D 117 -36.93 20.62 -42.57
N GLY D 118 -36.24 19.52 -42.26
CA GLY D 118 -34.80 19.51 -42.35
C GLY D 118 -34.35 18.10 -42.66
N VAL D 119 -33.14 17.94 -43.17
CA VAL D 119 -32.64 16.62 -43.50
C VAL D 119 -31.21 16.46 -43.05
N LEU D 120 -31.01 15.74 -41.94
CA LEU D 120 -29.67 15.49 -41.41
C LEU D 120 -29.22 14.11 -41.87
N ILE D 121 -27.98 14.02 -42.32
CA ILE D 121 -27.42 12.74 -42.76
C ILE D 121 -26.07 12.56 -42.11
N LYS D 122 -25.85 11.40 -41.49
CA LYS D 122 -24.58 11.11 -40.82
C LYS D 122 -23.38 11.39 -41.69
N GLY D 123 -22.42 12.12 -41.15
CA GLY D 123 -21.20 12.41 -41.90
C GLY D 123 -20.10 11.50 -41.40
N GLU D 124 -18.87 11.98 -41.37
CA GLU D 124 -17.76 11.18 -40.87
C GLU D 124 -17.54 11.48 -39.39
N THR D 125 -18.02 12.65 -38.96
CA THR D 125 -17.84 13.07 -37.57
C THR D 125 -19.15 13.03 -36.79
N MET D 126 -19.09 13.50 -35.55
CA MET D 126 -20.23 13.52 -34.65
C MET D 126 -21.09 14.76 -34.85
N HIS D 127 -20.75 15.54 -35.87
CA HIS D 127 -21.49 16.75 -36.21
C HIS D 127 -22.98 16.40 -36.31
N PHE D 128 -23.28 15.33 -37.05
CA PHE D 128 -24.64 14.86 -37.26
C PHE D 128 -25.43 14.76 -35.97
N GLU D 129 -24.91 13.98 -35.04
CA GLU D 129 -25.58 13.78 -33.77
C GLU D 129 -25.72 15.03 -32.90
N TYR D 130 -24.72 15.90 -32.85
CA TYR D 130 -24.85 17.07 -32.01
C TYR D 130 -25.85 18.09 -32.54
N ILE D 131 -26.01 18.10 -33.85
CA ILE D 131 -26.96 19.01 -34.45
C ILE D 131 -28.37 18.46 -34.36
N ALA D 132 -28.50 17.16 -34.60
CA ALA D 132 -29.80 16.51 -34.55
C ALA D 132 -30.42 16.64 -33.17
N ASP D 133 -29.63 16.37 -32.14
CA ASP D 133 -30.14 16.43 -30.78
C ASP D 133 -30.55 17.82 -30.39
N SER D 134 -29.78 18.83 -30.77
CA SER D 134 -30.10 20.21 -30.42
C SER D 134 -31.27 20.77 -31.21
N VAL D 135 -31.31 20.46 -32.49
CA VAL D 135 -32.41 20.92 -33.32
C VAL D 135 -33.70 20.27 -32.81
N SER D 136 -33.60 19.00 -32.42
CA SER D 136 -34.77 18.29 -31.89
C SER D 136 -35.28 18.97 -30.64
N HIS D 137 -34.44 19.13 -29.63
CA HIS D 137 -34.87 19.79 -28.41
C HIS D 137 -35.26 21.23 -28.69
N GLY D 138 -34.54 21.86 -29.62
CA GLY D 138 -34.84 23.24 -29.98
C GLY D 138 -36.27 23.36 -30.44
N LEU D 139 -36.69 22.49 -31.35
CA LEU D 139 -38.05 22.54 -31.88
C LEU D 139 -39.06 22.19 -30.80
N MET D 140 -38.76 21.17 -30.02
CA MET D 140 -39.65 20.78 -28.93
C MET D 140 -39.87 21.97 -28.01
N ARG D 141 -38.82 22.76 -27.81
CA ARG D 141 -38.93 23.92 -26.96
C ARG D 141 -39.80 25.02 -27.55
N VAL D 142 -39.51 25.41 -28.78
CA VAL D 142 -40.27 26.46 -29.45
C VAL D 142 -41.74 26.10 -29.37
N GLN D 143 -42.02 24.81 -29.50
CA GLN D 143 -43.36 24.30 -29.46
C GLN D 143 -44.00 24.61 -28.12
N LEU D 144 -43.41 24.11 -27.05
CA LEU D 144 -43.93 24.32 -25.70
C LEU D 144 -43.89 25.77 -25.25
N ASP D 145 -42.85 26.48 -25.67
CA ASP D 145 -42.65 27.89 -25.35
C ASP D 145 -43.78 28.69 -25.92
N THR D 146 -43.94 28.53 -27.22
CA THR D 146 -44.93 29.22 -28.01
C THR D 146 -46.37 28.72 -27.82
N GLY D 147 -46.54 27.48 -27.39
CA GLY D 147 -47.86 26.96 -27.20
C GLY D 147 -48.50 26.63 -28.54
N VAL D 148 -47.67 26.63 -29.59
CA VAL D 148 -48.12 26.34 -30.94
C VAL D 148 -47.46 25.08 -31.48
N PRO D 149 -48.25 24.14 -32.01
CA PRO D 149 -47.67 22.90 -32.54
C PRO D 149 -46.64 23.16 -33.63
N VAL D 150 -45.50 22.50 -33.52
CA VAL D 150 -44.45 22.62 -34.52
C VAL D 150 -44.19 21.20 -35.00
N ILE D 151 -44.67 20.89 -36.19
CA ILE D 151 -44.52 19.56 -36.74
C ILE D 151 -43.05 19.24 -36.97
N PHE D 152 -42.63 18.09 -36.47
CA PHE D 152 -41.25 17.64 -36.59
C PHE D 152 -40.99 17.00 -37.96
N GLY D 153 -40.70 17.83 -38.96
CA GLY D 153 -40.44 17.31 -40.29
C GLY D 153 -38.94 17.25 -40.55
N VAL D 154 -38.19 16.79 -39.55
CA VAL D 154 -36.75 16.65 -39.69
C VAL D 154 -36.32 15.19 -39.79
N LEU D 155 -35.58 14.86 -40.83
CA LEU D 155 -35.11 13.50 -41.01
C LEU D 155 -33.69 13.37 -40.46
N THR D 156 -33.50 12.34 -39.65
CA THR D 156 -32.19 12.05 -39.06
C THR D 156 -31.83 10.68 -39.61
N VAL D 157 -31.28 10.70 -40.80
CA VAL D 157 -30.91 9.52 -41.55
C VAL D 157 -29.43 9.15 -41.54
N LEU D 158 -29.15 7.91 -41.94
CA LEU D 158 -27.78 7.43 -42.00
C LEU D 158 -27.24 7.32 -43.41
N THR D 159 -28.11 7.20 -44.40
CA THR D 159 -27.69 7.11 -45.81
C THR D 159 -28.63 7.87 -46.72
N ASP D 160 -28.09 8.36 -47.83
CA ASP D 160 -28.88 9.11 -48.81
C ASP D 160 -30.19 8.41 -49.17
N ASP D 161 -30.08 7.12 -49.50
CA ASP D 161 -31.25 6.35 -49.87
C ASP D 161 -32.36 6.42 -48.82
N GLN D 162 -31.99 6.39 -47.54
CA GLN D 162 -32.99 6.44 -46.50
C GLN D 162 -33.74 7.75 -46.63
N ALA D 163 -33.02 8.82 -46.89
CA ALA D 163 -33.65 10.13 -47.04
C ALA D 163 -34.65 10.04 -48.17
N LYS D 164 -34.17 9.60 -49.33
CA LYS D 164 -35.01 9.47 -50.52
C LYS D 164 -36.25 8.62 -50.26
N ALA D 165 -36.07 7.48 -49.60
CA ALA D 165 -37.20 6.62 -49.30
C ALA D 165 -38.24 7.38 -48.49
N ARG D 166 -37.79 8.11 -47.46
CA ARG D 166 -38.71 8.86 -46.61
C ARG D 166 -39.31 10.07 -47.32
N ALA D 167 -38.72 10.46 -48.44
CA ALA D 167 -39.23 11.61 -49.19
C ALA D 167 -40.12 11.19 -50.35
N GLY D 168 -40.34 9.89 -50.49
CA GLY D 168 -41.16 9.39 -51.58
C GLY D 168 -40.42 9.34 -52.91
N VAL D 169 -39.16 9.82 -52.91
CA VAL D 169 -38.36 9.84 -54.13
C VAL D 169 -38.22 8.45 -54.75
N ILE D 170 -37.72 7.49 -53.97
CA ILE D 170 -37.54 6.13 -54.45
C ILE D 170 -38.86 5.44 -54.79
N GLU D 171 -39.11 5.29 -56.10
CA GLU D 171 -40.35 4.66 -56.58
C GLU D 171 -41.04 3.72 -55.58
N GLY D 172 -42.30 4.06 -55.25
CA GLY D 172 -43.04 3.24 -54.33
C GLY D 172 -42.75 3.55 -52.88
N SER D 173 -41.79 4.44 -52.64
CA SER D 173 -41.46 4.81 -51.25
C SER D 173 -42.49 5.84 -50.80
N HIS D 174 -42.68 5.97 -49.49
CA HIS D 174 -43.66 6.89 -48.96
C HIS D 174 -43.08 8.29 -48.73
N ASN D 175 -43.84 9.33 -49.07
CA ASN D 175 -43.35 10.66 -48.78
C ASN D 175 -43.91 11.10 -47.43
N HIS D 176 -43.05 11.24 -46.43
CA HIS D 176 -43.49 11.65 -45.09
C HIS D 176 -44.03 13.07 -45.07
N GLY D 177 -43.66 13.88 -46.05
CA GLY D 177 -44.14 15.25 -46.10
C GLY D 177 -45.65 15.27 -46.02
N GLU D 178 -46.28 14.32 -46.71
CA GLU D 178 -47.73 14.23 -46.69
C GLU D 178 -48.21 14.09 -45.25
N ASP D 179 -47.53 13.26 -44.47
CA ASP D 179 -47.90 13.07 -43.09
C ASP D 179 -47.81 14.37 -42.32
N TRP D 180 -46.73 15.10 -42.54
CA TRP D 180 -46.53 16.36 -41.83
C TRP D 180 -47.58 17.41 -42.15
N GLY D 181 -47.92 17.56 -43.42
CA GLY D 181 -48.94 18.55 -43.78
C GLY D 181 -50.24 18.15 -43.09
N LEU D 182 -50.58 16.88 -43.20
CA LEU D 182 -51.78 16.34 -42.60
C LEU D 182 -51.80 16.64 -41.11
N ALA D 183 -50.67 16.39 -40.44
CA ALA D 183 -50.56 16.63 -39.01
C ALA D 183 -50.66 18.11 -38.67
N ALA D 184 -50.04 18.94 -39.50
CA ALA D 184 -50.07 20.37 -39.28
C ALA D 184 -51.51 20.87 -39.18
N VAL D 185 -52.35 20.40 -40.09
CA VAL D 185 -53.75 20.79 -40.11
C VAL D 185 -54.46 20.32 -38.84
N GLU D 186 -54.36 19.03 -38.54
CA GLU D 186 -55.01 18.51 -37.35
C GLU D 186 -54.63 19.30 -36.11
N MET D 187 -53.33 19.44 -35.90
CA MET D 187 -52.84 20.15 -34.73
C MET D 187 -53.29 21.62 -34.73
N GLY D 188 -53.31 22.23 -35.91
CA GLY D 188 -53.72 23.62 -36.01
C GLY D 188 -55.15 23.74 -35.51
N VAL D 189 -55.99 22.86 -36.00
CA VAL D 189 -57.39 22.85 -35.61
C VAL D 189 -57.50 22.63 -34.11
N ARG D 190 -56.80 21.62 -33.62
CA ARG D 190 -56.83 21.28 -32.20
C ARG D 190 -56.34 22.44 -31.35
N ARG D 191 -55.26 23.08 -31.77
CA ARG D 191 -54.71 24.22 -31.01
C ARG D 191 -55.81 25.25 -30.80
N ARG D 192 -56.53 25.59 -31.88
CA ARG D 192 -57.62 26.56 -31.79
C ARG D 192 -58.63 26.19 -30.71
N ASP D 193 -59.13 24.96 -30.75
CA ASP D 193 -60.10 24.53 -29.76
C ASP D 193 -59.56 24.65 -28.36
N TRP D 194 -58.32 24.22 -28.16
CA TRP D 194 -57.73 24.31 -26.84
C TRP D 194 -57.70 25.77 -26.45
N ALA D 195 -57.30 26.62 -27.38
CA ALA D 195 -57.22 28.05 -27.11
C ALA D 195 -58.60 28.58 -26.74
N ALA D 196 -59.64 27.88 -27.17
CA ALA D 196 -61.01 28.27 -26.89
C ALA D 196 -61.51 27.64 -25.60
N GLY D 197 -60.63 26.94 -24.91
CA GLY D 197 -61.01 26.29 -23.67
C GLY D 197 -61.90 25.07 -23.88
N LYS D 198 -61.99 24.58 -25.10
CA LYS D 198 -62.83 23.41 -25.39
C LYS D 198 -62.10 22.12 -25.06
N THR D 199 -62.81 21.13 -24.51
CA THR D 199 -62.18 19.85 -24.19
C THR D 199 -62.99 18.63 -24.67
N GLY E 5 -40.29 -4.74 -10.97
CA GLY E 5 -41.76 -4.60 -10.68
C GLY E 5 -42.08 -3.60 -9.59
N PRO E 6 -43.23 -2.90 -9.71
CA PRO E 6 -43.69 -1.88 -8.76
C PRO E 6 -44.65 -2.43 -7.70
N THR E 7 -45.03 -1.55 -6.77
CA THR E 7 -46.01 -1.85 -5.70
C THR E 7 -47.25 -0.91 -5.86
N PRO E 8 -48.32 -1.30 -6.60
CA PRO E 8 -49.47 -0.44 -6.82
C PRO E 8 -50.13 -0.09 -5.55
N GLN E 9 -51.07 0.73 -5.73
CA GLN E 9 -51.84 1.25 -4.67
C GLN E 9 -53.05 1.83 -5.30
N GLN E 10 -54.16 1.54 -4.74
CA GLN E 10 -55.39 2.07 -5.26
C GLN E 10 -55.84 3.22 -4.36
N HIS E 11 -56.07 4.39 -4.94
CA HIS E 11 -56.51 5.53 -4.16
C HIS E 11 -57.92 5.89 -4.59
N ASP E 12 -58.55 6.81 -3.85
CA ASP E 12 -59.92 7.25 -4.14
C ASP E 12 -59.98 7.87 -5.53
N GLY E 13 -59.52 9.10 -5.65
CA GLY E 13 -59.58 9.71 -6.98
C GLY E 13 -60.93 9.60 -7.67
N SER E 14 -61.99 9.92 -6.92
CA SER E 14 -63.35 9.90 -7.42
C SER E 14 -63.71 11.37 -7.62
N ALA E 15 -62.90 12.24 -7.01
CA ALA E 15 -63.10 13.67 -7.11
C ALA E 15 -62.06 14.22 -8.08
N LEU E 16 -61.44 13.29 -8.81
CA LEU E 16 -60.40 13.62 -9.76
C LEU E 16 -60.91 13.80 -11.18
N ARG E 17 -60.21 14.64 -11.94
CA ARG E 17 -60.55 14.85 -13.34
C ARG E 17 -59.24 14.57 -14.07
N ILE E 18 -59.22 13.50 -14.86
CA ILE E 18 -58.03 13.10 -15.57
C ILE E 18 -58.09 13.38 -17.07
N GLY E 19 -56.98 13.85 -17.62
CA GLY E 19 -56.91 14.13 -19.04
C GLY E 19 -55.93 13.19 -19.68
N ILE E 20 -56.34 12.56 -20.78
CA ILE E 20 -55.47 11.61 -21.48
C ILE E 20 -55.29 11.99 -22.93
N VAL E 21 -54.06 11.96 -23.41
CA VAL E 21 -53.77 12.27 -24.80
C VAL E 21 -52.96 11.11 -25.32
N HIS E 22 -53.44 10.46 -26.37
CA HIS E 22 -52.68 9.34 -26.91
C HIS E 22 -52.39 9.58 -28.37
N ALA E 23 -51.26 9.09 -28.85
CA ALA E 23 -50.90 9.25 -30.25
C ALA E 23 -51.63 8.14 -31.00
N ARG E 24 -51.55 8.19 -32.33
CA ARG E 24 -52.23 7.17 -33.12
C ARG E 24 -51.34 6.22 -33.89
N TRP E 25 -50.02 6.37 -33.76
CA TRP E 25 -49.13 5.45 -34.45
C TRP E 25 -49.18 4.14 -33.71
N ASN E 26 -49.24 3.02 -34.43
CA ASN E 26 -49.31 1.71 -33.81
C ASN E 26 -50.60 1.60 -32.97
N GLU E 27 -51.73 1.92 -33.57
CA GLU E 27 -53.01 1.87 -32.86
C GLU E 27 -53.32 0.53 -32.23
N THR E 28 -52.94 -0.56 -32.89
CA THR E 28 -53.24 -1.88 -32.34
C THR E 28 -52.57 -2.09 -30.98
N ILE E 29 -51.62 -1.21 -30.66
CA ILE E 29 -50.92 -1.26 -29.38
C ILE E 29 -51.48 -0.16 -28.50
N ILE E 30 -51.79 0.99 -29.10
CA ILE E 30 -52.33 2.12 -28.37
C ILE E 30 -53.66 1.78 -27.70
N GLU E 31 -54.55 1.14 -28.44
CA GLU E 31 -55.86 0.77 -27.94
C GLU E 31 -55.79 -0.10 -26.69
N PRO E 32 -55.06 -1.21 -26.75
CA PRO E 32 -54.95 -2.10 -25.59
C PRO E 32 -54.44 -1.30 -24.38
N LEU E 33 -53.49 -0.41 -24.63
CA LEU E 33 -52.92 0.42 -23.57
C LEU E 33 -53.98 1.34 -23.02
N LEU E 34 -54.56 2.16 -23.90
CA LEU E 34 -55.59 3.11 -23.49
C LEU E 34 -56.72 2.41 -22.73
N ALA E 35 -57.12 1.25 -23.23
CA ALA E 35 -58.16 0.47 -22.61
C ALA E 35 -57.82 0.17 -21.17
N GLY E 36 -56.62 -0.38 -20.97
CA GLY E 36 -56.19 -0.71 -19.63
C GLY E 36 -56.10 0.49 -18.71
N THR E 37 -55.56 1.58 -19.21
CA THR E 37 -55.42 2.73 -18.35
C THR E 37 -56.79 3.29 -17.99
N LYS E 38 -57.68 3.40 -18.97
CA LYS E 38 -59.02 3.93 -18.69
C LYS E 38 -59.74 3.00 -17.70
N ALA E 39 -59.60 1.70 -17.92
CA ALA E 39 -60.20 0.70 -17.05
C ALA E 39 -59.85 0.99 -15.60
N LYS E 40 -58.56 0.90 -15.26
CA LYS E 40 -58.09 1.15 -13.91
C LYS E 40 -58.52 2.51 -13.36
N LEU E 41 -58.72 3.50 -14.23
CA LEU E 41 -59.17 4.80 -13.76
C LEU E 41 -60.56 4.64 -13.13
N LEU E 42 -61.49 4.08 -13.91
CA LEU E 42 -62.85 3.84 -13.43
C LEU E 42 -62.75 2.95 -12.20
N ALA E 43 -61.96 1.89 -12.31
CA ALA E 43 -61.76 0.96 -11.23
C ALA E 43 -61.39 1.69 -9.92
N CYS E 44 -60.83 2.89 -10.05
CA CYS E 44 -60.46 3.65 -8.88
C CYS E 44 -61.51 4.68 -8.50
N GLY E 45 -62.63 4.67 -9.19
CA GLY E 45 -63.69 5.60 -8.84
C GLY E 45 -63.73 6.87 -9.64
N VAL E 46 -62.84 7.00 -10.61
CA VAL E 46 -62.84 8.20 -11.43
C VAL E 46 -64.13 8.14 -12.23
N LYS E 47 -64.92 9.21 -12.20
CA LYS E 47 -66.17 9.22 -12.96
C LYS E 47 -65.92 9.26 -14.46
N GLU E 48 -66.60 8.37 -15.17
CA GLU E 48 -66.48 8.28 -16.62
C GLU E 48 -66.47 9.66 -17.28
N SER E 49 -67.32 10.55 -16.79
CA SER E 49 -67.42 11.89 -17.35
C SER E 49 -66.26 12.79 -16.99
N ASN E 50 -65.46 12.40 -16.00
CA ASN E 50 -64.31 13.21 -15.60
C ASN E 50 -63.02 12.74 -16.24
N ILE E 51 -63.15 11.85 -17.23
CA ILE E 51 -61.99 11.33 -17.95
C ILE E 51 -62.07 11.86 -19.38
N VAL E 52 -61.19 12.80 -19.72
CA VAL E 52 -61.15 13.37 -21.07
C VAL E 52 -60.09 12.61 -21.84
N VAL E 53 -60.40 12.27 -23.08
CA VAL E 53 -59.46 11.51 -23.89
C VAL E 53 -59.39 12.04 -25.30
N GLN E 54 -58.26 12.63 -25.68
CA GLN E 54 -58.11 13.16 -27.02
C GLN E 54 -56.91 12.47 -27.65
N SER E 55 -56.80 12.55 -28.97
CA SER E 55 -55.67 11.94 -29.65
C SER E 55 -54.93 12.91 -30.54
N VAL E 56 -53.76 12.45 -31.01
CA VAL E 56 -52.90 13.22 -31.89
C VAL E 56 -52.25 12.21 -32.81
N PRO E 57 -51.72 12.67 -33.94
CA PRO E 57 -51.09 11.73 -34.85
C PRO E 57 -49.90 10.95 -34.29
N GLY E 58 -48.82 11.64 -33.94
CA GLY E 58 -47.68 10.95 -33.40
C GLY E 58 -47.28 11.35 -31.99
N SER E 59 -46.25 10.71 -31.45
CA SER E 59 -45.76 11.02 -30.11
C SER E 59 -45.23 12.45 -29.98
N TRP E 60 -44.68 12.97 -31.06
CA TRP E 60 -44.14 14.31 -31.05
C TRP E 60 -45.20 15.30 -30.62
N GLU E 61 -46.44 15.00 -30.96
CA GLU E 61 -47.57 15.87 -30.61
C GLU E 61 -47.98 15.74 -29.15
N LEU E 62 -47.58 14.64 -28.54
CA LEU E 62 -47.93 14.38 -27.16
C LEU E 62 -47.70 15.53 -26.20
N PRO E 63 -46.44 15.97 -26.03
CA PRO E 63 -46.22 17.08 -25.11
C PRO E 63 -46.99 18.37 -25.39
N ILE E 64 -46.98 18.84 -26.64
CA ILE E 64 -47.71 20.06 -26.95
C ILE E 64 -49.20 19.86 -26.69
N ALA E 65 -49.72 18.71 -27.09
CA ALA E 65 -51.12 18.41 -26.88
C ALA E 65 -51.47 18.37 -25.40
N VAL E 66 -50.62 17.75 -24.59
CA VAL E 66 -50.89 17.68 -23.16
C VAL E 66 -50.85 19.08 -22.53
N GLN E 67 -49.88 19.87 -22.94
CA GLN E 67 -49.73 21.22 -22.41
C GLN E 67 -50.97 22.05 -22.67
N ARG E 68 -51.48 21.96 -23.89
CA ARG E 68 -52.67 22.70 -24.30
C ARG E 68 -53.96 22.16 -23.72
N LEU E 69 -54.05 20.84 -23.60
CA LEU E 69 -55.26 20.24 -23.06
C LEU E 69 -55.45 20.82 -21.67
N TYR E 70 -54.41 20.70 -20.85
CA TYR E 70 -54.46 21.22 -19.49
C TYR E 70 -54.78 22.69 -19.53
N SER E 71 -54.07 23.40 -20.39
CA SER E 71 -54.26 24.83 -20.55
C SER E 71 -55.74 25.13 -20.72
N ALA E 72 -56.42 24.36 -21.56
CA ALA E 72 -57.83 24.55 -21.81
C ALA E 72 -58.64 24.33 -20.55
N SER E 73 -58.46 23.18 -19.91
CA SER E 73 -59.19 22.87 -18.68
C SER E 73 -59.14 24.03 -17.68
N GLN E 74 -58.07 24.82 -17.74
CA GLN E 74 -57.93 25.95 -16.84
C GLN E 74 -58.90 27.07 -17.18
N LEU E 75 -59.01 27.39 -18.47
CA LEU E 75 -59.90 28.44 -18.93
C LEU E 75 -61.34 28.18 -18.50
N GLN E 76 -61.67 26.92 -18.24
CA GLN E 76 -63.02 26.56 -17.82
C GLN E 76 -63.27 26.92 -16.34
N SER E 107 -66.02 16.66 -16.00
CA SER E 107 -66.75 17.94 -16.23
C SER E 107 -66.14 19.11 -15.45
N THR E 108 -65.68 20.11 -16.21
CA THR E 108 -65.05 21.36 -15.74
C THR E 108 -64.03 21.24 -14.61
N GLY E 109 -63.14 22.23 -14.54
CA GLY E 109 -62.10 22.22 -13.51
C GLY E 109 -60.80 21.69 -14.07
N PRO E 110 -59.67 22.38 -13.85
CA PRO E 110 -58.39 21.91 -14.38
C PRO E 110 -58.12 20.46 -13.95
N PHE E 111 -57.60 19.65 -14.87
CA PHE E 111 -57.31 18.27 -14.56
C PHE E 111 -56.38 18.14 -13.37
N ASP E 112 -56.53 17.04 -12.64
CA ASP E 112 -55.70 16.80 -11.47
C ASP E 112 -54.47 15.98 -11.84
N ALA E 113 -54.53 15.32 -12.99
CA ALA E 113 -53.44 14.50 -13.48
C ALA E 113 -53.65 14.26 -14.96
N LEU E 114 -52.53 14.07 -15.68
CA LEU E 114 -52.58 13.85 -17.12
C LEU E 114 -51.83 12.59 -17.47
N ILE E 115 -52.19 11.97 -18.58
CA ILE E 115 -51.53 10.75 -19.01
C ILE E 115 -51.19 10.86 -20.49
N ALA E 116 -49.94 10.60 -20.84
CA ALA E 116 -49.53 10.66 -22.23
C ALA E 116 -49.25 9.24 -22.69
N ILE E 117 -49.97 8.80 -23.71
CA ILE E 117 -49.77 7.45 -24.23
C ILE E 117 -49.24 7.50 -25.66
N GLY E 118 -48.10 6.85 -25.88
CA GLY E 118 -47.50 6.83 -27.20
C GLY E 118 -46.73 5.56 -27.35
N VAL E 119 -46.45 5.16 -28.60
CA VAL E 119 -45.71 3.93 -28.85
C VAL E 119 -44.66 4.16 -29.92
N LEU E 120 -43.40 4.28 -29.51
CA LEU E 120 -42.30 4.48 -30.44
C LEU E 120 -41.64 3.12 -30.69
N ILE E 121 -41.34 2.82 -31.94
CA ILE E 121 -40.68 1.57 -32.27
C ILE E 121 -39.52 1.88 -33.19
N LYS E 122 -38.33 1.35 -32.87
CA LYS E 122 -37.14 1.57 -33.69
C LYS E 122 -37.36 1.30 -35.16
N GLY E 123 -36.98 2.25 -36.00
CA GLY E 123 -37.11 2.08 -37.43
C GLY E 123 -35.75 1.71 -38.00
N GLU E 124 -35.45 2.18 -39.21
CA GLU E 124 -34.16 1.87 -39.82
C GLU E 124 -33.22 3.03 -39.54
N THR E 125 -33.78 4.20 -39.24
CA THR E 125 -32.98 5.37 -38.97
C THR E 125 -32.99 5.78 -37.50
N MET E 126 -32.35 6.91 -37.21
CA MET E 126 -32.26 7.42 -35.85
C MET E 126 -33.48 8.24 -35.45
N HIS E 127 -34.47 8.25 -36.34
CA HIS E 127 -35.72 8.97 -36.09
C HIS E 127 -36.27 8.56 -34.73
N PHE E 128 -36.30 7.26 -34.48
CA PHE E 128 -36.79 6.71 -33.22
C PHE E 128 -36.19 7.40 -32.01
N GLU E 129 -34.86 7.38 -31.93
CA GLU E 129 -34.19 7.98 -30.79
C GLU E 129 -34.34 9.49 -30.65
N TYR E 130 -34.35 10.23 -31.75
CA TYR E 130 -34.50 11.68 -31.61
C TYR E 130 -35.87 12.10 -31.18
N ILE E 131 -36.87 11.30 -31.51
CA ILE E 131 -38.24 11.62 -31.11
C ILE E 131 -38.49 11.18 -29.70
N ALA E 132 -37.97 10.01 -29.34
CA ALA E 132 -38.15 9.47 -28.01
C ALA E 132 -37.54 10.39 -26.95
N ASP E 133 -36.31 10.82 -27.19
CA ASP E 133 -35.62 11.69 -26.26
C ASP E 133 -36.30 13.04 -26.07
N SER E 134 -36.80 13.62 -27.16
CA SER E 134 -37.49 14.91 -27.09
C SER E 134 -38.87 14.81 -26.49
N VAL E 135 -39.60 13.76 -26.84
CA VAL E 135 -40.93 13.59 -26.29
C VAL E 135 -40.79 13.35 -24.80
N SER E 136 -39.77 12.60 -24.41
CA SER E 136 -39.52 12.31 -23.01
C SER E 136 -39.27 13.59 -22.24
N HIS E 137 -38.28 14.37 -22.66
CA HIS E 137 -37.99 15.62 -21.98
C HIS E 137 -39.18 16.57 -22.09
N GLY E 138 -39.85 16.53 -23.22
CA GLY E 138 -41.01 17.38 -23.40
C GLY E 138 -42.05 17.15 -22.34
N LEU E 139 -42.39 15.87 -22.10
CA LEU E 139 -43.39 15.54 -21.10
C LEU E 139 -42.89 15.88 -19.71
N MET E 140 -41.63 15.58 -19.44
CA MET E 140 -41.05 15.88 -18.14
C MET E 140 -41.18 17.37 -17.89
N ARG E 141 -41.05 18.16 -18.94
CA ARG E 141 -41.14 19.60 -18.81
C ARG E 141 -42.54 20.06 -18.54
N VAL E 142 -43.50 19.64 -19.36
CA VAL E 142 -44.89 20.03 -19.17
C VAL E 142 -45.30 19.73 -17.73
N GLN E 143 -44.81 18.62 -17.23
CA GLN E 143 -45.08 18.18 -15.87
C GLN E 143 -44.59 19.23 -14.86
N LEU E 144 -43.31 19.52 -14.89
CA LEU E 144 -42.70 20.48 -13.99
C LEU E 144 -43.18 21.90 -14.21
N ASP E 145 -43.43 22.23 -15.46
CA ASP E 145 -43.90 23.55 -15.86
C ASP E 145 -45.25 23.80 -15.25
N THR E 146 -46.14 22.86 -15.55
CA THR E 146 -47.52 22.89 -15.14
C THR E 146 -47.77 22.56 -13.66
N GLY E 147 -46.85 21.84 -13.05
CA GLY E 147 -47.01 21.47 -11.66
C GLY E 147 -48.05 20.39 -11.53
N VAL E 148 -48.38 19.76 -12.65
CA VAL E 148 -49.38 18.67 -12.68
C VAL E 148 -48.73 17.38 -13.16
N PRO E 149 -48.92 16.28 -12.43
CA PRO E 149 -48.32 15.03 -12.85
C PRO E 149 -48.78 14.60 -14.25
N VAL E 150 -47.82 14.19 -15.07
CA VAL E 150 -48.12 13.70 -16.40
C VAL E 150 -47.54 12.31 -16.45
N ILE E 151 -48.41 11.31 -16.38
CA ILE E 151 -47.97 9.93 -16.41
C ILE E 151 -47.29 9.57 -17.72
N PHE E 152 -46.10 9.01 -17.63
CA PHE E 152 -45.34 8.64 -18.80
C PHE E 152 -45.80 7.31 -19.39
N GLY E 153 -46.83 7.36 -20.22
CA GLY E 153 -47.34 6.15 -20.84
C GLY E 153 -46.82 5.98 -22.25
N VAL E 154 -45.54 6.28 -22.44
CA VAL E 154 -44.90 6.15 -23.75
C VAL E 154 -43.96 4.97 -23.81
N LEU E 155 -44.17 4.07 -24.77
CA LEU E 155 -43.32 2.91 -24.93
C LEU E 155 -42.23 3.21 -25.95
N THR E 156 -41.00 2.91 -25.59
CA THR E 156 -39.85 3.09 -26.46
C THR E 156 -39.30 1.70 -26.65
N VAL E 157 -39.89 1.00 -27.61
CA VAL E 157 -39.58 -0.38 -27.91
C VAL E 157 -38.69 -0.61 -29.14
N LEU E 158 -38.16 -1.83 -29.26
CA LEU E 158 -37.30 -2.17 -30.39
C LEU E 158 -37.99 -3.14 -31.37
N THR E 159 -39.00 -3.85 -30.91
CA THR E 159 -39.73 -4.77 -31.78
C THR E 159 -41.23 -4.77 -31.49
N ASP E 160 -42.03 -5.06 -32.51
CA ASP E 160 -43.47 -5.09 -32.36
C ASP E 160 -43.93 -5.91 -31.17
N ASP E 161 -43.38 -7.12 -31.06
CA ASP E 161 -43.72 -7.99 -29.95
C ASP E 161 -43.52 -7.35 -28.58
N GLN E 162 -42.46 -6.57 -28.44
CA GLN E 162 -42.22 -5.93 -27.16
C GLN E 162 -43.37 -4.99 -26.85
N ALA E 163 -43.84 -4.27 -27.86
CA ALA E 163 -44.95 -3.37 -27.68
C ALA E 163 -46.15 -4.17 -27.20
N LYS E 164 -46.50 -5.21 -27.95
CA LYS E 164 -47.63 -6.08 -27.62
C LYS E 164 -47.54 -6.63 -26.19
N ALA E 165 -46.36 -7.13 -25.84
CA ALA E 165 -46.16 -7.67 -24.50
C ALA E 165 -46.48 -6.61 -23.46
N ARG E 166 -45.96 -5.39 -23.63
CA ARG E 166 -46.21 -4.32 -22.68
C ARG E 166 -47.66 -3.83 -22.70
N ALA E 167 -48.40 -4.17 -23.74
CA ALA E 167 -49.80 -3.75 -23.86
C ALA E 167 -50.77 -4.85 -23.41
N GLY E 168 -50.23 -5.96 -22.94
CA GLY E 168 -51.07 -7.05 -22.48
C GLY E 168 -51.62 -7.86 -23.65
N VAL E 169 -51.33 -7.45 -24.88
CA VAL E 169 -51.83 -8.15 -26.05
C VAL E 169 -51.47 -9.62 -26.05
N ILE E 170 -50.18 -9.91 -25.88
CA ILE E 170 -49.70 -11.28 -25.87
C ILE E 170 -50.18 -12.07 -24.66
N GLU E 171 -50.65 -13.29 -24.92
CA GLU E 171 -51.16 -14.20 -23.90
C GLU E 171 -50.45 -14.11 -22.54
N GLY E 172 -51.25 -13.79 -21.52
CA GLY E 172 -50.76 -13.66 -20.15
C GLY E 172 -49.59 -12.70 -19.97
N SER E 173 -49.68 -11.56 -20.66
CA SER E 173 -48.65 -10.55 -20.55
C SER E 173 -49.30 -9.50 -19.68
N HIS E 174 -48.53 -8.51 -19.23
CA HIS E 174 -49.08 -7.47 -18.39
C HIS E 174 -49.29 -6.15 -19.13
N ASN E 175 -50.53 -5.68 -19.17
CA ASN E 175 -50.81 -4.42 -19.82
C ASN E 175 -50.36 -3.28 -18.92
N HIS E 176 -49.36 -2.52 -19.35
CA HIS E 176 -48.86 -1.40 -18.54
C HIS E 176 -49.89 -0.28 -18.39
N GLY E 177 -50.86 -0.23 -19.30
CA GLY E 177 -51.88 0.79 -19.22
C GLY E 177 -52.50 0.80 -17.85
N GLU E 178 -52.75 -0.38 -17.30
CA GLU E 178 -53.32 -0.52 -15.96
C GLU E 178 -52.47 0.26 -14.96
N ASP E 179 -51.15 0.10 -15.06
CA ASP E 179 -50.24 0.78 -14.16
C ASP E 179 -50.40 2.29 -14.28
N TRP E 180 -50.48 2.77 -15.51
CA TRP E 180 -50.61 4.20 -15.74
C TRP E 180 -51.91 4.80 -15.19
N GLY E 181 -53.02 4.10 -15.37
CA GLY E 181 -54.27 4.62 -14.85
C GLY E 181 -54.15 4.68 -13.34
N LEU E 182 -53.66 3.59 -12.78
CA LEU E 182 -53.47 3.50 -11.35
C LEU E 182 -52.61 4.64 -10.83
N ALA E 183 -51.50 4.89 -11.52
CA ALA E 183 -50.60 5.95 -11.13
C ALA E 183 -51.25 7.35 -11.27
N ALA E 184 -52.01 7.53 -12.36
CA ALA E 184 -52.67 8.80 -12.60
C ALA E 184 -53.52 9.19 -11.40
N VAL E 185 -54.26 8.22 -10.88
CA VAL E 185 -55.12 8.46 -9.73
C VAL E 185 -54.31 8.84 -8.51
N GLU E 186 -53.33 8.02 -8.17
CA GLU E 186 -52.49 8.29 -7.01
C GLU E 186 -51.91 9.69 -7.08
N MET E 187 -51.25 9.99 -8.20
CA MET E 187 -50.63 11.29 -8.37
C MET E 187 -51.65 12.41 -8.34
N GLY E 188 -52.82 12.17 -8.90
CA GLY E 188 -53.84 13.20 -8.90
C GLY E 188 -54.20 13.55 -7.47
N VAL E 189 -54.46 12.52 -6.69
CA VAL E 189 -54.79 12.69 -5.28
C VAL E 189 -53.67 13.43 -4.57
N ARG E 190 -52.45 12.97 -4.76
CA ARG E 190 -51.29 13.56 -4.13
C ARG E 190 -51.11 15.02 -4.52
N ARG E 191 -51.29 15.32 -5.80
CA ARG E 191 -51.16 16.70 -6.27
C ARG E 191 -52.09 17.60 -5.48
N ARG E 192 -53.34 17.17 -5.31
CA ARG E 192 -54.31 17.95 -4.56
C ARG E 192 -53.83 18.29 -3.18
N ASP E 193 -53.38 17.27 -2.45
CA ASP E 193 -52.89 17.48 -1.09
C ASP E 193 -51.74 18.46 -1.07
N TRP E 194 -50.80 18.29 -1.99
CA TRP E 194 -49.66 19.20 -2.05
C TRP E 194 -50.20 20.60 -2.29
N ALA E 195 -51.16 20.71 -3.20
CA ALA E 195 -51.73 22.00 -3.52
C ALA E 195 -52.38 22.60 -2.28
N ALA E 196 -52.76 21.73 -1.34
CA ALA E 196 -53.40 22.17 -0.11
C ALA E 196 -52.36 22.44 0.97
N GLY E 197 -51.09 22.34 0.62
CA GLY E 197 -50.03 22.57 1.59
C GLY E 197 -49.89 21.46 2.60
N LYS E 198 -50.52 20.31 2.34
CA LYS E 198 -50.43 19.18 3.25
C LYS E 198 -49.15 18.38 3.04
N THR E 199 -48.52 17.94 4.14
CA THR E 199 -47.29 17.14 4.02
C THR E 199 -47.29 15.84 4.87
N GLY F 5 16.49 -40.80 11.64
CA GLY F 5 15.37 -40.20 10.83
C GLY F 5 14.39 -39.38 11.67
N PRO F 6 13.86 -38.27 11.13
CA PRO F 6 12.90 -37.38 11.81
C PRO F 6 11.42 -37.70 11.54
N THR F 7 10.52 -36.98 12.20
CA THR F 7 9.10 -37.19 11.96
C THR F 7 8.53 -36.01 11.15
N PRO F 8 7.93 -36.31 9.99
CA PRO F 8 7.35 -35.31 9.08
C PRO F 8 6.18 -34.53 9.69
N GLN F 9 6.07 -33.25 9.33
CA GLN F 9 5.00 -32.37 9.81
C GLN F 9 4.85 -31.19 8.86
N GLN F 10 3.67 -31.04 8.27
CA GLN F 10 3.43 -29.94 7.35
C GLN F 10 2.51 -28.92 8.06
N HIS F 11 2.94 -27.66 8.10
CA HIS F 11 2.15 -26.62 8.73
C HIS F 11 1.69 -25.64 7.67
N ASP F 12 0.80 -24.73 8.06
CA ASP F 12 0.25 -23.75 7.13
C ASP F 12 1.35 -22.88 6.56
N GLY F 13 1.83 -21.93 7.36
CA GLY F 13 2.89 -21.08 6.85
C GLY F 13 2.61 -20.50 5.46
N SER F 14 1.41 -19.98 5.31
CA SER F 14 1.01 -19.35 4.05
C SER F 14 1.09 -17.85 4.32
N ALA F 15 1.15 -17.51 5.60
CA ALA F 15 1.23 -16.13 6.03
C ALA F 15 2.66 -15.86 6.45
N LEU F 16 3.53 -16.79 6.05
CA LEU F 16 4.94 -16.71 6.39
C LEU F 16 5.78 -16.04 5.33
N ARG F 17 6.87 -15.41 5.76
CA ARG F 17 7.80 -14.79 4.83
C ARG F 17 9.15 -15.41 5.19
N ILE F 18 9.69 -16.23 4.29
CA ILE F 18 10.94 -16.91 4.54
C ILE F 18 12.13 -16.32 3.78
N GLY F 19 13.27 -16.22 4.46
CA GLY F 19 14.47 -15.69 3.84
C GLY F 19 15.50 -16.81 3.73
N ILE F 20 16.10 -16.97 2.55
CA ILE F 20 17.09 -18.02 2.33
C ILE F 20 18.37 -17.43 1.79
N VAL F 21 19.48 -17.85 2.38
CA VAL F 21 20.79 -17.41 1.92
C VAL F 21 21.59 -18.66 1.68
N HIS F 22 22.10 -18.82 0.46
CA HIS F 22 22.89 -20.02 0.19
C HIS F 22 24.26 -19.60 -0.34
N ALA F 23 25.27 -20.39 -0.03
CA ALA F 23 26.62 -20.11 -0.49
C ALA F 23 26.70 -20.66 -1.90
N ARG F 24 27.80 -20.37 -2.60
CA ARG F 24 27.94 -20.85 -3.95
C ARG F 24 29.03 -21.88 -4.19
N TRP F 25 29.71 -22.30 -3.13
CA TRP F 25 30.72 -23.32 -3.31
C TRP F 25 29.99 -24.64 -3.50
N ASN F 26 30.45 -25.45 -4.44
CA ASN F 26 29.80 -26.72 -4.70
C ASN F 26 28.36 -26.50 -5.18
N GLU F 27 28.20 -25.62 -6.17
CA GLU F 27 26.87 -25.32 -6.69
C GLU F 27 26.07 -26.53 -7.14
N THR F 28 26.74 -27.53 -7.71
CA THR F 28 26.02 -28.71 -8.19
C THR F 28 25.33 -29.44 -7.05
N ILE F 29 25.70 -29.08 -5.83
CA ILE F 29 25.08 -29.67 -4.64
C ILE F 29 24.11 -28.66 -4.04
N ILE F 30 24.50 -27.39 -4.11
CA ILE F 30 23.69 -26.30 -3.58
C ILE F 30 22.34 -26.23 -4.26
N GLU F 31 22.37 -26.30 -5.59
CA GLU F 31 21.15 -26.20 -6.38
C GLU F 31 20.13 -27.27 -6.00
N PRO F 32 20.53 -28.55 -6.02
CA PRO F 32 19.60 -29.62 -5.66
C PRO F 32 19.00 -29.36 -4.29
N LEU F 33 19.83 -28.87 -3.38
CA LEU F 33 19.39 -28.59 -2.03
C LEU F 33 18.40 -27.46 -2.04
N LEU F 34 18.81 -26.31 -2.57
CA LEU F 34 17.96 -25.14 -2.64
C LEU F 34 16.61 -25.49 -3.28
N ALA F 35 16.69 -26.24 -4.38
CA ALA F 35 15.50 -26.67 -5.10
C ALA F 35 14.54 -27.40 -4.18
N GLY F 36 15.03 -28.41 -3.47
CA GLY F 36 14.19 -29.15 -2.57
C GLY F 36 13.61 -28.31 -1.46
N THR F 37 14.43 -27.43 -0.87
CA THR F 37 13.92 -26.62 0.22
C THR F 37 12.86 -25.64 -0.29
N LYS F 38 13.13 -25.00 -1.43
CA LYS F 38 12.14 -24.07 -1.96
C LYS F 38 10.84 -24.82 -2.28
N ALA F 39 10.99 -25.99 -2.89
CA ALA F 39 9.86 -26.83 -3.25
C ALA F 39 8.94 -27.01 -2.06
N LYS F 40 9.45 -27.65 -1.02
CA LYS F 40 8.65 -27.89 0.17
C LYS F 40 8.05 -26.61 0.78
N LEU F 41 8.72 -25.48 0.56
CA LEU F 41 8.18 -24.23 1.10
C LEU F 41 6.83 -23.99 0.43
N LEU F 42 6.85 -23.92 -0.91
CA LEU F 42 5.64 -23.70 -1.68
C LEU F 42 4.65 -24.79 -1.30
N ALA F 43 5.15 -26.03 -1.28
CA ALA F 43 4.31 -27.17 -0.93
C ALA F 43 3.55 -26.94 0.36
N CYS F 44 4.07 -26.05 1.20
CA CYS F 44 3.41 -25.77 2.46
C CYS F 44 2.54 -24.53 2.40
N GLY F 45 2.44 -23.93 1.23
CA GLY F 45 1.60 -22.76 1.12
C GLY F 45 2.33 -21.44 1.20
N VAL F 46 3.64 -21.48 1.33
CA VAL F 46 4.38 -20.23 1.38
C VAL F 46 4.25 -19.60 0.00
N LYS F 47 3.85 -18.34 -0.07
CA LYS F 47 3.70 -17.68 -1.37
C LYS F 47 5.05 -17.44 -2.02
N GLU F 48 5.14 -17.80 -3.29
CA GLU F 48 6.35 -17.63 -4.07
C GLU F 48 6.99 -16.27 -3.84
N SER F 49 6.16 -15.23 -3.76
CA SER F 49 6.67 -13.88 -3.57
C SER F 49 7.14 -13.62 -2.14
N ASN F 50 6.79 -14.50 -1.21
CA ASN F 50 7.24 -14.31 0.17
C ASN F 50 8.48 -15.11 0.49
N ILE F 51 9.12 -15.64 -0.54
CA ILE F 51 10.34 -16.40 -0.37
C ILE F 51 11.48 -15.60 -0.99
N VAL F 52 12.34 -15.04 -0.14
CA VAL F 52 13.48 -14.27 -0.63
C VAL F 52 14.66 -15.23 -0.68
N VAL F 53 15.46 -15.13 -1.73
CA VAL F 53 16.61 -16.02 -1.87
C VAL F 53 17.82 -15.28 -2.39
N GLN F 54 18.82 -15.10 -1.55
CA GLN F 54 20.03 -14.42 -1.97
C GLN F 54 21.21 -15.37 -1.78
N SER F 55 22.33 -15.08 -2.44
CA SER F 55 23.50 -15.93 -2.31
C SER F 55 24.73 -15.18 -1.85
N VAL F 56 25.75 -15.95 -1.51
CA VAL F 56 27.03 -15.41 -1.07
C VAL F 56 28.08 -16.38 -1.58
N PRO F 57 29.35 -15.93 -1.66
CA PRO F 57 30.39 -16.84 -2.16
C PRO F 57 30.59 -18.12 -1.35
N GLY F 58 30.99 -18.00 -0.09
CA GLY F 58 31.20 -19.19 0.72
C GLY F 58 30.35 -19.28 1.97
N SER F 59 30.48 -20.37 2.72
CA SER F 59 29.72 -20.57 3.95
C SER F 59 30.04 -19.54 5.02
N TRP F 60 31.28 -19.06 5.02
CA TRP F 60 31.69 -18.07 5.99
C TRP F 60 30.78 -16.86 5.95
N GLU F 61 30.32 -16.54 4.75
CA GLU F 61 29.43 -15.41 4.55
C GLU F 61 28.00 -15.67 5.02
N LEU F 62 27.65 -16.95 5.15
CA LEU F 62 26.32 -17.32 5.57
C LEU F 62 25.80 -16.58 6.80
N PRO F 63 26.44 -16.73 7.95
CA PRO F 63 25.93 -16.01 9.13
C PRO F 63 25.80 -14.49 8.99
N ILE F 64 26.83 -13.83 8.50
CA ILE F 64 26.75 -12.38 8.35
C ILE F 64 25.63 -12.02 7.39
N ALA F 65 25.54 -12.78 6.29
CA ALA F 65 24.50 -12.53 5.30
C ALA F 65 23.11 -12.74 5.87
N VAL F 66 22.93 -13.80 6.64
CA VAL F 66 21.62 -14.05 7.23
C VAL F 66 21.25 -12.95 8.22
N GLN F 67 22.23 -12.51 9.01
CA GLN F 67 21.99 -11.48 10.02
C GLN F 67 21.52 -10.20 9.37
N ARG F 68 22.20 -9.81 8.29
CA ARG F 68 21.89 -8.60 7.55
C ARG F 68 20.60 -8.69 6.75
N LEU F 69 20.34 -9.86 6.16
CA LEU F 69 19.14 -10.04 5.37
C LEU F 69 17.97 -9.74 6.29
N TYR F 70 17.94 -10.43 7.42
CA TYR F 70 16.86 -10.22 8.38
C TYR F 70 16.80 -8.76 8.78
N SER F 71 17.98 -8.24 9.10
CA SER F 71 18.11 -6.84 9.49
C SER F 71 17.36 -5.96 8.51
N ALA F 72 17.58 -6.21 7.22
CA ALA F 72 16.94 -5.42 6.18
C ALA F 72 15.44 -5.56 6.24
N SER F 73 14.96 -6.80 6.26
CA SER F 73 13.52 -7.03 6.30
C SER F 73 12.84 -6.24 7.40
N GLN F 74 13.58 -5.91 8.44
CA GLN F 74 13.02 -5.16 9.55
C GLN F 74 12.83 -3.69 9.17
N LEU F 75 13.82 -3.11 8.51
CA LEU F 75 13.73 -1.72 8.10
C LEU F 75 12.49 -1.47 7.22
N GLN F 76 11.98 -2.54 6.59
CA GLN F 76 10.82 -2.42 5.72
C GLN F 76 9.52 -2.29 6.54
N SER F 107 6.77 -10.54 0.30
CA SER F 107 6.58 -9.04 0.23
C SER F 107 6.41 -8.40 1.61
N THR F 108 7.38 -7.51 1.92
CA THR F 108 7.48 -6.75 3.18
C THR F 108 7.19 -7.51 4.47
N GLY F 109 7.75 -6.98 5.56
CA GLY F 109 7.57 -7.60 6.87
C GLY F 109 8.77 -8.46 7.23
N PRO F 110 9.32 -8.30 8.44
CA PRO F 110 10.48 -9.11 8.82
C PRO F 110 10.18 -10.60 8.66
N PHE F 111 11.15 -11.34 8.12
CA PHE F 111 10.99 -12.77 7.90
C PHE F 111 10.60 -13.49 9.17
N ASP F 112 9.83 -14.57 9.02
CA ASP F 112 9.39 -15.36 10.17
C ASP F 112 10.35 -16.50 10.46
N ALA F 113 11.18 -16.82 9.46
CA ALA F 113 12.17 -17.88 9.59
C ALA F 113 13.22 -17.69 8.51
N LEU F 114 14.43 -18.16 8.78
CA LEU F 114 15.54 -18.03 7.85
C LEU F 114 16.18 -19.39 7.60
N ILE F 115 16.79 -19.57 6.44
CA ILE F 115 17.44 -20.83 6.12
C ILE F 115 18.82 -20.54 5.56
N ALA F 116 19.84 -21.19 6.12
CA ALA F 116 21.20 -21.00 5.63
C ALA F 116 21.62 -22.29 4.96
N ILE F 117 21.97 -22.21 3.69
CA ILE F 117 22.39 -23.39 2.95
C ILE F 117 23.82 -23.25 2.51
N GLY F 118 24.64 -24.22 2.91
CA GLY F 118 26.05 -24.19 2.56
C GLY F 118 26.55 -25.62 2.44
N VAL F 119 27.67 -25.81 1.75
CA VAL F 119 28.23 -27.14 1.59
C VAL F 119 29.74 -27.12 1.79
N LEU F 120 30.18 -27.59 2.97
CA LEU F 120 31.60 -27.66 3.29
C LEU F 120 32.07 -29.07 3.02
N ILE F 121 33.23 -29.20 2.38
CA ILE F 121 33.79 -30.51 2.11
C ILE F 121 35.27 -30.51 2.51
N LYS F 122 35.68 -31.50 3.29
CA LYS F 122 37.07 -31.59 3.75
C LYS F 122 38.08 -31.44 2.64
N GLY F 123 39.06 -30.56 2.85
CA GLY F 123 40.10 -30.37 1.85
C GLY F 123 41.34 -31.10 2.32
N GLU F 124 42.51 -30.56 2.03
CA GLU F 124 43.75 -31.19 2.45
C GLU F 124 44.18 -30.57 3.76
N THR F 125 43.69 -29.36 4.05
CA THR F 125 44.07 -28.66 5.28
C THR F 125 42.93 -28.60 6.29
N MET F 126 43.17 -27.87 7.38
CA MET F 126 42.20 -27.73 8.44
C MET F 126 41.21 -26.62 8.17
N HIS F 127 41.29 -26.05 6.97
CA HIS F 127 40.40 -24.98 6.56
C HIS F 127 38.94 -25.41 6.80
N PHE F 128 38.64 -26.62 6.37
CA PHE F 128 37.31 -27.18 6.50
C PHE F 128 36.77 -27.06 7.91
N GLU F 129 37.50 -27.62 8.86
CA GLU F 129 37.05 -27.57 10.24
C GLU F 129 36.95 -26.18 10.87
N TYR F 130 37.88 -25.27 10.55
CA TYR F 130 37.81 -23.95 11.15
C TYR F 130 36.65 -23.12 10.64
N ILE F 131 36.25 -23.38 9.42
CA ILE F 131 35.13 -22.66 8.83
C ILE F 131 33.82 -23.26 9.28
N ALA F 132 33.75 -24.59 9.31
CA ALA F 132 32.56 -25.29 9.73
C ALA F 132 32.15 -24.91 11.15
N ASP F 133 33.12 -24.93 12.06
CA ASP F 133 32.87 -24.62 13.45
C ASP F 133 32.42 -23.18 13.66
N SER F 134 33.02 -22.24 12.94
CA SER F 134 32.65 -20.84 13.09
C SER F 134 31.33 -20.52 12.41
N VAL F 135 31.10 -21.09 11.23
CA VAL F 135 29.84 -20.86 10.55
C VAL F 135 28.72 -21.46 11.40
N SER F 136 28.98 -22.60 12.01
CA SER F 136 27.99 -23.23 12.87
C SER F 136 27.62 -22.36 14.04
N HIS F 137 28.62 -21.93 14.81
CA HIS F 137 28.34 -21.06 15.94
C HIS F 137 27.78 -19.74 15.46
N GLY F 138 28.28 -19.27 14.33
CA GLY F 138 27.80 -18.03 13.78
C GLY F 138 26.31 -18.06 13.57
N LEU F 139 25.81 -19.12 12.93
CA LEU F 139 24.39 -19.25 12.68
C LEU F 139 23.61 -19.42 13.97
N MET F 140 24.12 -20.25 14.86
CA MET F 140 23.46 -20.45 16.15
C MET F 140 23.31 -19.12 16.85
N ARG F 141 24.29 -18.25 16.68
CA ARG F 141 24.23 -16.94 17.32
C ARG F 141 23.19 -16.04 16.70
N VAL F 142 23.24 -15.87 15.38
CA VAL F 142 22.29 -15.02 14.68
C VAL F 142 20.90 -15.43 15.08
N GLN F 143 20.70 -16.73 15.24
CA GLN F 143 19.43 -17.30 15.64
C GLN F 143 19.00 -16.76 17.00
N LEU F 144 19.82 -16.99 18.02
CA LEU F 144 19.52 -16.55 19.37
C LEU F 144 19.53 -15.04 19.52
N ASP F 145 20.40 -14.38 18.76
CA ASP F 145 20.53 -12.93 18.79
C ASP F 145 19.24 -12.32 18.30
N THR F 146 18.88 -12.76 17.11
CA THR F 146 17.72 -12.28 16.39
C THR F 146 16.38 -12.79 16.92
N GLY F 147 16.40 -13.91 17.60
CA GLY F 147 15.16 -14.46 18.13
C GLY F 147 14.34 -15.07 17.01
N VAL F 148 14.97 -15.27 15.85
CA VAL F 148 14.32 -15.85 14.69
C VAL F 148 14.99 -17.16 14.30
N PRO F 149 14.21 -18.22 14.10
CA PRO F 149 14.80 -19.50 13.73
C PRO F 149 15.60 -19.43 12.43
N VAL F 150 16.80 -19.99 12.45
CA VAL F 150 17.65 -20.02 11.27
C VAL F 150 17.91 -21.50 11.06
N ILE F 151 17.29 -22.07 10.04
CA ILE F 151 17.45 -23.48 9.75
C ILE F 151 18.88 -23.78 9.31
N PHE F 152 19.48 -24.77 9.95
CA PHE F 152 20.84 -25.16 9.65
C PHE F 152 20.93 -26.06 8.41
N GLY F 153 20.98 -25.44 7.24
CA GLY F 153 21.07 -26.21 6.01
C GLY F 153 22.49 -26.25 5.50
N VAL F 154 23.42 -26.47 6.41
CA VAL F 154 24.84 -26.54 6.03
C VAL F 154 25.35 -27.96 6.15
N LEU F 155 25.94 -28.47 5.07
CA LEU F 155 26.49 -29.81 5.07
C LEU F 155 27.99 -29.75 5.34
N THR F 156 28.43 -30.58 6.30
CA THR F 156 29.83 -30.66 6.68
C THR F 156 30.21 -32.10 6.36
N VAL F 157 30.55 -32.29 5.09
CA VAL F 157 30.87 -33.59 4.54
C VAL F 157 32.36 -33.87 4.33
N LEU F 158 32.69 -35.15 4.13
CA LEU F 158 34.08 -35.56 3.92
C LEU F 158 34.35 -35.95 2.49
N THR F 159 33.32 -36.30 1.73
CA THR F 159 33.51 -36.66 0.33
C THR F 159 32.36 -36.13 -0.55
N ASP F 160 32.67 -35.86 -1.82
CA ASP F 160 31.67 -35.37 -2.77
C ASP F 160 30.40 -36.20 -2.76
N ASP F 161 30.54 -37.52 -2.81
CA ASP F 161 29.39 -38.41 -2.82
C ASP F 161 28.47 -38.19 -1.62
N GLN F 162 29.05 -37.94 -0.45
CA GLN F 162 28.24 -37.72 0.73
C GLN F 162 27.36 -36.51 0.49
N ALA F 163 27.94 -35.47 -0.08
CA ALA F 163 27.20 -34.25 -0.37
C ALA F 163 26.02 -34.62 -1.28
N LYS F 164 26.34 -35.25 -2.40
CA LYS F 164 25.32 -35.67 -3.36
C LYS F 164 24.23 -36.50 -2.72
N ALA F 165 24.60 -37.48 -1.91
CA ALA F 165 23.62 -38.31 -1.24
C ALA F 165 22.68 -37.46 -0.40
N ARG F 166 23.23 -36.51 0.36
CA ARG F 166 22.41 -35.65 1.20
C ARG F 166 21.58 -34.66 0.40
N ALA F 167 21.94 -34.47 -0.87
CA ALA F 167 21.22 -33.52 -1.72
C ALA F 167 20.19 -34.22 -2.60
N GLY F 168 20.06 -35.53 -2.44
CA GLY F 168 19.11 -36.27 -3.24
C GLY F 168 19.63 -36.55 -4.64
N VAL F 169 20.81 -36.03 -4.95
CA VAL F 169 21.39 -36.23 -6.27
C VAL F 169 21.46 -37.71 -6.64
N ILE F 170 22.00 -38.53 -5.74
CA ILE F 170 22.10 -39.97 -5.98
C ILE F 170 20.73 -40.63 -6.07
N GLU F 171 20.62 -41.68 -6.88
CA GLU F 171 19.37 -42.44 -7.13
C GLU F 171 18.26 -42.38 -6.07
N GLY F 172 18.24 -43.32 -5.14
CA GLY F 172 17.19 -43.29 -4.13
C GLY F 172 17.52 -42.33 -2.98
N SER F 173 18.68 -41.66 -3.07
CA SER F 173 19.13 -40.74 -2.00
C SER F 173 18.16 -39.60 -1.67
N HIS F 174 17.93 -39.40 -0.37
CA HIS F 174 17.04 -38.35 0.13
C HIS F 174 17.63 -36.92 0.17
N ASN F 175 16.90 -35.96 -0.38
CA ASN F 175 17.34 -34.56 -0.38
C ASN F 175 16.98 -33.91 0.95
N HIS F 176 17.99 -33.52 1.72
CA HIS F 176 17.75 -32.87 3.00
C HIS F 176 17.08 -31.49 2.86
N GLY F 177 17.22 -30.89 1.67
CA GLY F 177 16.62 -29.59 1.45
C GLY F 177 15.14 -29.63 1.82
N GLU F 178 14.48 -30.71 1.44
CA GLU F 178 13.07 -30.88 1.76
C GLU F 178 12.86 -30.73 3.26
N ASP F 179 13.73 -31.36 4.05
CA ASP F 179 13.63 -31.29 5.49
C ASP F 179 13.72 -29.85 5.97
N TRP F 180 14.69 -29.13 5.41
CA TRP F 180 14.91 -27.74 5.81
C TRP F 180 13.73 -26.82 5.49
N GLY F 181 13.16 -26.95 4.30
CA GLY F 181 12.02 -26.13 3.95
C GLY F 181 10.90 -26.44 4.93
N LEU F 182 10.65 -27.74 5.13
CA LEU F 182 9.62 -28.18 6.04
C LEU F 182 9.83 -27.59 7.41
N ALA F 183 11.07 -27.64 7.89
CA ALA F 183 11.40 -27.11 9.20
C ALA F 183 11.24 -25.59 9.27
N ALA F 184 11.61 -24.92 8.20
CA ALA F 184 11.51 -23.46 8.15
C ALA F 184 10.08 -23.04 8.41
N VAL F 185 9.13 -23.74 7.78
CA VAL F 185 7.72 -23.43 7.95
C VAL F 185 7.27 -23.67 9.40
N GLU F 186 7.53 -24.85 9.91
CA GLU F 186 7.14 -25.16 11.28
C GLU F 186 7.66 -24.10 12.25
N MET F 187 8.97 -23.86 12.19
CA MET F 187 9.58 -22.91 13.09
C MET F 187 9.04 -21.50 12.90
N GLY F 188 8.76 -21.14 11.65
CA GLY F 188 8.21 -19.82 11.36
C GLY F 188 6.88 -19.67 12.08
N VAL F 189 6.02 -20.67 11.92
CA VAL F 189 4.73 -20.68 12.57
C VAL F 189 4.89 -20.60 14.08
N ARG F 190 5.77 -21.44 14.61
CA ARG F 190 6.01 -21.49 16.05
C ARG F 190 6.53 -20.16 16.58
N ARG F 191 7.47 -19.55 15.85
CA ARG F 191 8.04 -18.27 16.25
C ARG F 191 6.92 -17.26 16.46
N ARG F 192 5.98 -17.19 15.51
CA ARG F 192 4.85 -16.28 15.58
C ARG F 192 4.06 -16.48 16.87
N ASP F 193 3.67 -17.71 17.16
CA ASP F 193 2.91 -17.98 18.37
C ASP F 193 3.67 -17.54 19.62
N TRP F 194 4.96 -17.86 19.66
CA TRP F 194 5.77 -17.49 20.81
C TRP F 194 5.73 -15.96 20.91
N ALA F 195 5.89 -15.31 19.76
CA ALA F 195 5.90 -13.86 19.73
C ALA F 195 4.57 -13.33 20.25
N ALA F 196 3.53 -14.16 20.13
CA ALA F 196 2.20 -13.79 20.59
C ALA F 196 1.97 -14.18 22.05
N GLY F 197 3.03 -14.67 22.68
CA GLY F 197 2.92 -15.07 24.08
C GLY F 197 2.12 -16.34 24.27
N LYS F 198 1.87 -17.07 23.19
CA LYS F 198 1.10 -18.32 23.29
C LYS F 198 1.98 -19.49 23.73
N THR F 199 1.46 -20.35 24.60
CA THR F 199 2.22 -21.51 25.04
C THR F 199 1.46 -22.84 24.96
N GLY G 5 27.79 -41.97 38.60
CA GLY G 5 26.38 -41.89 39.13
C GLY G 5 26.16 -40.71 40.07
N PRO G 6 24.97 -40.08 40.00
CA PRO G 6 24.58 -38.92 40.83
C PRO G 6 23.87 -39.25 42.14
N THR G 7 23.58 -38.22 42.95
CA THR G 7 22.86 -38.47 44.21
C THR G 7 21.43 -37.94 44.10
N PRO G 8 20.45 -38.84 44.29
CA PRO G 8 19.01 -38.49 44.20
C PRO G 8 18.55 -37.45 45.22
N GLN G 9 17.59 -36.62 44.80
CA GLN G 9 17.02 -35.55 45.65
C GLN G 9 15.67 -35.12 45.09
N GLN G 10 14.63 -35.28 45.88
CA GLN G 10 13.29 -34.89 45.44
C GLN G 10 12.90 -33.61 46.19
N HIS G 11 12.50 -32.59 45.45
CA HIS G 11 12.09 -31.34 46.05
C HIS G 11 10.62 -31.12 45.80
N ASP G 12 10.04 -30.12 46.47
CA ASP G 12 8.63 -29.82 46.33
C ASP G 12 8.29 -29.49 44.89
N GLY G 13 8.62 -28.28 44.47
CA GLY G 13 8.32 -27.95 43.09
C GLY G 13 6.88 -28.26 42.68
N SER G 14 5.94 -27.85 43.52
CA SER G 14 4.51 -28.03 43.27
C SER G 14 4.01 -26.65 42.86
N ALA G 15 4.83 -25.64 43.12
CA ALA G 15 4.51 -24.26 42.79
C ALA G 15 5.34 -23.88 41.59
N LEU G 16 5.91 -24.90 40.94
CA LEU G 16 6.76 -24.72 39.78
C LEU G 16 6.04 -24.83 38.46
N ARG G 17 6.54 -24.14 37.46
CA ARG G 17 5.97 -24.22 36.13
C ARG G 17 7.16 -24.57 35.26
N ILE G 18 7.15 -25.78 34.69
CA ILE G 18 8.23 -26.26 33.87
C ILE G 18 7.91 -26.29 32.38
N GLY G 19 8.88 -25.88 31.58
CA GLY G 19 8.71 -25.87 30.13
C GLY G 19 9.63 -26.90 29.53
N ILE G 20 9.11 -27.74 28.64
CA ILE G 20 9.92 -28.77 28.00
C ILE G 20 9.83 -28.67 26.48
N VAL G 21 10.99 -28.73 25.82
CA VAL G 21 11.03 -28.70 24.37
C VAL G 21 11.84 -29.90 23.95
N HIS G 22 11.25 -30.77 23.13
CA HIS G 22 11.99 -31.93 22.69
C HIS G 22 12.03 -31.97 21.18
N ALA G 23 13.11 -32.50 20.62
CA ALA G 23 13.22 -32.60 19.17
C ALA G 23 12.47 -33.85 18.77
N ARG G 24 12.34 -34.09 17.48
CA ARG G 24 11.62 -35.28 17.03
C ARG G 24 12.46 -36.32 16.29
N TRP G 25 13.76 -36.08 16.18
CA TRP G 25 14.60 -37.07 15.51
C TRP G 25 14.76 -38.21 16.51
N ASN G 26 14.68 -39.44 16.02
CA ASN G 26 14.82 -40.59 16.88
C ASN G 26 13.71 -40.60 17.93
N GLU G 27 12.46 -40.44 17.47
CA GLU G 27 11.32 -40.42 18.38
C GLU G 27 11.21 -41.62 19.29
N THR G 28 11.58 -42.81 18.80
CA THR G 28 11.47 -44.01 19.63
C THR G 28 12.37 -43.92 20.84
N ILE G 29 13.28 -42.95 20.83
CA ILE G 29 14.17 -42.72 21.97
C ILE G 29 13.67 -41.48 22.72
N ILE G 30 13.18 -40.50 21.99
CA ILE G 30 12.67 -39.28 22.57
C ILE G 30 11.50 -39.55 23.51
N GLU G 31 10.55 -40.36 23.06
CA GLU G 31 9.37 -40.68 23.83
C GLU G 31 9.70 -41.29 25.19
N PRO G 32 10.51 -42.35 25.21
CA PRO G 32 10.87 -42.97 26.49
C PRO G 32 11.49 -41.94 27.42
N LEU G 33 12.32 -41.07 26.84
CA LEU G 33 12.99 -40.02 27.60
C LEU G 33 11.95 -39.06 28.15
N LEU G 34 11.18 -38.45 27.25
CA LEU G 34 10.15 -37.49 27.64
C LEU G 34 9.23 -38.07 28.71
N ALA G 35 8.84 -39.33 28.51
CA ALA G 35 7.96 -40.02 29.43
C ALA G 35 8.56 -40.03 30.82
N GLY G 36 9.81 -40.45 30.93
CA GLY G 36 10.47 -40.51 32.22
C GLY G 36 10.62 -39.15 32.86
N THR G 37 11.00 -38.15 32.09
CA THR G 37 11.17 -36.83 32.67
C THR G 37 9.82 -36.27 33.14
N LYS G 38 8.78 -36.40 32.32
CA LYS G 38 7.47 -35.89 32.73
C LYS G 38 7.00 -36.64 33.99
N ALA G 39 7.19 -37.96 33.99
CA ALA G 39 6.82 -38.79 35.12
C ALA G 39 7.39 -38.21 36.42
N LYS G 40 8.71 -38.17 36.53
CA LYS G 40 9.35 -37.64 37.71
C LYS G 40 8.90 -36.21 38.06
N LEU G 41 8.49 -35.44 37.07
CA LEU G 41 8.02 -34.09 37.36
C LEU G 41 6.77 -34.20 38.23
N LEU G 42 5.78 -34.92 37.74
CA LEU G 42 4.53 -35.12 38.49
C LEU G 42 4.91 -35.74 39.82
N ALA G 43 5.77 -36.74 39.76
CA ALA G 43 6.21 -37.45 40.96
C ALA G 43 6.71 -36.47 42.01
N CYS G 44 7.11 -35.29 41.58
CA CYS G 44 7.62 -34.31 42.52
C CYS G 44 6.57 -33.28 42.89
N GLY G 45 5.34 -33.47 42.41
CA GLY G 45 4.29 -32.54 42.75
C GLY G 45 4.03 -31.45 41.72
N VAL G 46 4.74 -31.48 40.61
CA VAL G 46 4.51 -30.47 39.61
C VAL G 46 3.12 -30.73 39.06
N LYS G 47 2.27 -29.72 39.00
CA LYS G 47 0.93 -29.92 38.50
C LYS G 47 0.93 -30.17 37.01
N GLU G 48 0.21 -31.21 36.59
CA GLU G 48 0.11 -31.57 35.19
C GLU G 48 -0.10 -30.35 34.29
N SER G 49 -0.93 -29.42 34.74
CA SER G 49 -1.23 -28.23 33.95
C SER G 49 -0.08 -27.22 33.94
N ASN G 50 0.89 -27.38 34.84
CA ASN G 50 2.02 -26.46 34.88
C ASN G 50 3.23 -26.98 34.13
N ILE G 51 3.03 -28.05 33.36
CA ILE G 51 4.07 -28.65 32.57
C ILE G 51 3.75 -28.40 31.09
N VAL G 52 4.48 -27.50 30.46
CA VAL G 52 4.27 -27.22 29.04
C VAL G 52 5.23 -28.08 28.26
N VAL G 53 4.76 -28.66 27.16
CA VAL G 53 5.61 -29.52 26.35
C VAL G 53 5.43 -29.29 24.86
N GLN G 54 6.43 -28.70 24.22
CA GLN G 54 6.33 -28.46 22.80
C GLN G 54 7.46 -29.19 22.10
N SER G 55 7.35 -29.37 20.78
CA SER G 55 8.40 -30.07 20.06
C SER G 55 8.94 -29.26 18.90
N VAL G 56 10.04 -29.74 18.33
CA VAL G 56 10.68 -29.12 17.19
C VAL G 56 11.25 -30.26 16.36
N PRO G 57 11.55 -30.01 15.09
CA PRO G 57 12.10 -31.10 14.27
C PRO G 57 13.43 -31.68 14.76
N GLY G 58 14.49 -30.88 14.79
CA GLY G 58 15.78 -31.38 15.25
C GLY G 58 16.35 -30.69 16.46
N SER G 59 17.50 -31.17 16.94
CA SER G 59 18.16 -30.58 18.10
C SER G 59 18.59 -29.15 17.88
N TRP G 60 18.93 -28.81 16.63
CA TRP G 60 19.36 -27.46 16.30
C TRP G 60 18.31 -26.46 16.72
N GLU G 61 17.05 -26.88 16.66
CA GLU G 61 15.93 -26.02 17.01
C GLU G 61 15.75 -25.89 18.52
N LEU G 62 16.35 -26.82 19.26
CA LEU G 62 16.23 -26.82 20.70
C LEU G 62 16.53 -25.49 21.37
N PRO G 63 17.76 -24.98 21.23
CA PRO G 63 18.04 -23.69 21.89
C PRO G 63 17.12 -22.53 21.50
N ILE G 64 16.90 -22.32 20.21
CA ILE G 64 16.04 -21.22 19.79
C ILE G 64 14.63 -21.41 20.34
N ALA G 65 14.14 -22.64 20.27
CA ALA G 65 12.81 -22.98 20.76
C ALA G 65 12.71 -22.73 22.27
N VAL G 66 13.72 -23.15 23.01
CA VAL G 66 13.69 -22.94 24.46
C VAL G 66 13.72 -21.45 24.80
N GLN G 67 14.55 -20.70 24.09
CA GLN G 67 14.67 -19.27 24.33
C GLN G 67 13.35 -18.56 24.12
N ARG G 68 12.65 -18.93 23.05
CA ARG G 68 11.37 -18.33 22.71
C ARG G 68 10.22 -18.82 23.60
N LEU G 69 10.25 -20.08 23.98
CA LEU G 69 9.20 -20.62 24.82
C LEU G 69 9.20 -19.80 26.08
N TYR G 70 10.36 -19.69 26.71
CA TYR G 70 10.47 -18.91 27.94
C TYR G 70 10.03 -17.48 27.67
N SER G 71 10.56 -16.93 26.59
CA SER G 71 10.23 -15.58 26.19
C SER G 71 8.72 -15.37 26.24
N ALA G 72 7.99 -16.33 25.68
CA ALA G 72 6.53 -16.25 25.63
C ALA G 72 5.94 -16.26 27.04
N SER G 73 6.33 -17.25 27.85
CA SER G 73 5.82 -17.34 29.21
C SER G 73 5.94 -16.01 29.96
N GLN G 74 6.91 -15.20 29.58
CA GLN G 74 7.10 -13.90 30.22
C GLN G 74 6.03 -12.90 29.84
N LEU G 75 5.69 -12.87 28.55
CA LEU G 75 4.66 -11.96 28.07
C LEU G 75 3.32 -12.21 28.80
N GLN G 76 3.15 -13.40 29.34
CA GLN G 76 1.92 -13.73 30.03
C GLN G 76 1.87 -13.09 31.44
N SER G 107 0.07 -23.24 34.10
CA SER G 107 -0.79 -22.05 33.78
C SER G 107 -0.16 -20.71 34.21
N THR G 108 0.08 -19.86 33.20
CA THR G 108 0.68 -18.52 33.31
C THR G 108 1.87 -18.37 34.23
N GLY G 109 2.68 -17.34 33.96
CA GLY G 109 3.87 -17.08 34.76
C GLY G 109 5.10 -17.66 34.10
N PRO G 110 6.18 -16.88 33.96
CA PRO G 110 7.40 -17.39 33.34
C PRO G 110 7.86 -18.69 34.00
N PHE G 111 8.27 -19.64 33.17
CA PHE G 111 8.73 -20.94 33.66
C PHE G 111 9.86 -20.78 34.66
N ASP G 112 9.92 -21.71 35.62
CA ASP G 112 10.94 -21.67 36.65
C ASP G 112 12.15 -22.49 36.23
N ALA G 113 11.94 -23.38 35.27
CA ALA G 113 13.02 -24.21 34.75
C ALA G 113 12.60 -24.75 33.39
N LEU G 114 13.60 -25.03 32.55
CA LEU G 114 13.34 -25.54 31.22
C LEU G 114 14.13 -26.81 30.98
N ILE G 115 13.63 -27.66 30.09
CA ILE G 115 14.32 -28.90 29.78
C ILE G 115 14.39 -29.07 28.28
N ALA G 116 15.59 -29.32 27.76
CA ALA G 116 15.76 -29.52 26.33
C ALA G 116 16.08 -30.99 26.10
N ILE G 117 15.23 -31.67 25.33
CA ILE G 117 15.46 -33.09 25.06
C ILE G 117 15.74 -33.32 23.58
N GLY G 118 16.88 -33.95 23.30
CA GLY G 118 17.24 -34.20 21.92
C GLY G 118 18.08 -35.45 21.88
N VAL G 119 18.19 -36.06 20.69
CA VAL G 119 18.97 -37.28 20.54
C VAL G 119 19.82 -37.23 19.28
N LEU G 120 21.12 -36.96 19.43
CA LEU G 120 22.03 -36.91 18.30
C LEU G 120 22.75 -38.25 18.22
N ILE G 121 22.87 -38.79 17.01
CA ILE G 121 23.57 -40.04 16.81
C ILE G 121 24.53 -39.87 15.65
N LYS G 122 25.79 -40.24 15.85
CA LYS G 122 26.81 -40.12 14.82
C LYS G 122 26.37 -40.70 13.48
N GLY G 123 26.55 -39.92 12.42
CA GLY G 123 26.20 -40.39 11.10
C GLY G 123 27.47 -40.80 10.37
N GLU G 124 27.53 -40.57 9.08
CA GLU G 124 28.71 -40.93 8.32
C GLU G 124 29.59 -39.71 8.20
N THR G 125 28.98 -38.54 8.37
CA THR G 125 29.71 -37.28 8.26
C THR G 125 29.92 -36.59 9.59
N MET G 126 30.50 -35.40 9.54
CA MET G 126 30.77 -34.60 10.72
C MET G 126 29.57 -33.80 11.18
N HIS G 127 28.45 -34.01 10.51
CA HIS G 127 27.20 -33.33 10.83
C HIS G 127 26.92 -33.46 12.32
N PHE G 128 27.04 -34.69 12.82
CA PHE G 128 26.81 -35.00 14.22
C PHE G 128 27.54 -34.06 15.16
N GLU G 129 28.86 -34.01 15.00
CA GLU G 129 29.67 -33.15 15.86
C GLU G 129 29.41 -31.65 15.73
N TYR G 130 29.17 -31.13 14.54
CA TYR G 130 28.94 -29.71 14.43
C TYR G 130 27.60 -29.26 15.03
N ILE G 131 26.64 -30.17 15.03
CA ILE G 131 25.34 -29.84 15.58
C ILE G 131 25.35 -30.00 17.08
N ALA G 132 26.00 -31.07 17.56
CA ALA G 132 26.08 -31.33 18.99
C ALA G 132 26.79 -30.17 19.72
N ASP G 133 27.91 -29.74 19.18
CA ASP G 133 28.68 -28.67 19.79
C ASP G 133 27.94 -27.35 19.84
N SER G 134 27.20 -27.02 18.77
CA SER G 134 26.44 -25.78 18.71
C SER G 134 25.19 -25.82 19.55
N VAL G 135 24.50 -26.96 19.54
CA VAL G 135 23.30 -27.07 20.34
C VAL G 135 23.70 -27.00 21.79
N SER G 136 24.85 -27.60 22.12
CA SER G 136 25.34 -27.60 23.49
C SER G 136 25.60 -26.17 23.96
N HIS G 137 26.45 -25.44 23.24
CA HIS G 137 26.72 -24.08 23.61
C HIS G 137 25.46 -23.25 23.53
N GLY G 138 24.62 -23.53 22.53
CA GLY G 138 23.39 -22.80 22.41
C GLY G 138 22.55 -22.87 23.67
N LEU G 139 22.36 -24.07 24.19
CA LEU G 139 21.57 -24.25 25.41
C LEU G 139 22.25 -23.61 26.60
N MET G 140 23.56 -23.78 26.71
CA MET G 140 24.31 -23.19 27.80
C MET G 140 24.10 -21.69 27.78
N ARG G 141 24.01 -21.13 26.59
CA ARG G 141 23.82 -19.70 26.45
C ARG G 141 22.44 -19.25 26.88
N VAL G 142 21.41 -19.88 26.33
CA VAL G 142 20.05 -19.53 26.68
C VAL G 142 19.90 -19.54 28.18
N GLN G 143 20.57 -20.50 28.81
CA GLN G 143 20.56 -20.68 30.24
C GLN G 143 21.11 -19.43 30.95
N LEU G 144 22.36 -19.08 30.64
CA LEU G 144 23.02 -17.93 31.25
C LEU G 144 22.37 -16.61 30.83
N ASP G 145 21.94 -16.54 29.58
CA ASP G 145 21.28 -15.36 29.03
C ASP G 145 20.02 -15.07 29.83
N THR G 146 19.17 -16.08 29.85
CA THR G 146 17.88 -16.04 30.49
C THR G 146 17.92 -16.06 32.02
N GLY G 147 18.99 -16.61 32.59
CA GLY G 147 19.06 -16.69 34.04
C GLY G 147 18.16 -17.79 34.56
N VAL G 148 17.69 -18.64 33.65
CA VAL G 148 16.81 -19.76 34.00
C VAL G 148 17.48 -21.07 33.67
N PRO G 149 17.47 -22.02 34.61
CA PRO G 149 18.09 -23.31 34.34
C PRO G 149 17.46 -24.03 33.16
N VAL G 150 18.31 -24.56 32.27
CA VAL G 150 17.84 -25.32 31.14
C VAL G 150 18.53 -26.66 31.25
N ILE G 151 17.77 -27.67 31.66
CA ILE G 151 18.31 -29.00 31.83
C ILE G 151 18.77 -29.58 30.51
N PHE G 152 20.00 -30.05 30.49
CA PHE G 152 20.60 -30.62 29.28
C PHE G 152 20.16 -32.06 29.06
N GLY G 153 19.00 -32.22 28.42
CA GLY G 153 18.50 -33.55 28.15
C GLY G 153 18.80 -33.96 26.73
N VAL G 154 20.01 -33.68 26.27
CA VAL G 154 20.42 -34.03 24.91
C VAL G 154 21.44 -35.16 24.92
N LEU G 155 21.15 -36.22 24.19
CA LEU G 155 22.06 -37.35 24.11
C LEU G 155 22.93 -37.22 22.88
N THR G 156 24.23 -37.40 23.08
CA THR G 156 25.20 -37.33 22.00
C THR G 156 25.83 -38.71 21.97
N VAL G 157 25.14 -39.60 21.27
CA VAL G 157 25.51 -41.00 21.19
C VAL G 157 26.20 -41.44 19.89
N LEU G 158 26.82 -42.61 19.92
CA LEU G 158 27.51 -43.15 18.74
C LEU G 158 26.75 -44.31 18.10
N THR G 159 25.88 -44.96 18.86
CA THR G 159 25.10 -46.07 18.32
C THR G 159 23.69 -46.08 18.88
N ASP G 160 22.75 -46.59 18.09
CA ASP G 160 21.35 -46.69 18.49
C ASP G 160 21.16 -47.28 19.89
N ASP G 161 21.83 -48.42 20.13
CA ASP G 161 21.74 -49.07 21.42
C ASP G 161 22.11 -48.16 22.57
N GLN G 162 23.11 -47.31 22.37
CA GLN G 162 23.50 -46.40 23.44
C GLN G 162 22.34 -45.50 23.76
N ALA G 163 21.66 -45.02 22.74
CA ALA G 163 20.52 -44.15 22.94
C ALA G 163 19.49 -44.89 23.77
N LYS G 164 19.12 -46.08 23.30
CA LYS G 164 18.14 -46.92 23.99
C LYS G 164 18.51 -47.17 25.44
N ALA G 165 19.76 -47.53 25.68
CA ALA G 165 20.23 -47.77 27.05
C ALA G 165 19.99 -46.54 27.93
N ARG G 166 20.37 -45.36 27.42
CA ARG G 166 20.18 -44.11 28.18
C ARG G 166 18.71 -43.72 28.32
N ALA G 167 17.85 -44.30 27.50
CA ALA G 167 16.43 -44.00 27.55
C ALA G 167 15.64 -45.01 28.37
N GLY G 168 16.35 -45.98 28.95
CA GLY G 168 15.68 -47.00 29.73
C GLY G 168 14.99 -48.06 28.86
N VAL G 169 15.05 -47.88 27.55
CA VAL G 169 14.43 -48.84 26.63
C VAL G 169 14.94 -50.27 26.87
N ILE G 170 16.25 -50.47 26.86
CA ILE G 170 16.85 -51.79 27.11
C ILE G 170 16.47 -52.36 28.49
N GLU G 171 16.36 -53.69 28.58
CA GLU G 171 16.02 -54.44 29.79
C GLU G 171 16.26 -53.74 31.14
N GLY G 172 17.45 -53.92 31.71
CA GLY G 172 17.73 -53.29 32.99
C GLY G 172 18.17 -51.84 32.91
N SER G 173 18.24 -51.30 31.69
CA SER G 173 18.67 -49.91 31.50
C SER G 173 17.98 -48.85 32.36
N HIS G 174 18.72 -47.75 32.59
CA HIS G 174 18.26 -46.61 33.38
C HIS G 174 17.86 -45.42 32.51
N ASN G 175 16.60 -45.00 32.58
CA ASN G 175 16.14 -43.86 31.78
C ASN G 175 16.63 -42.53 32.36
N HIS G 176 17.49 -41.83 31.62
CA HIS G 176 18.01 -40.55 32.07
C HIS G 176 16.93 -39.47 32.18
N GLY G 177 15.83 -39.66 31.48
CA GLY G 177 14.75 -38.69 31.54
C GLY G 177 14.36 -38.43 32.98
N GLU G 178 14.33 -39.50 33.77
CA GLU G 178 13.99 -39.39 35.18
C GLU G 178 14.92 -38.40 35.85
N ASP G 179 16.21 -38.51 35.55
CA ASP G 179 17.21 -37.61 36.11
C ASP G 179 16.90 -36.18 35.74
N TRP G 180 16.58 -35.95 34.48
CA TRP G 180 16.29 -34.60 34.01
C TRP G 180 15.06 -33.96 34.66
N GLY G 181 13.98 -34.73 34.80
CA GLY G 181 12.80 -34.19 35.44
C GLY G 181 13.15 -33.81 36.87
N LEU G 182 13.82 -34.74 37.56
CA LEU G 182 14.24 -34.53 38.92
C LEU G 182 15.08 -33.28 39.02
N ALA G 183 16.03 -33.11 38.11
CA ALA G 183 16.90 -31.94 38.12
C ALA G 183 16.13 -30.66 37.83
N ALA G 184 15.19 -30.73 36.90
CA ALA G 184 14.39 -29.57 36.54
C ALA G 184 13.73 -28.98 37.79
N VAL G 185 13.15 -29.85 38.60
CA VAL G 185 12.47 -29.43 39.81
C VAL G 185 13.45 -28.78 40.78
N GLU G 186 14.54 -29.47 41.08
CA GLU G 186 15.51 -28.92 42.00
C GLU G 186 15.97 -27.53 41.56
N MET G 187 16.41 -27.43 40.32
CA MET G 187 16.89 -26.17 39.80
C MET G 187 15.81 -25.11 39.79
N GLY G 188 14.58 -25.51 39.49
CA GLY G 188 13.48 -24.55 39.48
C GLY G 188 13.32 -23.95 40.87
N VAL G 189 13.30 -24.83 41.87
CA VAL G 189 13.18 -24.39 43.24
C VAL G 189 14.34 -23.46 43.57
N ARG G 190 15.55 -23.91 43.28
CA ARG G 190 16.74 -23.13 43.56
C ARG G 190 16.73 -21.76 42.88
N ARG G 191 16.33 -21.74 41.61
CA ARG G 191 16.27 -20.48 40.87
C ARG G 191 15.41 -19.49 41.64
N ARG G 192 14.24 -19.93 42.08
CA ARG G 192 13.33 -19.07 42.85
C ARG G 192 14.02 -18.44 44.04
N ASP G 193 14.67 -19.27 44.87
CA ASP G 193 15.35 -18.75 46.04
C ASP G 193 16.41 -17.73 45.68
N TRP G 194 17.19 -18.04 44.65
CA TRP G 194 18.23 -17.11 44.22
C TRP G 194 17.54 -15.81 43.82
N ALA G 195 16.45 -15.94 43.07
CA ALA G 195 15.71 -14.77 42.62
C ALA G 195 15.23 -13.97 43.82
N ALA G 196 15.07 -14.65 44.96
CA ALA G 196 14.61 -14.00 46.18
C ALA G 196 15.77 -13.47 47.00
N GLY G 197 16.98 -13.58 46.44
CA GLY G 197 18.16 -13.09 47.13
C GLY G 197 18.56 -13.98 48.32
N LYS G 198 18.00 -15.18 48.39
CA LYS G 198 18.33 -16.10 49.48
C LYS G 198 19.63 -16.86 49.21
N THR G 199 20.45 -17.06 50.24
CA THR G 199 21.71 -17.79 50.05
C THR G 199 21.95 -18.90 51.10
N GLY H 5 53.45 -28.07 38.07
CA GLY H 5 53.15 -27.60 39.48
C GLY H 5 53.15 -26.09 39.63
N PRO H 6 52.27 -25.55 40.49
CA PRO H 6 52.13 -24.12 40.76
C PRO H 6 52.95 -23.61 41.94
N THR H 7 52.94 -22.28 42.16
CA THR H 7 53.66 -21.72 43.31
C THR H 7 52.64 -21.28 44.38
N PRO H 8 52.79 -21.83 45.61
CA PRO H 8 51.89 -21.52 46.74
C PRO H 8 51.93 -20.06 47.19
N GLN H 9 50.77 -19.56 47.60
CA GLN H 9 50.63 -18.18 48.10
C GLN H 9 49.38 -18.07 48.99
N GLN H 10 49.59 -17.71 50.25
CA GLN H 10 48.47 -17.56 51.18
C GLN H 10 48.23 -16.05 51.40
N HIS H 11 47.00 -15.61 51.20
CA HIS H 11 46.65 -14.22 51.40
C HIS H 11 45.67 -14.11 52.56
N ASP H 12 45.40 -12.88 52.98
CA ASP H 12 44.51 -12.65 54.11
C ASP H 12 43.13 -13.18 53.82
N GLY H 13 42.38 -12.48 53.00
CA GLY H 13 41.05 -12.98 52.72
C GLY H 13 40.25 -13.38 53.95
N SER H 14 40.25 -12.51 54.96
CA SER H 14 39.50 -12.73 56.18
C SER H 14 38.30 -11.81 56.07
N ALA H 15 38.37 -10.87 55.13
CA ALA H 15 37.31 -9.92 54.89
C ALA H 15 36.59 -10.33 53.64
N LEU H 16 36.89 -11.56 53.21
CA LEU H 16 36.31 -12.14 51.99
C LEU H 16 35.04 -12.93 52.23
N ARG H 17 34.19 -12.97 51.23
CA ARG H 17 32.96 -13.77 51.30
C ARG H 17 33.03 -14.64 50.05
N ILE H 18 33.21 -15.94 50.24
CA ILE H 18 33.33 -16.88 49.13
C ILE H 18 32.09 -17.75 48.92
N GLY H 19 31.73 -17.93 47.65
CA GLY H 19 30.58 -18.73 47.30
C GLY H 19 31.04 -19.97 46.56
N ILE H 20 30.56 -21.13 46.97
CA ILE H 20 30.96 -22.37 46.35
C ILE H 20 29.74 -23.15 45.88
N VAL H 21 29.81 -23.65 44.66
CA VAL H 21 28.73 -24.47 44.12
C VAL H 21 29.39 -25.73 43.62
N HIS H 22 28.94 -26.87 44.11
CA HIS H 22 29.52 -28.13 43.65
C HIS H 22 28.42 -29.04 43.11
N ALA H 23 28.76 -29.84 42.11
CA ALA H 23 27.79 -30.76 41.54
C ALA H 23 27.77 -31.97 42.45
N ARG H 24 26.85 -32.89 42.21
CA ARG H 24 26.78 -34.08 43.04
C ARG H 24 27.12 -35.39 42.34
N TRP H 25 27.50 -35.35 41.08
CA TRP H 25 27.87 -36.58 40.41
C TRP H 25 29.23 -36.96 40.95
N ASN H 26 29.44 -38.24 41.22
CA ASN H 26 30.72 -38.69 41.74
C ASN H 26 31.01 -38.04 43.10
N GLU H 27 30.04 -38.10 44.01
CA GLU H 27 30.18 -37.51 45.33
C GLU H 27 31.40 -37.96 46.10
N THR H 28 31.78 -39.22 45.96
CA THR H 28 32.94 -39.72 46.69
C THR H 28 34.22 -38.99 46.30
N ILE H 29 34.14 -38.25 45.19
CA ILE H 29 35.28 -37.47 44.72
C ILE H 29 34.99 -35.99 45.05
N ILE H 30 33.74 -35.60 44.93
CA ILE H 30 33.34 -34.23 45.22
C ILE H 30 33.63 -33.85 46.66
N GLU H 31 33.28 -34.73 47.58
CA GLU H 31 33.48 -34.48 49.00
C GLU H 31 34.93 -34.20 49.34
N PRO H 32 35.83 -35.11 48.96
CA PRO H 32 37.25 -34.89 49.26
C PRO H 32 37.70 -33.54 48.72
N LEU H 33 37.22 -33.21 47.53
CA LEU H 33 37.58 -31.96 46.90
C LEU H 33 37.05 -30.81 47.70
N LEU H 34 35.74 -30.78 47.88
CA LEU H 34 35.10 -29.72 48.65
C LEU H 34 35.75 -29.54 50.02
N ALA H 35 36.05 -30.66 50.66
CA ALA H 35 36.68 -30.65 51.96
C ALA H 35 37.99 -29.89 51.91
N GLY H 36 38.85 -30.26 50.98
CA GLY H 36 40.12 -29.58 50.87
C GLY H 36 40.02 -28.11 50.54
N THR H 37 39.10 -27.75 49.64
CA THR H 37 38.97 -26.36 49.28
C THR H 37 38.43 -25.57 50.48
N LYS H 38 37.40 -26.09 51.15
CA LYS H 38 36.88 -25.37 52.31
C LYS H 38 37.96 -25.23 53.38
N ALA H 39 38.70 -26.30 53.61
CA ALA H 39 39.78 -26.31 54.58
C ALA H 39 40.71 -25.13 54.34
N LYS H 40 41.37 -25.10 53.18
CA LYS H 40 42.28 -24.02 52.86
C LYS H 40 41.64 -22.63 52.97
N LEU H 41 40.33 -22.55 52.76
CA LEU H 41 39.67 -21.25 52.87
C LEU H 41 39.80 -20.77 54.31
N LEU H 42 39.35 -21.58 55.25
CA LEU H 42 39.44 -21.25 56.67
C LEU H 42 40.90 -21.01 57.00
N ALA H 43 41.75 -21.91 56.51
CA ALA H 43 43.19 -21.82 56.74
C ALA H 43 43.74 -20.46 56.35
N CYS H 44 43.01 -19.75 55.49
CA CYS H 44 43.45 -18.44 55.06
C CYS H 44 42.75 -17.34 55.80
N GLY H 45 41.93 -17.70 56.78
CA GLY H 45 41.24 -16.69 57.55
C GLY H 45 39.83 -16.37 57.10
N VAL H 46 39.33 -17.07 56.11
CA VAL H 46 37.98 -16.81 55.67
C VAL H 46 37.08 -17.28 56.80
N LYS H 47 36.15 -16.43 57.24
CA LYS H 47 35.26 -16.80 58.32
C LYS H 47 34.27 -17.87 57.87
N GLU H 48 34.15 -18.90 58.68
CA GLU H 48 33.24 -20.00 58.39
C GLU H 48 31.89 -19.52 57.91
N SER H 49 31.40 -18.44 58.51
CA SER H 49 30.09 -17.90 58.15
C SER H 49 30.10 -17.13 56.84
N ASN H 50 31.27 -16.81 56.32
CA ASN H 50 31.37 -16.10 55.05
C ASN H 50 31.62 -17.04 53.88
N ILE H 51 31.47 -18.34 54.12
CA ILE H 51 31.64 -19.34 53.09
C ILE H 51 30.29 -19.97 52.83
N VAL H 52 29.69 -19.64 51.67
CA VAL H 52 28.41 -20.21 51.29
C VAL H 52 28.69 -21.41 50.40
N VAL H 53 27.96 -22.51 50.63
CA VAL H 53 28.17 -23.71 49.85
C VAL H 53 26.86 -24.35 49.43
N GLN H 54 26.56 -24.30 48.14
CA GLN H 54 25.33 -24.91 47.67
C GLN H 54 25.68 -25.97 46.64
N SER H 55 24.75 -26.88 46.36
CA SER H 55 25.02 -27.92 45.38
C SER H 55 23.99 -27.96 44.25
N VAL H 56 24.31 -28.74 43.23
CA VAL H 56 23.45 -28.92 42.08
C VAL H 56 23.65 -30.35 41.63
N PRO H 57 22.72 -30.90 40.86
CA PRO H 57 22.88 -32.28 40.41
C PRO H 57 24.13 -32.56 39.57
N GLY H 58 24.26 -31.93 38.40
CA GLY H 58 25.42 -32.16 37.57
C GLY H 58 26.24 -30.92 37.26
N SER H 59 27.35 -31.11 36.53
CA SER H 59 28.22 -30.00 36.17
C SER H 59 27.54 -28.97 35.28
N TRP H 60 26.61 -29.44 34.47
CA TRP H 60 25.89 -28.55 33.56
C TRP H 60 25.23 -27.42 34.34
N GLU H 61 24.82 -27.73 35.56
CA GLU H 61 24.15 -26.77 36.42
C GLU H 61 25.13 -25.79 37.06
N LEU H 62 26.41 -26.15 37.07
CA LEU H 62 27.43 -25.32 37.66
C LEU H 62 27.41 -23.86 37.23
N PRO H 63 27.61 -23.58 35.92
CA PRO H 63 27.59 -22.18 35.52
C PRO H 63 26.32 -21.40 35.85
N ILE H 64 25.16 -21.95 35.54
CA ILE H 64 23.91 -21.26 35.84
C ILE H 64 23.77 -21.03 37.34
N ALA H 65 24.11 -22.04 38.11
CA ALA H 65 24.03 -21.96 39.57
C ALA H 65 24.99 -20.90 40.11
N VAL H 66 26.21 -20.85 39.57
CA VAL H 66 27.17 -19.85 40.04
C VAL H 66 26.70 -18.45 39.68
N GLN H 67 26.20 -18.29 38.46
CA GLN H 67 25.72 -16.98 38.02
C GLN H 67 24.62 -16.44 38.92
N ARG H 68 23.67 -17.31 39.27
CA ARG H 68 22.54 -16.97 40.13
C ARG H 68 22.92 -16.78 41.60
N LEU H 69 23.85 -17.60 42.09
CA LEU H 69 24.26 -17.51 43.47
C LEU H 69 24.80 -16.10 43.64
N TYR H 70 25.75 -15.72 42.80
CA TYR H 70 26.34 -14.40 42.88
C TYR H 70 25.24 -13.35 42.76
N SER H 71 24.39 -13.55 41.77
CA SER H 71 23.29 -12.66 41.51
C SER H 71 22.53 -12.39 42.81
N ALA H 72 22.23 -13.46 43.55
CA ALA H 72 21.52 -13.33 44.81
C ALA H 72 22.31 -12.50 45.81
N SER H 73 23.57 -12.85 46.04
CA SER H 73 24.40 -12.12 46.99
C SER H 73 24.36 -10.62 46.74
N GLN H 74 24.10 -10.22 45.49
CA GLN H 74 24.03 -8.82 45.16
C GLN H 74 22.76 -8.17 45.70
N LEU H 75 21.64 -8.84 45.54
CA LEU H 75 20.37 -8.32 46.02
C LEU H 75 20.41 -8.03 47.52
N GLN H 76 21.33 -8.69 48.23
CA GLN H 76 21.44 -8.50 49.68
C GLN H 76 22.15 -7.18 50.02
N SER H 107 28.29 -13.74 55.58
CA SER H 107 27.07 -12.91 55.87
C SER H 107 27.02 -11.62 55.06
N THR H 108 25.96 -11.52 54.24
CA THR H 108 25.65 -10.39 53.33
C THR H 108 26.82 -9.80 52.54
N GLY H 109 26.47 -9.17 51.41
CA GLY H 109 27.49 -8.57 50.56
C GLY H 109 27.85 -9.48 49.41
N PRO H 110 27.85 -8.96 48.17
CA PRO H 110 28.19 -9.81 47.02
C PRO H 110 29.52 -10.52 47.24
N PHE H 111 29.57 -11.79 46.86
CA PHE H 111 30.78 -12.58 47.02
C PHE H 111 31.96 -11.94 46.32
N ASP H 112 33.15 -12.16 46.87
CA ASP H 112 34.36 -11.60 46.31
C ASP H 112 35.01 -12.56 45.33
N ALA H 113 34.63 -13.83 45.45
CA ALA H 113 35.15 -14.86 44.58
C ALA H 113 34.22 -16.07 44.65
N LEU H 114 34.18 -16.83 43.56
CA LEU H 114 33.33 -18.00 43.47
C LEU H 114 34.14 -19.22 43.07
N ILE H 115 33.67 -20.41 43.45
CA ILE H 115 34.37 -21.63 43.11
C ILE H 115 33.37 -22.65 42.58
N ALA H 116 33.68 -23.22 41.42
CA ALA H 116 32.79 -24.21 40.83
C ALA H 116 33.49 -25.54 40.91
N ILE H 117 32.88 -26.50 41.59
CA ILE H 117 33.46 -27.83 41.73
C ILE H 117 32.61 -28.87 41.04
N GLY H 118 33.22 -29.60 40.12
CA GLY H 118 32.49 -30.62 39.39
C GLY H 118 33.46 -31.71 39.00
N VAL H 119 32.94 -32.89 38.70
CA VAL H 119 33.78 -34.01 38.32
C VAL H 119 33.20 -34.75 37.13
N LEU H 120 33.78 -34.51 35.94
CA LEU H 120 33.33 -35.17 34.73
C LEU H 120 34.25 -36.35 34.46
N ILE H 121 33.68 -37.49 34.10
CA ILE H 121 34.47 -38.66 33.79
C ILE H 121 33.96 -39.24 32.47
N LYS H 122 34.88 -39.51 31.54
CA LYS H 122 34.51 -40.07 30.25
C LYS H 122 33.60 -41.28 30.36
N GLY H 123 32.51 -41.26 29.60
CA GLY H 123 31.60 -42.39 29.59
C GLY H 123 31.85 -43.21 28.34
N GLU H 124 30.80 -43.78 27.77
CA GLU H 124 30.95 -44.57 26.56
C GLU H 124 30.65 -43.69 25.36
N THR H 125 29.93 -42.60 25.60
CA THR H 125 29.55 -41.68 24.53
C THR H 125 30.29 -40.35 24.62
N MET H 126 29.93 -39.44 23.74
CA MET H 126 30.55 -38.11 23.66
C MET H 126 29.93 -37.14 24.64
N HIS H 127 29.05 -37.64 25.48
CA HIS H 127 28.38 -36.83 26.49
C HIS H 127 29.42 -36.07 27.29
N PHE H 128 30.43 -36.80 27.73
CA PHE H 128 31.52 -36.22 28.51
C PHE H 128 32.08 -34.96 27.87
N GLU H 129 32.55 -35.07 26.64
CA GLU H 129 33.12 -33.92 25.97
C GLU H 129 32.18 -32.75 25.69
N TYR H 130 30.93 -33.01 25.36
CA TYR H 130 30.04 -31.90 25.10
C TYR H 130 29.66 -31.14 26.34
N ILE H 131 29.67 -31.81 27.47
CA ILE H 131 29.33 -31.16 28.71
C ILE H 131 30.52 -30.42 29.27
N ALA H 132 31.69 -31.04 29.18
CA ALA H 132 32.93 -30.44 29.66
C ALA H 132 33.22 -29.13 28.96
N ASP H 133 33.12 -29.14 27.63
CA ASP H 133 33.39 -27.96 26.83
C ASP H 133 32.42 -26.82 27.12
N SER H 134 31.15 -27.14 27.30
CA SER H 134 30.14 -26.11 27.58
C SER H 134 30.22 -25.59 29.00
N VAL H 135 30.45 -26.48 29.95
CA VAL H 135 30.56 -26.05 31.34
C VAL H 135 31.80 -25.18 31.47
N SER H 136 32.85 -25.54 30.75
CA SER H 136 34.09 -24.77 30.78
C SER H 136 33.86 -23.36 30.27
N HIS H 137 33.33 -23.23 29.06
CA HIS H 137 33.06 -21.91 28.51
C HIS H 137 32.03 -21.20 29.35
N GLY H 138 31.05 -21.96 29.85
CA GLY H 138 30.03 -21.37 30.68
C GLY H 138 30.62 -20.65 31.87
N LEU H 139 31.51 -21.32 32.58
CA LEU H 139 32.15 -20.73 33.75
C LEU H 139 33.02 -19.55 33.37
N MET H 140 33.80 -19.70 32.30
CA MET H 140 34.66 -18.63 31.82
C MET H 140 33.81 -17.41 31.54
N ARG H 141 32.59 -17.64 31.06
CA ARG H 141 31.71 -16.53 30.75
C ARG H 141 31.19 -15.85 32.00
N VAL H 142 30.62 -16.63 32.92
CA VAL H 142 30.07 -16.06 34.14
C VAL H 142 31.13 -15.20 34.78
N GLN H 143 32.35 -15.68 34.70
CA GLN H 143 33.52 -14.98 35.26
C GLN H 143 33.66 -13.58 34.63
N LEU H 144 33.84 -13.55 33.32
CA LEU H 144 34.01 -12.29 32.59
C LEU H 144 32.77 -11.43 32.62
N ASP H 145 31.61 -12.07 32.58
CA ASP H 145 30.32 -11.37 32.60
C ASP H 145 30.19 -10.62 33.90
N THR H 146 30.33 -11.39 34.96
CA THR H 146 30.19 -10.92 36.32
C THR H 146 31.35 -10.07 36.83
N GLY H 147 32.53 -10.25 36.24
CA GLY H 147 33.68 -9.48 36.68
C GLY H 147 34.18 -10.02 37.99
N VAL H 148 33.72 -11.21 38.36
CA VAL H 148 34.13 -11.87 39.61
C VAL H 148 34.84 -13.17 39.31
N PRO H 149 36.02 -13.38 39.90
CA PRO H 149 36.74 -14.63 39.64
C PRO H 149 35.92 -15.87 40.00
N VAL H 150 35.92 -16.85 39.11
CA VAL H 150 35.23 -18.10 39.37
C VAL H 150 36.29 -19.15 39.22
N ILE H 151 36.73 -19.72 40.34
CA ILE H 151 37.77 -20.74 40.31
C ILE H 151 37.26 -22.00 39.62
N PHE H 152 38.05 -22.46 38.65
CA PHE H 152 37.72 -23.65 37.88
C PHE H 152 38.06 -24.92 38.63
N GLY H 153 37.14 -25.36 39.49
CA GLY H 153 37.37 -26.58 40.24
C GLY H 153 36.66 -27.77 39.62
N VAL H 154 36.71 -27.86 38.29
CA VAL H 154 36.07 -28.94 37.57
C VAL H 154 37.10 -29.90 37.01
N LEU H 155 36.93 -31.20 37.33
CA LEU H 155 37.85 -32.21 36.84
C LEU H 155 37.27 -32.86 35.59
N THR H 156 38.09 -32.96 34.55
CA THR H 156 37.71 -33.57 33.30
C THR H 156 38.66 -34.73 33.15
N VAL H 157 38.29 -35.82 33.79
CA VAL H 157 39.08 -37.04 33.85
C VAL H 157 38.64 -38.17 32.93
N LEU H 158 39.51 -39.16 32.76
CA LEU H 158 39.21 -40.30 31.90
C LEU H 158 38.97 -41.58 32.69
N THR H 159 39.46 -41.64 33.93
CA THR H 159 39.26 -42.81 34.77
C THR H 159 39.02 -42.43 36.23
N ASP H 160 38.26 -43.25 36.95
CA ASP H 160 37.96 -43.00 38.35
C ASP H 160 39.21 -42.68 39.16
N ASP H 161 40.25 -43.50 39.00
CA ASP H 161 41.49 -43.29 39.73
C ASP H 161 42.06 -41.90 39.52
N GLN H 162 41.98 -41.38 38.30
CA GLN H 162 42.51 -40.04 38.06
C GLN H 162 41.76 -39.05 38.93
N ALA H 163 40.45 -39.22 39.04
CA ALA H 163 39.64 -38.33 39.86
C ALA H 163 40.14 -38.42 41.28
N LYS H 164 40.21 -39.63 41.80
CA LYS H 164 40.70 -39.87 43.15
C LYS H 164 42.07 -39.25 43.40
N ALA H 165 43.00 -39.46 42.49
CA ALA H 165 44.33 -38.91 42.63
C ALA H 165 44.26 -37.38 42.75
N ARG H 166 43.46 -36.75 41.91
CA ARG H 166 43.33 -35.29 41.95
C ARG H 166 42.58 -34.80 43.17
N ALA H 167 41.89 -35.71 43.86
CA ALA H 167 41.12 -35.32 45.05
C ALA H 167 41.86 -35.64 46.32
N GLY H 168 43.08 -36.15 46.20
CA GLY H 168 43.86 -36.49 47.37
C GLY H 168 43.43 -37.80 47.98
N VAL H 169 42.39 -38.43 47.44
CA VAL H 169 41.90 -39.70 47.96
C VAL H 169 43.02 -40.74 48.02
N ILE H 170 43.69 -40.96 46.91
CA ILE H 170 44.79 -41.92 46.88
C ILE H 170 45.90 -41.38 47.81
N GLU H 171 46.53 -42.28 48.56
CA GLU H 171 47.61 -41.93 49.50
C GLU H 171 48.57 -40.81 49.04
N GLY H 172 48.53 -39.69 49.77
CA GLY H 172 49.35 -38.53 49.50
C GLY H 172 49.35 -38.10 48.03
N SER H 173 48.18 -38.14 47.40
CA SER H 173 48.09 -37.79 45.98
C SER H 173 47.95 -36.29 45.70
N HIS H 174 47.75 -35.53 46.77
CA HIS H 174 47.56 -34.10 46.63
C HIS H 174 46.18 -33.79 46.08
N ASN H 175 45.40 -33.18 46.95
CA ASN H 175 44.05 -32.77 46.70
C ASN H 175 44.06 -31.40 46.05
N HIS H 176 43.54 -31.29 44.83
CA HIS H 176 43.50 -30.01 44.15
C HIS H 176 42.55 -29.01 44.81
N GLY H 177 41.64 -29.51 45.63
CA GLY H 177 40.71 -28.63 46.30
C GLY H 177 41.47 -27.56 47.06
N GLU H 178 42.56 -27.97 47.69
CA GLU H 178 43.40 -27.06 48.44
C GLU H 178 43.85 -25.90 47.54
N ASP H 179 44.26 -26.24 46.32
CA ASP H 179 44.69 -25.23 45.37
C ASP H 179 43.57 -24.25 45.08
N TRP H 180 42.37 -24.78 44.86
CA TRP H 180 41.22 -23.93 44.55
C TRP H 180 40.83 -22.97 45.68
N GLY H 181 40.82 -23.46 46.91
CA GLY H 181 40.49 -22.58 48.00
C GLY H 181 41.52 -21.49 48.06
N LEU H 182 42.79 -21.88 47.99
CA LEU H 182 43.90 -20.94 48.03
C LEU H 182 43.74 -19.91 46.93
N ALA H 183 43.41 -20.35 45.74
CA ALA H 183 43.23 -19.43 44.62
C ALA H 183 42.02 -18.52 44.81
N ALA H 184 40.94 -19.07 45.36
CA ALA H 184 39.75 -18.29 45.58
C ALA H 184 40.07 -17.06 46.42
N VAL H 185 40.87 -17.27 47.46
CA VAL H 185 41.24 -16.19 48.37
C VAL H 185 42.08 -15.15 47.63
N GLU H 186 43.15 -15.60 46.99
CA GLU H 186 44.01 -14.66 46.28
C GLU H 186 43.20 -13.81 45.31
N MET H 187 42.43 -14.47 44.45
CA MET H 187 41.63 -13.77 43.48
C MET H 187 40.59 -12.85 44.12
N GLY H 188 40.03 -13.28 45.24
CA GLY H 188 39.04 -12.46 45.92
C GLY H 188 39.70 -11.16 46.33
N VAL H 189 40.86 -11.30 46.96
CA VAL H 189 41.61 -10.14 47.41
C VAL H 189 41.95 -9.25 46.23
N ARG H 190 42.48 -9.86 45.18
CA ARG H 190 42.86 -9.12 43.98
C ARG H 190 41.67 -8.39 43.34
N ARG H 191 40.53 -9.08 43.25
CA ARG H 191 39.34 -8.48 42.67
C ARG H 191 39.02 -7.18 43.39
N ARG H 192 39.05 -7.21 44.73
CA ARG H 192 38.77 -6.03 45.54
C ARG H 192 39.66 -4.86 45.15
N ASP H 193 40.97 -5.10 45.10
CA ASP H 193 41.91 -4.04 44.75
C ASP H 193 41.61 -3.48 43.38
N TRP H 194 41.37 -4.37 42.41
CA TRP H 194 41.05 -3.90 41.08
C TRP H 194 39.79 -3.04 41.16
N ALA H 195 38.81 -3.52 41.90
CA ALA H 195 37.56 -2.78 42.04
C ALA H 195 37.83 -1.41 42.66
N ALA H 196 38.94 -1.30 43.38
CA ALA H 196 39.31 -0.04 44.02
C ALA H 196 40.19 0.80 43.11
N GLY H 197 40.39 0.33 41.87
CA GLY H 197 41.21 1.07 40.93
C GLY H 197 42.70 0.99 41.24
N LYS H 198 43.08 0.08 42.13
CA LYS H 198 44.48 -0.07 42.49
C LYS H 198 45.25 -0.91 41.46
N THR H 199 46.49 -0.51 41.15
CA THR H 199 47.29 -1.28 40.19
C THR H 199 48.73 -1.58 40.68
N GLY I 5 58.24 -18.06 11.05
CA GLY I 5 58.90 -16.86 11.69
C GLY I 5 58.26 -15.53 11.30
N PRO I 6 58.23 -14.55 12.22
CA PRO I 6 57.65 -13.21 11.99
C PRO I 6 58.65 -12.15 11.54
N THR I 7 58.16 -10.95 11.23
CA THR I 7 59.05 -9.86 10.84
C THR I 7 59.16 -8.82 11.98
N PRO I 8 60.38 -8.58 12.46
CA PRO I 8 60.66 -7.64 13.55
C PRO I 8 60.27 -6.19 13.24
N GLN I 9 59.80 -5.47 14.27
CA GLN I 9 59.39 -4.07 14.16
C GLN I 9 59.41 -3.40 15.53
N GLN I 10 60.24 -2.37 15.68
CA GLN I 10 60.30 -1.67 16.95
C GLN I 10 59.63 -0.31 16.81
N HIS I 11 58.67 -0.03 17.68
CA HIS I 11 57.97 1.24 17.64
C HIS I 11 58.31 2.06 18.88
N ASP I 12 57.90 3.33 18.87
CA ASP I 12 58.19 4.22 19.98
C ASP I 12 57.60 3.66 21.29
N GLY I 13 56.30 3.82 21.46
CA GLY I 13 55.69 3.32 22.67
C GLY I 13 56.42 3.74 23.92
N SER I 14 56.73 5.03 24.00
CA SER I 14 57.39 5.58 25.17
C SER I 14 56.29 6.32 25.93
N ALA I 15 55.18 6.54 25.24
CA ALA I 15 54.04 7.23 25.82
C ALA I 15 52.98 6.18 26.14
N LEU I 16 53.42 4.92 26.09
CA LEU I 16 52.56 3.78 26.34
C LEU I 16 52.56 3.31 27.79
N ARG I 17 51.43 2.75 28.21
CA ARG I 17 51.32 2.19 29.55
C ARG I 17 50.86 0.75 29.30
N ILE I 18 51.73 -0.20 29.61
CA ILE I 18 51.44 -1.61 29.39
C ILE I 18 51.13 -2.38 30.67
N GLY I 19 50.13 -3.24 30.59
CA GLY I 19 49.75 -4.05 31.73
C GLY I 19 50.03 -5.50 31.44
N ILE I 20 50.69 -6.18 32.36
CA ILE I 20 51.03 -7.59 32.16
C ILE I 20 50.52 -8.45 33.31
N VAL I 21 49.89 -9.56 32.98
CA VAL I 21 49.39 -10.49 33.98
C VAL I 21 49.96 -11.83 33.62
N HIS I 22 50.68 -12.45 34.54
CA HIS I 22 51.23 -13.76 34.25
C HIS I 22 50.78 -14.76 35.30
N ALA I 23 50.61 -16.01 34.89
CA ALA I 23 50.20 -17.05 35.82
C ALA I 23 51.46 -17.51 36.53
N ARG I 24 51.31 -18.36 37.52
CA ARG I 24 52.48 -18.83 38.24
C ARG I 24 52.79 -20.31 38.09
N TRP I 25 52.01 -21.03 37.29
CA TRP I 25 52.31 -22.43 37.10
C TRP I 25 53.53 -22.48 36.20
N ASN I 26 54.46 -23.38 36.51
CA ASN I 26 55.67 -23.50 35.70
C ASN I 26 56.46 -22.21 35.74
N GLU I 27 56.70 -21.70 36.94
CA GLU I 27 57.43 -20.45 37.10
C GLU I 27 58.79 -20.43 36.43
N THR I 28 59.50 -21.55 36.44
CA THR I 28 60.82 -21.58 35.82
C THR I 28 60.76 -21.29 34.33
N ILE I 29 59.54 -21.29 33.77
CA ILE I 29 59.34 -20.99 32.35
C ILE I 29 58.72 -19.60 32.28
N ILE I 30 57.86 -19.28 33.22
CA ILE I 30 57.19 -17.99 33.26
C ILE I 30 58.18 -16.86 33.40
N GLU I 31 59.14 -17.01 34.32
CA GLU I 31 60.15 -15.98 34.58
C GLU I 31 60.94 -15.63 33.34
N PRO I 32 61.54 -16.63 32.67
CA PRO I 32 62.32 -16.36 31.45
C PRO I 32 61.46 -15.59 30.44
N LEU I 33 60.21 -15.99 30.33
CA LEU I 33 59.28 -15.36 29.42
C LEU I 33 59.06 -13.93 29.83
N LEU I 34 58.58 -13.74 31.05
CA LEU I 34 58.29 -12.40 31.57
C LEU I 34 59.50 -11.49 31.42
N ALA I 35 60.66 -12.04 31.75
CA ALA I 35 61.91 -11.30 31.64
C ALA I 35 62.10 -10.77 30.23
N GLY I 36 61.99 -11.65 29.25
CA GLY I 36 62.17 -11.23 27.88
C GLY I 36 61.14 -10.22 27.40
N THR I 37 59.90 -10.40 27.79
CA THR I 37 58.88 -9.48 27.34
C THR I 37 59.10 -8.12 28.00
N LYS I 38 59.40 -8.11 29.30
CA LYS I 38 59.63 -6.83 29.97
C LYS I 38 60.85 -6.14 29.34
N ALA I 39 61.90 -6.92 29.10
CA ALA I 39 63.11 -6.40 28.49
C ALA I 39 62.78 -5.62 27.23
N LYS I 40 62.23 -6.30 26.23
CA LYS I 40 61.87 -5.64 24.97
C LYS I 40 60.95 -4.43 25.16
N LEU I 41 60.15 -4.42 26.22
CA LEU I 41 59.29 -3.28 26.44
C LEU I 41 60.17 -2.06 26.66
N LEU I 42 61.05 -2.16 27.66
CA LEU I 42 61.96 -1.07 27.99
C LEU I 42 62.76 -0.76 26.73
N ALA I 43 63.28 -1.80 26.10
CA ALA I 43 64.05 -1.66 24.89
C ALA I 43 63.34 -0.79 23.87
N CYS I 44 62.03 -0.70 23.98
CA CYS I 44 61.27 0.10 23.03
C CYS I 44 60.93 1.47 23.59
N GLY I 45 61.45 1.77 24.78
CA GLY I 45 61.19 3.07 25.35
C GLY I 45 60.04 3.15 26.34
N VAL I 46 59.41 2.02 26.62
CA VAL I 46 58.32 2.05 27.58
C VAL I 46 58.97 2.35 28.92
N LYS I 47 58.46 3.35 29.63
CA LYS I 47 59.03 3.70 30.93
C LYS I 47 58.78 2.63 31.98
N GLU I 48 59.83 2.24 32.68
CA GLU I 48 59.73 1.23 33.72
C GLU I 48 58.50 1.41 34.59
N SER I 49 58.19 2.67 34.93
CA SER I 49 57.05 2.95 35.79
C SER I 49 55.70 2.80 35.08
N ASN I 50 55.73 2.72 33.75
CA ASN I 50 54.49 2.55 33.00
C ASN I 50 54.19 1.10 32.66
N ILE I 51 54.95 0.20 33.27
CA ILE I 51 54.77 -1.23 33.05
C ILE I 51 54.26 -1.83 34.34
N VAL I 52 52.98 -2.21 34.35
CA VAL I 52 52.38 -2.84 35.53
C VAL I 52 52.45 -4.35 35.33
N VAL I 53 52.80 -5.07 36.38
CA VAL I 53 52.94 -6.51 36.29
C VAL I 53 52.37 -7.21 37.51
N GLN I 54 51.25 -7.89 37.31
CA GLN I 54 50.63 -8.63 38.41
C GLN I 54 50.57 -10.11 38.04
N SER I 55 50.37 -10.97 39.03
CA SER I 55 50.31 -12.38 38.75
C SER I 55 49.02 -13.01 39.26
N VAL I 56 48.81 -14.26 38.86
CA VAL I 56 47.65 -15.03 39.27
C VAL I 56 48.12 -16.47 39.38
N PRO I 57 47.38 -17.32 40.09
CA PRO I 57 47.84 -18.71 40.20
C PRO I 57 47.94 -19.48 38.87
N GLY I 58 46.84 -19.65 38.16
CA GLY I 58 46.90 -20.38 36.90
C GLY I 58 46.43 -19.59 35.70
N SER I 59 46.51 -20.21 34.52
CA SER I 59 46.10 -19.57 33.29
C SER I 59 44.61 -19.22 33.25
N TRP I 60 43.80 -20.03 33.93
CA TRP I 60 42.37 -19.80 33.96
C TRP I 60 42.07 -18.41 34.49
N GLU I 61 42.94 -17.93 35.38
CA GLU I 61 42.77 -16.62 35.99
C GLU I 61 43.21 -15.50 35.04
N LEU I 62 43.99 -15.86 34.04
CA LEU I 62 44.49 -14.88 33.09
C LEU I 62 43.43 -13.94 32.51
N PRO I 63 42.43 -14.47 31.79
CA PRO I 63 41.43 -13.56 31.24
C PRO I 63 40.68 -12.68 32.24
N ILE I 64 40.19 -13.25 33.33
CA ILE I 64 39.48 -12.45 34.32
C ILE I 64 40.42 -11.40 34.92
N ALA I 65 41.66 -11.79 35.19
CA ALA I 65 42.63 -10.88 35.74
C ALA I 65 42.95 -9.74 34.78
N VAL I 66 43.12 -10.06 33.50
CA VAL I 66 43.41 -9.02 32.52
C VAL I 66 42.22 -8.07 32.38
N GLN I 67 41.01 -8.62 32.34
CA GLN I 67 39.81 -7.81 32.22
C GLN I 67 39.69 -6.80 33.35
N ARG I 68 39.96 -7.25 34.56
CA ARG I 68 39.87 -6.42 35.76
C ARG I 68 41.02 -5.45 35.89
N LEU I 69 42.22 -5.87 35.50
CA LEU I 69 43.38 -5.00 35.59
C LEU I 69 43.07 -3.77 34.75
N TYR I 70 42.71 -4.01 33.50
CA TYR I 70 42.38 -2.91 32.60
C TYR I 70 41.26 -2.08 33.23
N SER I 71 40.23 -2.77 33.68
CA SER I 71 39.08 -2.15 34.30
C SER I 71 39.54 -1.14 35.36
N ALA I 72 40.49 -1.54 36.17
CA ALA I 72 41.02 -0.68 37.21
C ALA I 72 41.70 0.53 36.63
N SER I 73 42.62 0.31 35.70
CA SER I 73 43.35 1.41 35.08
C SER I 73 42.40 2.50 34.59
N GLN I 74 41.19 2.11 34.23
CA GLN I 74 40.20 3.07 33.76
C GLN I 74 39.67 3.96 34.88
N LEU I 75 39.37 3.36 36.03
CA LEU I 75 38.87 4.13 37.15
C LEU I 75 39.85 5.23 37.56
N GLN I 76 41.12 5.06 37.21
CA GLN I 76 42.14 6.05 37.54
C GLN I 76 42.07 7.30 36.62
N SER I 107 52.28 4.89 35.12
CA SER I 107 51.51 5.79 36.03
C SER I 107 50.23 6.38 35.38
N THR I 108 49.09 6.04 36.01
CA THR I 108 47.73 6.45 35.62
C THR I 108 47.39 6.40 34.13
N GLY I 109 46.10 6.29 33.84
CA GLY I 109 45.64 6.25 32.46
C GLY I 109 45.41 4.81 32.03
N PRO I 110 44.26 4.51 31.42
CA PRO I 110 43.99 3.14 30.99
C PRO I 110 45.10 2.61 30.10
N PHE I 111 45.49 1.36 30.32
CA PHE I 111 46.56 0.74 29.54
C PHE I 111 46.25 0.80 28.05
N ASP I 112 47.32 0.89 27.25
CA ASP I 112 47.19 0.96 25.80
C ASP I 112 47.27 -0.43 25.18
N ALA I 113 47.82 -1.37 25.94
CA ALA I 113 47.94 -2.75 25.50
C ALA I 113 48.15 -3.64 26.71
N LEU I 114 47.70 -4.89 26.60
CA LEU I 114 47.82 -5.85 27.69
C LEU I 114 48.50 -7.12 27.20
N ILE I 115 49.16 -7.81 28.12
CA ILE I 115 49.85 -9.04 27.78
C ILE I 115 49.50 -10.12 28.78
N ALA I 116 49.06 -11.27 28.28
CA ALA I 116 48.71 -12.39 29.15
C ALA I 116 49.76 -13.47 28.96
N ILE I 117 50.45 -13.81 30.04
CA ILE I 117 51.47 -14.84 29.96
C ILE I 117 51.10 -16.04 30.80
N GLY I 118 51.07 -17.20 30.16
CA GLY I 118 50.71 -18.42 30.86
C GLY I 118 51.41 -19.58 30.21
N VAL I 119 51.54 -20.69 30.92
CA VAL I 119 52.19 -21.87 30.37
C VAL I 119 51.41 -23.13 30.70
N LEU I 120 50.68 -23.65 29.70
CA LEU I 120 49.91 -24.87 29.86
C LEU I 120 50.72 -26.03 29.32
N ILE I 121 50.76 -27.13 30.06
CA ILE I 121 51.49 -28.31 29.60
C ILE I 121 50.57 -29.52 29.76
N LYS I 122 50.45 -30.33 28.71
CA LYS I 122 49.61 -31.52 28.74
C LYS I 122 49.86 -32.41 29.96
N GLY I 123 48.79 -32.78 30.64
CA GLY I 123 48.91 -33.63 31.79
C GLY I 123 48.52 -35.05 31.39
N GLU I 124 47.90 -35.79 32.29
CA GLU I 124 47.48 -37.14 31.98
C GLU I 124 46.03 -37.08 31.54
N THR I 125 45.32 -36.03 31.96
CA THR I 125 43.91 -35.89 31.62
C THR I 125 43.66 -34.82 30.58
N MET I 126 42.38 -34.57 30.31
CA MET I 126 41.96 -33.56 29.33
C MET I 126 41.91 -32.16 29.91
N HIS I 127 42.35 -32.04 31.16
CA HIS I 127 42.38 -30.76 31.87
C HIS I 127 43.07 -29.73 30.99
N PHE I 128 44.24 -30.11 30.48
CA PHE I 128 45.03 -29.25 29.59
C PHE I 128 44.21 -28.62 28.49
N GLU I 129 43.58 -29.44 27.68
CA GLU I 129 42.77 -28.93 26.59
C GLU I 129 41.55 -28.10 26.97
N TYR I 130 40.85 -28.45 28.05
CA TYR I 130 39.69 -27.65 28.41
C TYR I 130 40.05 -26.28 28.96
N ILE I 131 41.22 -26.18 29.56
CA ILE I 131 41.66 -24.90 30.09
C ILE I 131 42.26 -24.04 28.99
N ALA I 132 43.03 -24.65 28.10
CA ALA I 132 43.66 -23.95 27.00
C ALA I 132 42.62 -23.32 26.08
N ASP I 133 41.60 -24.09 25.73
CA ASP I 133 40.56 -23.59 24.85
C ASP I 133 39.76 -22.45 25.45
N SER I 134 39.45 -22.54 26.75
CA SER I 134 38.68 -21.50 27.41
C SER I 134 39.49 -20.25 27.68
N VAL I 135 40.74 -20.44 28.09
CA VAL I 135 41.61 -19.30 28.35
C VAL I 135 41.83 -18.58 27.03
N SER I 136 41.98 -19.34 25.95
CA SER I 136 42.19 -18.75 24.64
C SER I 136 41.02 -17.89 24.23
N HIS I 137 39.82 -18.46 24.23
CA HIS I 137 38.64 -17.70 23.88
C HIS I 137 38.42 -16.59 24.88
N GLY I 138 38.71 -16.86 26.14
CA GLY I 138 38.55 -15.85 27.18
C GLY I 138 39.36 -14.59 26.84
N LEU I 139 40.63 -14.77 26.50
CA LEU I 139 41.48 -13.65 26.17
C LEU I 139 41.01 -12.97 24.90
N MET I 140 40.66 -13.76 23.90
CA MET I 140 40.18 -13.20 22.64
C MET I 140 38.97 -12.33 22.91
N ARG I 141 38.16 -12.73 23.88
CA ARG I 141 36.98 -11.97 24.23
C ARG I 141 37.32 -10.66 24.91
N VAL I 142 38.11 -10.72 25.97
CA VAL I 142 38.48 -9.53 26.71
C VAL I 142 39.04 -8.50 25.74
N GLN I 143 39.77 -8.99 24.76
CA GLN I 143 40.38 -8.16 23.73
C GLN I 143 39.30 -7.40 22.96
N LEU I 144 38.39 -8.15 22.32
CA LEU I 144 37.30 -7.57 21.55
C LEU I 144 36.31 -6.78 22.39
N ASP I 145 36.05 -7.27 23.59
CA ASP I 145 35.14 -6.63 24.53
C ASP I 145 35.66 -5.25 24.87
N THR I 146 36.90 -5.26 25.36
CA THR I 146 37.59 -4.07 25.81
C THR I 146 38.07 -3.15 24.69
N GLY I 147 38.27 -3.69 23.50
CA GLY I 147 38.77 -2.89 22.40
C GLY I 147 40.24 -2.58 22.59
N VAL I 148 40.88 -3.31 23.48
CA VAL I 148 42.30 -3.13 23.75
C VAL I 148 43.06 -4.42 23.41
N PRO I 149 44.16 -4.31 22.66
CA PRO I 149 44.91 -5.50 22.31
C PRO I 149 45.41 -6.24 23.54
N VAL I 150 45.25 -7.56 23.53
CA VAL I 150 45.73 -8.41 24.62
C VAL I 150 46.64 -9.39 23.94
N ILE I 151 47.93 -9.24 24.13
CA ILE I 151 48.90 -10.12 23.51
C ILE I 151 48.78 -11.53 24.08
N PHE I 152 48.68 -12.51 23.20
CA PHE I 152 48.54 -13.90 23.59
C PHE I 152 49.88 -14.53 23.93
N GLY I 153 50.31 -14.33 25.17
CA GLY I 153 51.57 -14.90 25.62
C GLY I 153 51.37 -16.18 26.40
N VAL I 154 50.47 -17.03 25.91
CA VAL I 154 50.17 -18.30 26.54
C VAL I 154 50.71 -19.48 25.73
N LEU I 155 51.51 -20.31 26.37
CA LEU I 155 52.07 -21.46 25.69
C LEU I 155 51.21 -22.68 25.96
N THR I 156 50.89 -23.41 24.90
CA THR I 156 50.09 -24.62 25.00
C THR I 156 50.99 -25.71 24.48
N VAL I 157 51.84 -26.21 25.35
CA VAL I 157 52.86 -27.19 25.05
C VAL I 157 52.54 -28.63 25.46
N LEU I 158 53.30 -29.58 24.91
CA LEU I 158 53.11 -30.99 25.22
C LEU I 158 54.23 -31.56 26.12
N THR I 159 55.38 -30.91 26.13
CA THR I 159 56.49 -31.35 26.97
C THR I 159 57.26 -30.19 27.56
N ASP I 160 57.84 -30.41 28.74
CA ASP I 160 58.61 -29.37 29.42
C ASP I 160 59.62 -28.70 28.50
N ASP I 161 60.38 -29.51 27.78
CA ASP I 161 61.38 -28.98 26.86
C ASP I 161 60.80 -28.00 25.85
N GLN I 162 59.61 -28.27 25.35
CA GLN I 162 59.01 -27.36 24.39
C GLN I 162 58.83 -26.01 25.05
N ALA I 163 58.38 -26.02 26.31
CA ALA I 163 58.18 -24.78 27.03
C ALA I 163 59.50 -24.03 27.10
N LYS I 164 60.53 -24.74 27.59
CA LYS I 164 61.85 -24.16 27.72
C LYS I 164 62.34 -23.59 26.42
N ALA I 165 62.21 -24.35 25.35
CA ALA I 165 62.65 -23.88 24.04
C ALA I 165 61.96 -22.57 23.68
N ARG I 166 60.64 -22.50 23.87
CA ARG I 166 59.90 -21.28 23.56
C ARG I 166 60.21 -20.14 24.51
N ALA I 167 60.84 -20.45 25.65
CA ALA I 167 61.17 -19.42 26.64
C ALA I 167 62.61 -18.97 26.53
N GLY I 168 63.33 -19.52 25.55
CA GLY I 168 64.72 -19.15 25.37
C GLY I 168 65.63 -19.83 26.37
N VAL I 169 65.06 -20.60 27.30
CA VAL I 169 65.85 -21.30 28.30
C VAL I 169 66.92 -22.17 27.67
N ILE I 170 66.51 -23.07 26.78
CA ILE I 170 67.46 -23.97 26.12
C ILE I 170 68.60 -23.13 25.53
N GLU I 171 69.78 -23.73 25.39
CA GLU I 171 70.92 -23.02 24.84
C GLU I 171 70.64 -22.34 23.50
N GLY I 172 70.90 -21.02 23.49
CA GLY I 172 70.71 -20.21 22.29
C GLY I 172 69.36 -20.39 21.63
N SER I 173 68.31 -20.41 22.45
CA SER I 173 66.97 -20.56 21.90
C SER I 173 66.31 -19.21 21.75
N HIS I 174 65.15 -19.18 21.12
CA HIS I 174 64.46 -17.93 20.96
C HIS I 174 63.34 -17.80 21.97
N ASN I 175 63.46 -16.80 22.83
CA ASN I 175 62.48 -16.51 23.84
C ASN I 175 61.34 -15.76 23.19
N HIS I 176 60.15 -16.36 23.18
CA HIS I 176 58.97 -15.71 22.59
C HIS I 176 58.54 -14.47 23.36
N GLY I 177 58.94 -14.37 24.62
CA GLY I 177 58.58 -13.20 25.41
C GLY I 177 58.96 -11.94 24.67
N GLU I 178 60.16 -11.95 24.06
CA GLU I 178 60.63 -10.81 23.30
C GLU I 178 59.59 -10.42 22.25
N ASP I 179 59.06 -11.42 21.55
CA ASP I 179 58.06 -11.18 20.52
C ASP I 179 56.84 -10.50 21.12
N TRP I 180 56.39 -10.99 22.27
CA TRP I 180 55.20 -10.44 22.90
C TRP I 180 55.36 -8.98 23.35
N GLY I 181 56.51 -8.66 23.93
CA GLY I 181 56.73 -7.28 24.36
C GLY I 181 56.72 -6.42 23.11
N LEU I 182 57.45 -6.85 22.10
CA LEU I 182 57.52 -6.12 20.86
C LEU I 182 56.13 -5.88 20.30
N ALA I 183 55.31 -6.93 20.30
CA ALA I 183 53.95 -6.82 19.77
C ALA I 183 53.08 -5.92 20.62
N ALA I 184 53.26 -5.99 21.94
CA ALA I 184 52.47 -5.17 22.84
C ALA I 184 52.64 -3.70 22.48
N VAL I 185 53.88 -3.29 22.24
CA VAL I 185 54.18 -1.91 21.87
C VAL I 185 53.51 -1.55 20.55
N GLU I 186 53.77 -2.32 19.50
CA GLU I 186 53.16 -2.03 18.22
C GLU I 186 51.65 -1.87 18.33
N MET I 187 51.00 -2.87 18.91
CA MET I 187 49.56 -2.82 19.05
C MET I 187 49.10 -1.65 19.90
N GLY I 188 49.86 -1.33 20.94
CA GLY I 188 49.49 -0.21 21.79
C GLY I 188 49.45 1.06 20.97
N VAL I 189 50.53 1.27 20.21
CA VAL I 189 50.64 2.43 19.35
C VAL I 189 49.49 2.45 18.34
N ARG I 190 49.25 1.31 17.71
CA ARG I 190 48.16 1.20 16.73
C ARG I 190 46.80 1.48 17.34
N ARG I 191 46.56 0.94 18.54
CA ARG I 191 45.28 1.14 19.20
C ARG I 191 45.03 2.63 19.33
N ARG I 192 46.03 3.36 19.81
CA ARG I 192 45.90 4.81 19.96
C ARG I 192 45.44 5.48 18.66
N ASP I 193 46.14 5.21 17.57
CA ASP I 193 45.79 5.82 16.30
C ASP I 193 44.36 5.49 15.93
N TRP I 194 43.99 4.22 16.07
CA TRP I 194 42.63 3.84 15.72
C TRP I 194 41.68 4.65 16.59
N ALA I 195 42.00 4.75 17.87
CA ALA I 195 41.18 5.49 18.81
C ALA I 195 41.06 6.95 18.35
N ALA I 196 42.06 7.40 17.60
CA ALA I 196 42.10 8.77 17.10
C ALA I 196 41.40 8.87 15.75
N GLY I 197 40.81 7.77 15.29
CA GLY I 197 40.13 7.77 14.01
C GLY I 197 41.08 7.81 12.83
N LYS I 198 42.37 7.58 13.08
CA LYS I 198 43.35 7.61 12.00
C LYS I 198 43.37 6.30 11.21
N THR I 199 43.51 6.37 9.89
CA THR I 199 43.56 5.15 9.08
C THR I 199 44.72 5.11 8.08
N GLY J 5 35.23 -26.15 -5.40
CA GLY J 5 35.37 -24.86 -6.16
C GLY J 5 34.13 -23.97 -6.13
N PRO J 6 34.31 -22.64 -6.08
CA PRO J 6 33.23 -21.65 -6.05
C PRO J 6 32.81 -21.10 -7.43
N THR J 7 31.76 -20.28 -7.46
CA THR J 7 31.32 -19.69 -8.73
C THR J 7 31.69 -18.20 -8.75
N PRO J 8 32.49 -17.80 -9.75
CA PRO J 8 32.97 -16.40 -9.92
C PRO J 8 31.83 -15.39 -10.13
N GLN J 9 32.03 -14.19 -9.59
CA GLN J 9 31.07 -13.08 -9.72
C GLN J 9 31.79 -11.74 -9.47
N GLN J 10 31.75 -10.88 -10.47
CA GLN J 10 32.40 -9.58 -10.34
C GLN J 10 31.28 -8.54 -10.20
N HIS J 11 31.38 -7.71 -9.16
CA HIS J 11 30.40 -6.66 -8.94
C HIS J 11 31.08 -5.31 -9.09
N ASP J 12 30.27 -4.24 -9.11
CA ASP J 12 30.79 -2.90 -9.27
C ASP J 12 31.75 -2.57 -8.14
N GLY J 13 31.21 -2.25 -6.97
CA GLY J 13 32.10 -1.93 -5.88
C GLY J 13 33.16 -0.90 -6.24
N SER J 14 32.73 0.18 -6.88
CA SER J 14 33.62 1.26 -7.26
C SER J 14 33.32 2.37 -6.25
N ALA J 15 32.19 2.24 -5.57
CA ALA J 15 31.76 3.18 -4.57
C ALA J 15 32.04 2.59 -3.18
N LEU J 16 32.83 1.53 -3.19
CA LEU J 16 33.18 0.80 -1.98
C LEU J 16 34.48 1.26 -1.36
N ARG J 17 34.56 1.13 -0.04
CA ARG J 17 35.78 1.45 0.68
C ARG J 17 36.09 0.17 1.46
N ILE J 18 37.19 -0.48 1.10
CA ILE J 18 37.58 -1.75 1.72
C ILE J 18 38.77 -1.60 2.66
N GLY J 19 38.69 -2.28 3.79
CA GLY J 19 39.78 -2.23 4.76
C GLY J 19 40.40 -3.61 4.85
N ILE J 20 41.72 -3.67 4.78
CA ILE J 20 42.43 -4.93 4.85
C ILE J 20 43.47 -4.93 5.97
N VAL J 21 43.48 -6.01 6.75
CA VAL J 21 44.46 -6.14 7.81
C VAL J 21 45.11 -7.49 7.61
N HIS J 22 46.43 -7.51 7.46
CA HIS J 22 47.10 -8.78 7.29
C HIS J 22 48.17 -8.95 8.35
N ALA J 23 48.41 -10.19 8.76
CA ALA J 23 49.42 -10.46 9.76
C ALA J 23 50.74 -10.52 9.02
N ARG J 24 51.84 -10.60 9.75
CA ARG J 24 53.13 -10.65 9.08
C ARG J 24 53.89 -11.96 9.22
N TRP J 25 53.28 -12.95 9.86
CA TRP J 25 53.99 -14.22 9.99
C TRP J 25 53.91 -14.88 8.62
N ASN J 26 55.00 -15.49 8.17
CA ASN J 26 55.00 -16.14 6.88
C ASN J 26 54.74 -15.10 5.78
N GLU J 27 55.51 -14.02 5.78
CA GLU J 27 55.34 -12.94 4.81
C GLU J 27 55.44 -13.41 3.37
N THR J 28 56.32 -14.37 3.09
CA THR J 28 56.48 -14.84 1.72
C THR J 28 55.18 -15.44 1.18
N ILE J 29 54.24 -15.72 2.09
CA ILE J 29 52.95 -16.26 1.71
C ILE J 29 51.91 -15.15 1.79
N ILE J 30 52.09 -14.28 2.78
CA ILE J 30 51.17 -13.17 2.97
C ILE J 30 51.16 -12.23 1.77
N GLU J 31 52.35 -11.88 1.29
CA GLU J 31 52.49 -10.97 0.16
C GLU J 31 51.75 -11.46 -1.08
N PRO J 32 52.02 -12.70 -1.52
CA PRO J 32 51.34 -13.23 -2.71
C PRO J 32 49.82 -13.15 -2.51
N LEU J 33 49.38 -13.44 -1.30
CA LEU J 33 47.97 -13.39 -0.99
C LEU J 33 47.46 -11.98 -1.08
N LEU J 34 48.06 -11.08 -0.30
CA LEU J 34 47.64 -9.69 -0.29
C LEU J 34 47.62 -9.12 -1.70
N ALA J 35 48.65 -9.45 -2.48
CA ALA J 35 48.77 -8.99 -3.85
C ALA J 35 47.55 -9.39 -4.65
N GLY J 36 47.23 -10.68 -4.61
CA GLY J 36 46.09 -11.16 -5.35
C GLY J 36 44.76 -10.53 -4.91
N THR J 37 44.58 -10.37 -3.61
CA THR J 37 43.33 -9.80 -3.15
C THR J 37 43.24 -8.34 -3.56
N LYS J 38 44.33 -7.59 -3.39
CA LYS J 38 44.30 -6.18 -3.78
C LYS J 38 44.04 -6.07 -5.28
N ALA J 39 44.72 -6.91 -6.04
CA ALA J 39 44.58 -6.93 -7.49
C ALA J 39 43.11 -7.00 -7.86
N LYS J 40 42.45 -8.10 -7.49
CA LYS J 40 41.04 -8.27 -7.79
C LYS J 40 40.15 -7.13 -7.30
N LEU J 41 40.57 -6.44 -6.24
CA LEU J 41 39.77 -5.32 -5.75
C LEU J 41 39.76 -4.25 -6.83
N LEU J 42 40.95 -3.82 -7.24
CA LEU J 42 41.07 -2.81 -8.28
C LEU J 42 40.33 -3.33 -9.52
N ALA J 43 40.60 -4.59 -9.85
CA ALA J 43 39.99 -5.22 -11.00
C ALA J 43 38.48 -5.06 -10.98
N CYS J 44 37.92 -4.84 -9.79
CA CYS J 44 36.48 -4.67 -9.67
C CYS J 44 36.08 -3.21 -9.61
N GLY J 45 37.03 -2.33 -9.77
CA GLY J 45 36.66 -0.92 -9.77
C GLY J 45 36.85 -0.21 -8.46
N VAL J 46 37.36 -0.92 -7.46
CA VAL J 46 37.59 -0.27 -6.17
C VAL J 46 38.72 0.72 -6.38
N LYS J 47 38.52 1.97 -6.00
CA LYS J 47 39.54 2.98 -6.19
C LYS J 47 40.72 2.73 -5.28
N GLU J 48 41.93 2.77 -5.86
CA GLU J 48 43.16 2.55 -5.12
C GLU J 48 43.17 3.29 -3.78
N SER J 49 42.66 4.51 -3.78
CA SER J 49 42.64 5.30 -2.55
C SER J 49 41.58 4.84 -1.55
N ASN J 50 40.63 4.02 -1.99
CA ASN J 50 39.60 3.53 -1.09
C ASN J 50 39.93 2.17 -0.52
N ILE J 51 41.17 1.75 -0.70
CA ILE J 51 41.64 0.48 -0.17
C ILE J 51 42.65 0.76 0.92
N VAL J 52 42.27 0.55 2.17
CA VAL J 52 43.16 0.76 3.31
C VAL J 52 43.80 -0.59 3.65
N VAL J 53 45.11 -0.58 3.89
CA VAL J 53 45.82 -1.81 4.19
C VAL J 53 46.80 -1.63 5.34
N GLN J 54 46.49 -2.24 6.47
CA GLN J 54 47.39 -2.15 7.61
C GLN J 54 47.82 -3.55 8.00
N SER J 55 48.90 -3.65 8.77
CA SER J 55 49.36 -4.97 9.19
C SER J 55 49.48 -5.11 10.71
N VAL J 56 49.69 -6.34 11.16
CA VAL J 56 49.84 -6.66 12.55
C VAL J 56 50.83 -7.80 12.61
N PRO J 57 51.46 -8.03 13.78
CA PRO J 57 52.43 -9.12 13.85
C PRO J 57 51.89 -10.52 13.54
N GLY J 58 50.94 -11.00 14.34
CA GLY J 58 50.39 -12.32 14.09
C GLY J 58 48.90 -12.34 13.85
N SER J 59 48.36 -13.53 13.59
CA SER J 59 46.93 -13.71 13.34
C SER J 59 46.07 -13.34 14.53
N TRP J 60 46.60 -13.56 15.73
CA TRP J 60 45.88 -13.25 16.95
C TRP J 60 45.43 -11.79 16.95
N GLU J 61 46.24 -10.94 16.37
CA GLU J 61 45.96 -9.51 16.30
C GLU J 61 44.92 -9.19 15.25
N LEU J 62 44.70 -10.13 14.34
CA LEU J 62 43.75 -9.91 13.27
C LEU J 62 42.38 -9.41 13.72
N PRO J 63 41.66 -10.19 14.52
CA PRO J 63 40.34 -9.72 14.95
C PRO J 63 40.31 -8.38 15.65
N ILE J 64 41.18 -8.19 16.64
CA ILE J 64 41.21 -6.91 17.35
C ILE J 64 41.54 -5.78 16.38
N ALA J 65 42.50 -6.00 15.51
CA ALA J 65 42.90 -4.99 14.54
C ALA J 65 41.77 -4.66 13.59
N VAL J 66 41.04 -5.66 13.12
CA VAL J 66 39.94 -5.41 12.21
C VAL J 66 38.84 -4.64 12.92
N GLN J 67 38.54 -5.04 14.15
CA GLN J 67 37.49 -4.37 14.92
C GLN J 67 37.78 -2.89 15.10
N ARG J 68 39.02 -2.57 15.43
CA ARG J 68 39.47 -1.20 15.64
C ARG J 68 39.62 -0.39 14.35
N LEU J 69 40.07 -1.05 13.28
CA LEU J 69 40.23 -0.35 12.01
C LEU J 69 38.85 0.17 11.63
N TYR J 70 37.86 -0.72 11.60
CA TYR J 70 36.51 -0.33 11.25
C TYR J 70 36.06 0.77 12.19
N SER J 71 36.27 0.53 13.47
CA SER J 71 35.91 1.47 14.51
C SER J 71 36.39 2.88 14.13
N ALA J 72 37.65 2.96 13.71
CA ALA J 72 38.24 4.24 13.31
C ALA J 72 37.50 4.84 12.13
N SER J 73 37.35 4.06 11.06
CA SER J 73 36.67 4.56 9.88
C SER J 73 35.31 5.19 10.22
N GLN J 74 34.71 4.77 11.32
CA GLN J 74 33.43 5.33 11.71
C GLN J 74 33.57 6.74 12.27
N LEU J 75 34.58 6.94 13.11
CA LEU J 75 34.83 8.25 13.70
C LEU J 75 35.04 9.32 12.62
N GLN J 76 35.42 8.89 11.41
CA GLN J 76 35.65 9.82 10.31
C GLN J 76 34.32 10.32 9.70
N SER J 107 39.06 6.84 0.87
CA SER J 107 38.97 8.17 1.59
C SER J 107 37.63 8.35 2.32
N THR J 108 37.74 8.52 3.64
CA THR J 108 36.63 8.70 4.59
C THR J 108 35.39 7.82 4.40
N GLY J 109 34.65 7.63 5.51
CA GLY J 109 33.45 6.82 5.47
C GLY J 109 33.72 5.42 5.97
N PRO J 110 32.90 4.90 6.89
CA PRO J 110 33.12 3.55 7.40
C PRO J 110 33.24 2.54 6.26
N PHE J 111 34.20 1.63 6.38
CA PHE J 111 34.40 0.61 5.36
C PHE J 111 33.13 -0.19 5.09
N ASP J 112 32.99 -0.65 3.85
CA ASP J 112 31.82 -1.41 3.46
C ASP J 112 32.07 -2.90 3.63
N ALA J 113 33.35 -3.26 3.71
CA ALA J 113 33.75 -4.64 3.88
C ALA J 113 35.19 -4.68 4.37
N LEU J 114 35.52 -5.73 5.11
CA LEU J 114 36.85 -5.90 5.67
C LEU J 114 37.42 -7.25 5.28
N ILE J 115 38.74 -7.34 5.24
CA ILE J 115 39.40 -8.60 4.88
C ILE J 115 40.52 -8.86 5.87
N ALA J 116 40.52 -10.06 6.43
CA ALA J 116 41.56 -10.43 7.36
C ALA J 116 42.44 -11.47 6.71
N ILE J 117 43.72 -11.17 6.57
CA ILE J 117 44.63 -12.12 5.95
C ILE J 117 45.67 -12.60 6.95
N GLY J 118 45.75 -13.91 7.13
CA GLY J 118 46.70 -14.47 8.05
C GLY J 118 47.13 -15.84 7.56
N VAL J 119 48.27 -16.33 8.03
CA VAL J 119 48.74 -17.64 7.62
C VAL J 119 49.24 -18.44 8.82
N LEU J 120 48.43 -19.38 9.28
CA LEU J 120 48.81 -20.24 10.40
C LEU J 120 49.34 -21.55 9.85
N ILE J 121 50.45 -22.02 10.40
CA ILE J 121 51.02 -23.28 9.98
C ILE J 121 51.33 -24.12 11.22
N LYS J 122 50.88 -25.36 11.23
CA LYS J 122 51.12 -26.26 12.37
C LYS J 122 52.58 -26.28 12.82
N GLY J 123 52.78 -26.12 14.11
CA GLY J 123 54.13 -26.17 14.65
C GLY J 123 54.33 -27.51 15.30
N GLU J 124 55.09 -27.57 16.39
CA GLU J 124 55.33 -28.82 17.08
C GLU J 124 54.33 -28.94 18.22
N THR J 125 53.79 -27.81 18.64
CA THR J 125 52.83 -27.79 19.74
C THR J 125 51.40 -27.49 19.29
N MET J 126 50.51 -27.37 20.27
CA MET J 126 49.10 -27.11 19.99
C MET J 126 48.83 -25.63 19.81
N HIS J 127 49.90 -24.85 19.77
CA HIS J 127 49.78 -23.40 19.60
C HIS J 127 48.93 -23.10 18.37
N PHE J 128 49.25 -23.80 17.28
CA PHE J 128 48.56 -23.65 16.01
C PHE J 128 47.06 -23.71 16.17
N GLU J 129 46.56 -24.82 16.73
CA GLU J 129 45.14 -25.00 16.90
C GLU J 129 44.46 -24.02 17.86
N TYR J 130 45.10 -23.63 18.95
CA TYR J 130 44.46 -22.70 19.86
C TYR J 130 44.33 -21.30 19.28
N ILE J 131 45.27 -20.93 18.43
CA ILE J 131 45.23 -19.62 17.82
C ILE J 131 44.27 -19.60 16.67
N ALA J 132 44.28 -20.64 15.85
CA ALA J 132 43.40 -20.75 14.70
C ALA J 132 41.94 -20.70 15.13
N ASP J 133 41.59 -21.48 16.14
CA ASP J 133 40.21 -21.52 16.62
C ASP J 133 39.73 -20.19 17.17
N SER J 134 40.59 -19.50 17.92
CA SER J 134 40.21 -18.21 18.51
C SER J 134 40.18 -17.09 17.48
N VAL J 135 41.13 -17.08 16.56
CA VAL J 135 41.16 -16.05 15.54
C VAL J 135 39.93 -16.24 14.66
N SER J 136 39.57 -17.49 14.41
CA SER J 136 38.40 -17.81 13.60
C SER J 136 37.14 -17.28 14.26
N HIS J 137 36.89 -17.67 15.49
CA HIS J 137 35.71 -17.17 16.18
C HIS J 137 35.80 -15.67 16.36
N GLY J 138 37.00 -15.18 16.63
CA GLY J 138 37.18 -13.75 16.80
C GLY J 138 36.70 -12.97 15.58
N LEU J 139 37.11 -13.39 14.39
CA LEU J 139 36.70 -12.72 13.18
C LEU J 139 35.20 -12.88 12.94
N MET J 140 34.68 -14.08 13.17
CA MET J 140 33.27 -14.32 12.99
C MET J 140 32.50 -13.37 13.89
N ARG J 141 33.04 -13.09 15.06
CA ARG J 141 32.37 -12.19 15.99
C ARG J 141 32.40 -10.76 15.53
N VAL J 142 33.58 -10.26 15.20
CA VAL J 142 33.71 -8.87 14.75
C VAL J 142 32.73 -8.63 13.62
N GLN J 143 32.58 -9.64 12.78
CA GLN J 143 31.68 -9.61 11.65
C GLN J 143 30.23 -9.39 12.12
N LEU J 144 29.73 -10.30 12.93
CA LEU J 144 28.36 -10.21 13.44
C LEU J 144 28.15 -9.01 14.36
N ASP J 145 29.17 -8.70 15.14
CA ASP J 145 29.13 -7.58 16.07
C ASP J 145 28.94 -6.29 15.30
N THR J 146 29.86 -6.09 14.38
CA THR J 146 29.94 -4.92 13.56
C THR J 146 28.88 -4.83 12.46
N GLY J 147 28.34 -5.98 12.06
CA GLY J 147 27.35 -6.00 11.00
C GLY J 147 28.00 -5.75 9.64
N VAL J 148 29.33 -5.85 9.60
CA VAL J 148 30.08 -5.64 8.38
C VAL J 148 30.81 -6.92 7.99
N PRO J 149 30.70 -7.33 6.73
CA PRO J 149 31.38 -8.55 6.29
C PRO J 149 32.89 -8.48 6.48
N VAL J 150 33.45 -9.55 7.04
CA VAL J 150 34.89 -9.64 7.25
C VAL J 150 35.29 -10.91 6.54
N ILE J 151 35.92 -10.75 5.38
CA ILE J 151 36.34 -11.88 4.59
C ILE J 151 37.40 -12.68 5.33
N PHE J 152 37.18 -13.98 5.42
CA PHE J 152 38.09 -14.88 6.10
C PHE J 152 39.28 -15.25 5.21
N GLY J 153 40.30 -14.42 5.20
CA GLY J 153 41.47 -14.70 4.39
C GLY J 153 42.59 -15.28 5.24
N VAL J 154 42.23 -16.20 6.14
CA VAL J 154 43.21 -16.84 7.01
C VAL J 154 43.43 -18.29 6.61
N LEU J 155 44.69 -18.64 6.38
CA LEU J 155 45.03 -20.01 6.01
C LEU J 155 45.46 -20.79 7.25
N THR J 156 44.86 -21.97 7.41
CA THR J 156 45.16 -22.85 8.52
C THR J 156 45.71 -24.10 7.86
N VAL J 157 47.00 -24.05 7.58
CA VAL J 157 47.71 -25.09 6.88
C VAL J 157 48.58 -26.01 7.75
N LEU J 158 49.00 -27.14 7.18
CA LEU J 158 49.84 -28.08 7.89
C LEU J 158 51.28 -28.10 7.37
N THR J 159 51.50 -27.64 6.15
CA THR J 159 52.85 -27.58 5.60
C THR J 159 53.06 -26.34 4.75
N ASP J 160 54.30 -25.86 4.70
CA ASP J 160 54.65 -24.68 3.92
C ASP J 160 54.10 -24.73 2.49
N ASP J 161 54.31 -25.85 1.81
CA ASP J 161 53.84 -26.02 0.46
C ASP J 161 52.35 -25.77 0.33
N GLN J 162 51.57 -26.20 1.32
CA GLN J 162 50.13 -25.99 1.25
C GLN J 162 49.85 -24.49 1.23
N ALA J 163 50.59 -23.75 2.04
CA ALA J 163 50.42 -22.30 2.09
C ALA J 163 50.71 -21.74 0.71
N LYS J 164 51.88 -22.07 0.17
CA LYS J 164 52.29 -21.62 -1.15
C LYS J 164 51.27 -21.95 -2.22
N ALA J 165 50.79 -23.18 -2.23
CA ALA J 165 49.80 -23.59 -3.20
C ALA J 165 48.57 -22.68 -3.11
N ARG J 166 48.07 -22.43 -1.90
CA ARG J 166 46.90 -21.58 -1.72
C ARG J 166 47.18 -20.11 -2.02
N ALA J 167 48.46 -19.75 -2.10
CA ALA J 167 48.83 -18.37 -2.37
C ALA J 167 49.19 -18.16 -3.84
N GLY J 168 49.05 -19.21 -4.64
CA GLY J 168 49.38 -19.10 -6.05
C GLY J 168 50.88 -19.14 -6.30
N VAL J 169 51.67 -19.20 -5.24
CA VAL J 169 53.12 -19.23 -5.39
C VAL J 169 53.60 -20.38 -6.28
N ILE J 170 53.22 -21.61 -5.93
CA ILE J 170 53.58 -22.80 -6.70
C ILE J 170 53.38 -22.59 -8.21
N GLU J 171 54.07 -23.41 -9.02
CA GLU J 171 53.92 -23.32 -10.47
C GLU J 171 52.44 -23.11 -10.87
N GLY J 172 51.67 -24.21 -10.93
CA GLY J 172 50.27 -24.10 -11.32
C GLY J 172 49.31 -23.49 -10.32
N SER J 173 49.67 -23.56 -9.04
CA SER J 173 48.85 -23.05 -7.92
C SER J 173 47.96 -21.83 -8.19
N HIS J 174 46.79 -21.86 -7.55
CA HIS J 174 45.75 -20.81 -7.63
C HIS J 174 45.81 -19.94 -6.36
N ASN J 175 45.84 -18.62 -6.53
CA ASN J 175 45.93 -17.72 -5.39
C ASN J 175 44.55 -17.42 -4.82
N HIS J 176 44.30 -17.82 -3.58
CA HIS J 176 43.02 -17.57 -2.93
C HIS J 176 42.77 -16.09 -2.68
N GLY J 177 43.84 -15.30 -2.65
CA GLY J 177 43.69 -13.87 -2.42
C GLY J 177 42.69 -13.29 -3.41
N GLU J 178 42.78 -13.75 -4.67
CA GLU J 178 41.86 -13.29 -5.69
C GLU J 178 40.43 -13.53 -5.25
N ASP J 179 40.16 -14.70 -4.70
CA ASP J 179 38.82 -15.03 -4.23
C ASP J 179 38.37 -14.05 -3.15
N TRP J 180 39.26 -13.75 -2.22
CA TRP J 180 38.92 -12.86 -1.12
C TRP J 180 38.61 -11.45 -1.56
N GLY J 181 39.41 -10.90 -2.49
CA GLY J 181 39.15 -9.56 -2.97
C GLY J 181 37.79 -9.55 -3.63
N LEU J 182 37.57 -10.55 -4.48
CA LEU J 182 36.32 -10.69 -5.20
C LEU J 182 35.15 -10.75 -4.23
N ALA J 183 35.30 -11.54 -3.17
CA ALA J 183 34.26 -11.68 -2.17
C ALA J 183 34.05 -10.39 -1.38
N ALA J 184 35.14 -9.69 -1.09
CA ALA J 184 35.05 -8.44 -0.35
C ALA J 184 34.12 -7.47 -1.06
N VAL J 185 34.30 -7.36 -2.38
CA VAL J 185 33.48 -6.47 -3.19
C VAL J 185 32.02 -6.89 -3.16
N GLU J 186 31.75 -8.15 -3.48
CA GLU J 186 30.37 -8.63 -3.47
C GLU J 186 29.68 -8.33 -2.16
N MET J 187 30.31 -8.76 -1.06
CA MET J 187 29.74 -8.55 0.25
C MET J 187 29.59 -7.07 0.57
N GLY J 188 30.54 -6.27 0.14
CA GLY J 188 30.46 -4.84 0.42
C GLY J 188 29.21 -4.29 -0.23
N VAL J 189 29.03 -4.62 -1.50
CA VAL J 189 27.86 -4.18 -2.23
C VAL J 189 26.59 -4.67 -1.55
N ARG J 190 26.56 -5.96 -1.20
CA ARG J 190 25.41 -6.55 -0.56
C ARG J 190 25.11 -5.89 0.77
N ARG J 191 26.15 -5.63 1.55
CA ARG J 191 25.96 -4.99 2.87
C ARG J 191 25.20 -3.67 2.69
N ARG J 192 25.64 -2.86 1.73
CA ARG J 192 24.98 -1.58 1.45
C ARG J 192 23.49 -1.76 1.19
N ASP J 193 23.14 -2.67 0.29
CA ASP J 193 21.73 -2.90 -0.01
C ASP J 193 20.94 -3.30 1.22
N TRP J 194 21.52 -4.20 2.01
CA TRP J 194 20.83 -4.63 3.21
C TRP J 194 20.65 -3.42 4.09
N ALA J 195 21.70 -2.61 4.19
CA ALA J 195 21.65 -1.41 5.02
C ALA J 195 20.56 -0.48 4.52
N ALA J 196 20.22 -0.62 3.24
CA ALA J 196 19.18 0.20 2.63
C ALA J 196 17.81 -0.45 2.76
N GLY J 197 17.75 -1.58 3.47
CA GLY J 197 16.49 -2.28 3.64
C GLY J 197 16.02 -2.99 2.38
N LYS J 198 16.89 -3.11 1.39
CA LYS J 198 16.54 -3.78 0.15
C LYS J 198 16.62 -5.30 0.27
N THR J 199 15.67 -6.01 -0.32
CA THR J 199 15.69 -7.47 -0.26
C THR J 199 15.50 -8.18 -1.62
#